data_1BNZ
# 
_entry.id   1BNZ 
# 
_audit_conform.dict_name       mmcif_pdbx.dic 
_audit_conform.dict_version    5.385 
_audit_conform.dict_location   http://mmcif.pdb.org/dictionaries/ascii/mmcif_pdbx.dic 
# 
loop_
_database_2.database_id 
_database_2.database_code 
_database_2.pdbx_database_accession 
_database_2.pdbx_DOI 
PDB   1BNZ         pdb_00001bnz 10.2210/pdb1bnz/pdb 
NDB   PD0012       ?            ?                   
RCSB  RCSB008170   ?            ?                   
WWPDB D_1000008170 ?            ?                   
# 
loop_
_pdbx_audit_revision_history.ordinal 
_pdbx_audit_revision_history.data_content_type 
_pdbx_audit_revision_history.major_revision 
_pdbx_audit_revision_history.minor_revision 
_pdbx_audit_revision_history.revision_date 
1 'Structure model' 1 0 1998-11-11 
2 'Structure model' 1 1 2011-05-09 
3 'Structure model' 1 2 2011-07-13 
4 'Structure model' 1 3 2011-07-27 
5 'Structure model' 1 4 2017-10-04 
6 'Structure model' 1 5 2024-02-07 
# 
_pdbx_audit_revision_details.ordinal             1 
_pdbx_audit_revision_details.revision_ordinal    1 
_pdbx_audit_revision_details.data_content_type   'Structure model' 
_pdbx_audit_revision_details.provider            repository 
_pdbx_audit_revision_details.type                'Initial release' 
_pdbx_audit_revision_details.description         ? 
_pdbx_audit_revision_details.details             ? 
# 
loop_
_pdbx_audit_revision_group.ordinal 
_pdbx_audit_revision_group.revision_ordinal 
_pdbx_audit_revision_group.data_content_type 
_pdbx_audit_revision_group.group 
1 2 'Structure model' 'Version format compliance' 
2 3 'Structure model' 'Version format compliance' 
3 4 'Structure model' Other                       
4 5 'Structure model' 'Refinement description'    
5 6 'Structure model' 'Data collection'           
6 6 'Structure model' 'Database references'       
# 
loop_
_pdbx_audit_revision_category.ordinal 
_pdbx_audit_revision_category.revision_ordinal 
_pdbx_audit_revision_category.data_content_type 
_pdbx_audit_revision_category.category 
1 5 'Structure model' software           
2 6 'Structure model' chem_comp_atom     
3 6 'Structure model' chem_comp_bond     
4 6 'Structure model' database_2         
5 6 'Structure model' struct_ref_seq_dif 
# 
loop_
_pdbx_audit_revision_item.ordinal 
_pdbx_audit_revision_item.revision_ordinal 
_pdbx_audit_revision_item.data_content_type 
_pdbx_audit_revision_item.item 
1 6 'Structure model' '_database_2.pdbx_DOI'                
2 6 'Structure model' '_database_2.pdbx_database_accession' 
3 6 'Structure model' '_struct_ref_seq_dif.details'         
# 
_pdbx_database_status.status_code                     REL 
_pdbx_database_status.entry_id                        1BNZ 
_pdbx_database_status.recvd_initial_deposition_date   1998-07-31 
_pdbx_database_status.deposit_site                    BNL 
_pdbx_database_status.process_site                    NDB 
_pdbx_database_status.SG_entry                        . 
_pdbx_database_status.status_code_sf                  ? 
_pdbx_database_status.status_code_mr                  ? 
_pdbx_database_status.status_code_cs                  ? 
_pdbx_database_status.pdb_format_compatible           Y 
_pdbx_database_status.methods_development_category    ? 
_pdbx_database_status.status_code_nmr_data            ? 
# 
loop_
_audit_author.name 
_audit_author.pdbx_ordinal 
'Gao, Y.-G.'      1 
'Su, S.-Y.'       2 
'Robinson, H.'    3 
'Padmanabhan, S.' 4 
'Lim, L.'         5 
'Mccrary, B.S.'   6 
'Edmondos, S.P.'  7 
'Shrive, J.W.'    8 
'Wang, A.H.-J.'   9 
# 
_citation.id                        primary 
_citation.title                     'The crystal structure of the hyperthermophile chromosomal protein Sso7d bound to DNA.' 
_citation.journal_abbrev            Nat.Struct.Biol. 
_citation.journal_volume            5 
_citation.page_first                782 
_citation.page_last                 786 
_citation.year                      1998 
_citation.journal_id_ASTM           NSBIEW 
_citation.country                   US 
_citation.journal_id_ISSN           1072-8368 
_citation.journal_id_CSD            2024 
_citation.book_publisher            ? 
_citation.pdbx_database_id_PubMed   9731772 
_citation.pdbx_database_id_DOI      10.1038/1822 
# 
loop_
_citation_author.citation_id 
_citation_author.name 
_citation_author.ordinal 
_citation_author.identifier_ORCID 
primary 'Gao, Y.G.'       1 ? 
primary 'Su, S.Y.'        2 ? 
primary 'Robinson, H.'    3 ? 
primary 'Padmanabhan, S.' 4 ? 
primary 'Lim, L.'         5 ? 
primary 'McCrary, B.S.'   6 ? 
primary 'Edmondson, S.P.' 7 ? 
primary 'Shriver, J.W.'   8 ? 
primary 'Wang, A.H.'      9 ? 
# 
loop_
_entity.id 
_entity.type 
_entity.src_method 
_entity.pdbx_description 
_entity.formula_weight 
_entity.pdbx_number_of_molecules 
_entity.pdbx_ec 
_entity.pdbx_mutation 
_entity.pdbx_fragment 
_entity.details 
1 polymer syn "5'-D(*GP*TP*AP*AP*TP*TP*AP*C)-3'" 2425.629 2  ? ? ? ? 
2 polymer man 'DNA-BINDING PROTEIN 7A'           7295.584 1  ? ? ? ? 
3 water   nat water                              18.015   99 ? ? ? ? 
# 
loop_
_entity_poly.entity_id 
_entity_poly.type 
_entity_poly.nstd_linkage 
_entity_poly.nstd_monomer 
_entity_poly.pdbx_seq_one_letter_code 
_entity_poly.pdbx_seq_one_letter_code_can 
_entity_poly.pdbx_strand_id 
_entity_poly.pdbx_target_identifier 
1 polydeoxyribonucleotide no no '(DG)(DT)(DA)(DA)(DT)(DT)(DA)(DC)'                               GTAATTAC B,C ? 
2 'polypeptide(L)'        no no MATVKFKYKGEEKEVDISKIKKVWRVGKMISFTYDEGGGKTGRGAVSEKDAPKELLQMLEKQKK 
MATVKFKYKGEEKEVDISKIKKVWRVGKMISFTYDEGGGKTGRGAVSEKDAPKELLQMLEKQKK A   ? 
# 
_pdbx_entity_nonpoly.entity_id   3 
_pdbx_entity_nonpoly.name        water 
_pdbx_entity_nonpoly.comp_id     HOH 
# 
loop_
_entity_poly_seq.entity_id 
_entity_poly_seq.num 
_entity_poly_seq.mon_id 
_entity_poly_seq.hetero 
1 1  DG  n 
1 2  DT  n 
1 3  DA  n 
1 4  DA  n 
1 5  DT  n 
1 6  DT  n 
1 7  DA  n 
1 8  DC  n 
2 1  MET n 
2 2  ALA n 
2 3  THR n 
2 4  VAL n 
2 5  LYS n 
2 6  PHE n 
2 7  LYS n 
2 8  TYR n 
2 9  LYS n 
2 10 GLY n 
2 11 GLU n 
2 12 GLU n 
2 13 LYS n 
2 14 GLU n 
2 15 VAL n 
2 16 ASP n 
2 17 ILE n 
2 18 SER n 
2 19 LYS n 
2 20 ILE n 
2 21 LYS n 
2 22 LYS n 
2 23 VAL n 
2 24 TRP n 
2 25 ARG n 
2 26 VAL n 
2 27 GLY n 
2 28 LYS n 
2 29 MET n 
2 30 ILE n 
2 31 SER n 
2 32 PHE n 
2 33 THR n 
2 34 TYR n 
2 35 ASP n 
2 36 GLU n 
2 37 GLY n 
2 38 GLY n 
2 39 GLY n 
2 40 LYS n 
2 41 THR n 
2 42 GLY n 
2 43 ARG n 
2 44 GLY n 
2 45 ALA n 
2 46 VAL n 
2 47 SER n 
2 48 GLU n 
2 49 LYS n 
2 50 ASP n 
2 51 ALA n 
2 52 PRO n 
2 53 LYS n 
2 54 GLU n 
2 55 LEU n 
2 56 LEU n 
2 57 GLN n 
2 58 MET n 
2 59 LEU n 
2 60 GLU n 
2 61 LYS n 
2 62 GLN n 
2 63 LYS n 
2 64 LYS n 
# 
_entity_src_gen.entity_id                          2 
_entity_src_gen.pdbx_src_id                        1 
_entity_src_gen.pdbx_alt_source_flag               sample 
_entity_src_gen.pdbx_seq_type                      ? 
_entity_src_gen.pdbx_beg_seq_num                   ? 
_entity_src_gen.pdbx_end_seq_num                   ? 
_entity_src_gen.gene_src_common_name               ? 
_entity_src_gen.gene_src_genus                     Sulfolobus 
_entity_src_gen.pdbx_gene_src_gene                 ? 
_entity_src_gen.gene_src_species                   ? 
_entity_src_gen.gene_src_strain                    ? 
_entity_src_gen.gene_src_tissue                    ? 
_entity_src_gen.gene_src_tissue_fraction           ? 
_entity_src_gen.gene_src_details                   ? 
_entity_src_gen.pdbx_gene_src_fragment             ? 
_entity_src_gen.pdbx_gene_src_scientific_name      'Sulfolobus acidocaldarius' 
_entity_src_gen.pdbx_gene_src_ncbi_taxonomy_id     2285 
_entity_src_gen.pdbx_gene_src_variant              ? 
_entity_src_gen.pdbx_gene_src_cell_line            ? 
_entity_src_gen.pdbx_gene_src_atcc                 ? 
_entity_src_gen.pdbx_gene_src_organ                ? 
_entity_src_gen.pdbx_gene_src_organelle            ? 
_entity_src_gen.pdbx_gene_src_cell                 ? 
_entity_src_gen.pdbx_gene_src_cellular_location    ? 
_entity_src_gen.host_org_common_name               ? 
_entity_src_gen.pdbx_host_org_scientific_name      ? 
_entity_src_gen.pdbx_host_org_ncbi_taxonomy_id     ? 
_entity_src_gen.host_org_genus                     ? 
_entity_src_gen.pdbx_host_org_gene                 ? 
_entity_src_gen.pdbx_host_org_organ                ? 
_entity_src_gen.host_org_species                   ? 
_entity_src_gen.pdbx_host_org_tissue               ? 
_entity_src_gen.pdbx_host_org_tissue_fraction      ? 
_entity_src_gen.pdbx_host_org_strain               ? 
_entity_src_gen.pdbx_host_org_variant              ? 
_entity_src_gen.pdbx_host_org_cell_line            ? 
_entity_src_gen.pdbx_host_org_atcc                 ? 
_entity_src_gen.pdbx_host_org_culture_collection   ? 
_entity_src_gen.pdbx_host_org_cell                 ? 
_entity_src_gen.pdbx_host_org_organelle            ? 
_entity_src_gen.pdbx_host_org_cellular_location    ? 
_entity_src_gen.pdbx_host_org_vector_type          ? 
_entity_src_gen.pdbx_host_org_vector               ? 
_entity_src_gen.host_org_details                   ? 
_entity_src_gen.expression_system_id               ? 
_entity_src_gen.plasmid_name                       ? 
_entity_src_gen.plasmid_details                    ? 
_entity_src_gen.pdbx_description                   ? 
# 
loop_
_chem_comp.id 
_chem_comp.type 
_chem_comp.mon_nstd_flag 
_chem_comp.name 
_chem_comp.pdbx_synonyms 
_chem_comp.formula 
_chem_comp.formula_weight 
ALA 'L-peptide linking' y ALANINE                              ? 'C3 H7 N O2'      89.093  
ARG 'L-peptide linking' y ARGININE                             ? 'C6 H15 N4 O2 1'  175.209 
ASP 'L-peptide linking' y 'ASPARTIC ACID'                      ? 'C4 H7 N O4'      133.103 
DA  'DNA linking'       y "2'-DEOXYADENOSINE-5'-MONOPHOSPHATE" ? 'C10 H14 N5 O6 P' 331.222 
DC  'DNA linking'       y "2'-DEOXYCYTIDINE-5'-MONOPHOSPHATE"  ? 'C9 H14 N3 O7 P'  307.197 
DG  'DNA linking'       y "2'-DEOXYGUANOSINE-5'-MONOPHOSPHATE" ? 'C10 H14 N5 O7 P' 347.221 
DT  'DNA linking'       y "THYMIDINE-5'-MONOPHOSPHATE"         ? 'C10 H15 N2 O8 P' 322.208 
GLN 'L-peptide linking' y GLUTAMINE                            ? 'C5 H10 N2 O3'    146.144 
GLU 'L-peptide linking' y 'GLUTAMIC ACID'                      ? 'C5 H9 N O4'      147.129 
GLY 'peptide linking'   y GLYCINE                              ? 'C2 H5 N O2'      75.067  
HOH non-polymer         . WATER                                ? 'H2 O'            18.015  
ILE 'L-peptide linking' y ISOLEUCINE                           ? 'C6 H13 N O2'     131.173 
LEU 'L-peptide linking' y LEUCINE                              ? 'C6 H13 N O2'     131.173 
LYS 'L-peptide linking' y LYSINE                               ? 'C6 H15 N2 O2 1'  147.195 
MET 'L-peptide linking' y METHIONINE                           ? 'C5 H11 N O2 S'   149.211 
PHE 'L-peptide linking' y PHENYLALANINE                        ? 'C9 H11 N O2'     165.189 
PRO 'L-peptide linking' y PROLINE                              ? 'C5 H9 N O2'      115.130 
SER 'L-peptide linking' y SERINE                               ? 'C3 H7 N O3'      105.093 
THR 'L-peptide linking' y THREONINE                            ? 'C4 H9 N O3'      119.119 
TRP 'L-peptide linking' y TRYPTOPHAN                           ? 'C11 H12 N2 O2'   204.225 
TYR 'L-peptide linking' y TYROSINE                             ? 'C9 H11 N O3'     181.189 
VAL 'L-peptide linking' y VALINE                               ? 'C5 H11 N O2'     117.146 
# 
loop_
_pdbx_poly_seq_scheme.asym_id 
_pdbx_poly_seq_scheme.entity_id 
_pdbx_poly_seq_scheme.seq_id 
_pdbx_poly_seq_scheme.mon_id 
_pdbx_poly_seq_scheme.ndb_seq_num 
_pdbx_poly_seq_scheme.pdb_seq_num 
_pdbx_poly_seq_scheme.auth_seq_num 
_pdbx_poly_seq_scheme.pdb_mon_id 
_pdbx_poly_seq_scheme.auth_mon_id 
_pdbx_poly_seq_scheme.pdb_strand_id 
_pdbx_poly_seq_scheme.pdb_ins_code 
_pdbx_poly_seq_scheme.hetero 
A 1 1  DG  1  66 66 DG  G   B . n 
A 1 2  DT  2  67 67 DT  T   B . n 
A 1 3  DA  3  68 68 DA  A   B . n 
A 1 4  DA  4  69 69 DA  A   B . n 
A 1 5  DT  5  70 70 DT  T   B . n 
A 1 6  DT  6  71 71 DT  T   B . n 
A 1 7  DA  7  72 72 DA  A   B . n 
A 1 8  DC  8  73 73 DC  C   B . n 
B 1 1  DG  1  74 74 DG  G   C . n 
B 1 2  DT  2  75 75 DT  T   C . n 
B 1 3  DA  3  76 76 DA  A   C . n 
B 1 4  DA  4  77 77 DA  A   C . n 
B 1 5  DT  5  78 78 DT  T   C . n 
B 1 6  DT  6  79 79 DT  T   C . n 
B 1 7  DA  7  80 80 DA  A   C . n 
B 1 8  DC  8  81 81 DC  C   C . n 
C 2 1  MET 1  1  1  MET MET A . n 
C 2 2  ALA 2  2  2  ALA ALA A . n 
C 2 3  THR 3  3  3  THR THR A . n 
C 2 4  VAL 4  4  4  VAL VAL A . n 
C 2 5  LYS 5  5  5  LYS LYS A . n 
C 2 6  PHE 6  6  6  PHE PHE A . n 
C 2 7  LYS 7  7  7  LYS LYS A . n 
C 2 8  TYR 8  8  8  TYR TYR A . n 
C 2 9  LYS 9  9  9  LYS LYS A . n 
C 2 10 GLY 10 10 10 GLY GLY A . n 
C 2 11 GLU 11 11 11 GLU GLU A . n 
C 2 12 GLU 12 12 12 GLU GLU A . n 
C 2 13 LYS 13 13 13 LYS LYS A . n 
C 2 14 GLU 14 14 14 GLU GLU A . n 
C 2 15 VAL 15 15 15 VAL VAL A . n 
C 2 16 ASP 16 16 16 ASP ASP A . n 
C 2 17 ILE 17 17 17 ILE ILE A . n 
C 2 18 SER 18 18 18 SER SER A . n 
C 2 19 LYS 19 19 19 LYS LYS A . n 
C 2 20 ILE 20 20 20 ILE ILE A . n 
C 2 21 LYS 21 21 21 LYS LYS A . n 
C 2 22 LYS 22 22 22 LYS LYS A . n 
C 2 23 VAL 23 23 23 VAL VAL A . n 
C 2 24 TRP 24 24 24 TRP TRP A . n 
C 2 25 ARG 25 25 25 ARG ARG A . n 
C 2 26 VAL 26 26 26 VAL VAL A . n 
C 2 27 GLY 27 27 27 GLY GLY A . n 
C 2 28 LYS 28 28 28 LYS LYS A . n 
C 2 29 MET 29 29 29 MET MET A . n 
C 2 30 ILE 30 30 30 ILE ILE A . n 
C 2 31 SER 31 31 31 SER SER A . n 
C 2 32 PHE 32 32 32 PHE PHE A . n 
C 2 33 THR 33 33 33 THR THR A . n 
C 2 34 TYR 34 34 34 TYR TYR A . n 
C 2 35 ASP 35 35 35 ASP ASP A . n 
C 2 36 GLU 36 36 36 GLU GLU A . n 
C 2 37 GLY 37 37 37 GLY GLY A . n 
C 2 38 GLY 38 38 38 GLY GLY A . n 
C 2 39 GLY 39 39 39 GLY GLY A . n 
C 2 40 LYS 40 40 40 LYS LYS A . n 
C 2 41 THR 41 41 41 THR THR A . n 
C 2 42 GLY 42 42 42 GLY GLY A . n 
C 2 43 ARG 43 43 43 ARG ARG A . n 
C 2 44 GLY 44 44 44 GLY GLY A . n 
C 2 45 ALA 45 45 45 ALA ALA A . n 
C 2 46 VAL 46 46 46 VAL VAL A . n 
C 2 47 SER 47 47 47 SER SER A . n 
C 2 48 GLU 48 48 48 GLU GLU A . n 
C 2 49 LYS 49 49 49 LYS LYS A . n 
C 2 50 ASP 50 50 50 ASP ASP A . n 
C 2 51 ALA 51 51 51 ALA ALA A . n 
C 2 52 PRO 52 52 52 PRO PRO A . n 
C 2 53 LYS 53 53 53 LYS LYS A . n 
C 2 54 GLU 54 54 54 GLU GLU A . n 
C 2 55 LEU 55 55 55 LEU LEU A . n 
C 2 56 LEU 56 56 56 LEU LEU A . n 
C 2 57 GLN 57 57 57 GLN GLN A . n 
C 2 58 MET 58 58 58 MET MET A . n 
C 2 59 LEU 59 59 59 LEU LEU A . n 
C 2 60 GLU 60 60 60 GLU GLU A . n 
C 2 61 LYS 61 61 61 LYS LYS A . n 
C 2 62 GLN 62 62 62 GLN GLN A . n 
C 2 63 LYS 63 63 63 LYS LYS A . n 
C 2 64 LYS 64 64 64 LYS LYS A . n 
# 
loop_
_pdbx_nonpoly_scheme.asym_id 
_pdbx_nonpoly_scheme.entity_id 
_pdbx_nonpoly_scheme.mon_id 
_pdbx_nonpoly_scheme.ndb_seq_num 
_pdbx_nonpoly_scheme.pdb_seq_num 
_pdbx_nonpoly_scheme.auth_seq_num 
_pdbx_nonpoly_scheme.pdb_mon_id 
_pdbx_nonpoly_scheme.auth_mon_id 
_pdbx_nonpoly_scheme.pdb_strand_id 
_pdbx_nonpoly_scheme.pdb_ins_code 
D 3 HOH 1  1006 1006 HOH HOH B . 
D 3 HOH 2  1017 1017 HOH HOH B . 
D 3 HOH 3  1020 1020 HOH HOH B . 
D 3 HOH 4  1023 1023 HOH HOH B . 
D 3 HOH 5  1030 1030 HOH HOH B . 
D 3 HOH 6  1038 1038 HOH HOH B . 
D 3 HOH 7  1089 1089 HOH HOH B . 
D 3 HOH 8  1093 1093 HOH HOH B . 
D 3 HOH 9  1094 1094 HOH HOH B . 
D 3 HOH 10 1107 1107 HOH HOH B . 
D 3 HOH 11 1129 1129 HOH HOH B . 
D 3 HOH 12 1130 1130 HOH HOH B . 
D 3 HOH 13 1143 1143 HOH HOH B . 
D 3 HOH 14 1176 1176 HOH HOH B . 
D 3 HOH 15 1180 1180 HOH HOH B . 
D 3 HOH 16 2055 2055 HOH HOH B . 
D 3 HOH 17 2097 2097 HOH HOH B . 
D 3 HOH 18 2110 2110 HOH HOH B . 
D 3 HOH 19 2152 2152 HOH HOH B . 
D 3 HOH 20 2164 2164 HOH HOH B . 
D 3 HOH 21 2165 2165 HOH HOH B . 
D 3 HOH 22 2169 2169 HOH HOH B . 
D 3 HOH 23 2172 2172 HOH HOH B . 
D 3 HOH 24 2173 2173 HOH HOH B . 
D 3 HOH 25 2177 2177 HOH HOH B . 
D 3 HOH 26 3032 3032 HOH HOH B . 
D 3 HOH 27 3099 3099 HOH HOH B . 
D 3 HOH 28 3108 3108 HOH HOH B . 
D 3 HOH 29 4037 4037 HOH HOH B . 
D 3 HOH 30 4064 4064 HOH HOH B . 
D 3 HOH 31 4123 4123 HOH HOH B . 
D 3 HOH 32 4172 4172 HOH HOH B . 
E 3 HOH 1  1047 1047 HOH HOH C . 
E 3 HOH 2  1076 1076 HOH HOH C . 
E 3 HOH 3  1100 1100 HOH HOH C . 
E 3 HOH 4  1105 1105 HOH HOH C . 
E 3 HOH 5  1141 1141 HOH HOH C . 
E 3 HOH 6  1154 1154 HOH HOH C . 
E 3 HOH 7  2012 2012 HOH HOH C . 
E 3 HOH 8  2066 2066 HOH HOH C . 
E 3 HOH 9  2095 2095 HOH HOH C . 
E 3 HOH 10 2102 2102 HOH HOH C . 
E 3 HOH 11 2151 2151 HOH HOH C . 
E 3 HOH 12 2156 2156 HOH HOH C . 
E 3 HOH 13 3139 3139 HOH HOH C . 
E 3 HOH 14 3151 3151 HOH HOH C . 
E 3 HOH 15 3171 3171 HOH HOH C . 
E 3 HOH 16 4120 4120 HOH HOH C . 
E 3 HOH 17 4140 4140 HOH HOH C . 
F 3 HOH 1  1001 1001 HOH HOH A . 
F 3 HOH 2  1016 1016 HOH HOH A . 
F 3 HOH 3  1026 1026 HOH HOH A . 
F 3 HOH 4  1045 1045 HOH HOH A . 
F 3 HOH 5  1068 1068 HOH HOH A . 
F 3 HOH 6  1097 1097 HOH HOH A . 
F 3 HOH 7  1101 1101 HOH HOH A . 
F 3 HOH 8  1104 1104 HOH HOH A . 
F 3 HOH 9  1118 1118 HOH HOH A . 
F 3 HOH 10 1126 1126 HOH HOH A . 
F 3 HOH 11 1131 1131 HOH HOH A . 
F 3 HOH 12 1137 1137 HOH HOH A . 
F 3 HOH 13 1144 1144 HOH HOH A . 
F 3 HOH 14 1147 1147 HOH HOH A . 
F 3 HOH 15 1149 1149 HOH HOH A . 
F 3 HOH 16 1166 1166 HOH HOH A . 
F 3 HOH 17 2046 2046 HOH HOH A . 
F 3 HOH 18 2049 2049 HOH HOH A . 
F 3 HOH 19 2058 2058 HOH HOH A . 
F 3 HOH 20 2071 2071 HOH HOH A . 
F 3 HOH 21 2075 2075 HOH HOH A . 
F 3 HOH 22 2079 2079 HOH HOH A . 
F 3 HOH 23 2088 2088 HOH HOH A . 
F 3 HOH 24 2094 2094 HOH HOH A . 
F 3 HOH 25 2101 2101 HOH HOH A . 
F 3 HOH 26 2112 2112 HOH HOH A . 
F 3 HOH 27 2148 2148 HOH HOH A . 
F 3 HOH 28 2167 2167 HOH HOH A . 
F 3 HOH 29 3031 3031 HOH HOH A . 
F 3 HOH 30 3068 3068 HOH HOH A . 
F 3 HOH 31 3095 3095 HOH HOH A . 
F 3 HOH 32 3097 3097 HOH HOH A . 
F 3 HOH 33 3125 3125 HOH HOH A . 
F 3 HOH 34 3126 3126 HOH HOH A . 
F 3 HOH 35 3131 3131 HOH HOH A . 
F 3 HOH 36 3142 3142 HOH HOH A . 
F 3 HOH 37 3146 3146 HOH HOH A . 
F 3 HOH 38 3163 3163 HOH HOH A . 
F 3 HOH 39 3172 3172 HOH HOH A . 
F 3 HOH 40 3173 3173 HOH HOH A . 
F 3 HOH 41 4024 4024 HOH HOH A . 
F 3 HOH 42 4028 4028 HOH HOH A . 
F 3 HOH 43 4040 4040 HOH HOH A . 
F 3 HOH 44 4056 4056 HOH HOH A . 
F 3 HOH 45 4065 4065 HOH HOH A . 
F 3 HOH 46 4072 4072 HOH HOH A . 
F 3 HOH 47 4105 4105 HOH HOH A . 
F 3 HOH 48 4113 4113 HOH HOH A . 
F 3 HOH 49 4142 4142 HOH HOH A . 
F 3 HOH 50 4148 4148 HOH HOH A . 
# 
loop_
_software.name 
_software.classification 
_software.version 
_software.citation_id 
_software.pdbx_ordinal 
PHASIT 'model building' .   ? 1 
X-PLOR refinement       3.1 ? 2 
PHASIT phasing          .   ? 3 
# 
_cell.entry_id           1BNZ 
_cell.length_a           47.600 
_cell.length_b           50.770 
_cell.length_c           42.060 
_cell.angle_alpha        90.00 
_cell.angle_beta         90.00 
_cell.angle_gamma        90.00 
_cell.Z_PDB              8 
_cell.pdbx_unique_axis   ? 
_cell.length_a_esd       ? 
_cell.length_b_esd       ? 
_cell.length_c_esd       ? 
_cell.angle_alpha_esd    ? 
_cell.angle_beta_esd     ? 
_cell.angle_gamma_esd    ? 
# 
_symmetry.entry_id                         1BNZ 
_symmetry.space_group_name_H-M             'P 21 21 21' 
_symmetry.pdbx_full_space_group_name_H-M   ? 
_symmetry.cell_setting                     orthorhombic 
_symmetry.Int_Tables_number                19 
_symmetry.space_group_name_Hall            ? 
# 
_exptl.entry_id          1BNZ 
_exptl.method            'X-RAY DIFFRACTION' 
_exptl.crystals_number   1 
# 
_exptl_crystal.id                    1 
_exptl_crystal.density_meas          ? 
_exptl_crystal.density_Matthews      2.12 
_exptl_crystal.density_percent_sol   42.0 
_exptl_crystal.description           ? 
_exptl_crystal.F_000                 ? 
_exptl_crystal.preparation           ? 
# 
_exptl_crystal_grow.crystal_id      1 
_exptl_crystal_grow.method          ? 
_exptl_crystal_grow.temp            ? 
_exptl_crystal_grow.temp_details    ? 
_exptl_crystal_grow.pH              6.5 
_exptl_crystal_grow.pdbx_details    'pH 6.5' 
_exptl_crystal_grow.pdbx_pH_range   ? 
# 
_diffrn.id                     1 
_diffrn.ambient_temp           287 
_diffrn.ambient_temp_details   ? 
_diffrn.crystal_id             1 
# 
_diffrn_detector.diffrn_id              1 
_diffrn_detector.detector               'IMAGE PLATE' 
_diffrn_detector.type                   'RIGAKU RAXIS IIC' 
_diffrn_detector.pdbx_collection_date   1997-05-15 
_diffrn_detector.details                ? 
# 
_diffrn_radiation.diffrn_id                        1 
_diffrn_radiation.wavelength_id                    1 
_diffrn_radiation.pdbx_monochromatic_or_laue_m_l   M 
_diffrn_radiation.monochromator                    GRAPHITE 
_diffrn_radiation.pdbx_diffrn_protocol             'SINGLE WAVELENGTH' 
_diffrn_radiation.pdbx_scattering_type             x-ray 
# 
_diffrn_radiation_wavelength.id           1 
_diffrn_radiation_wavelength.wavelength   . 
_diffrn_radiation_wavelength.wt           1.0 
# 
_diffrn_source.diffrn_id                   1 
_diffrn_source.source                      'ROTATING ANODE' 
_diffrn_source.type                        'RIGAKU RU200' 
_diffrn_source.pdbx_synchrotron_site       ? 
_diffrn_source.pdbx_synchrotron_beamline   ? 
_diffrn_source.pdbx_wavelength             ? 
_diffrn_source.pdbx_wavelength_list        ? 
# 
_reflns.entry_id                     1BNZ 
_reflns.observed_criterion_sigma_I   1 
_reflns.observed_criterion_sigma_F   ? 
_reflns.d_resolution_low             10 
_reflns.d_resolution_high            1.9 
_reflns.number_obs                   7607 
_reflns.number_all                   ? 
_reflns.percent_possible_obs         94.1 
_reflns.pdbx_Rmerge_I_obs            0.0750000 
_reflns.pdbx_Rsym_value              ? 
_reflns.pdbx_netI_over_sigmaI        ? 
_reflns.B_iso_Wilson_estimate        32.0 
_reflns.pdbx_redundancy              3.0 
_reflns.R_free_details               ? 
_reflns.limit_k_min                  ? 
_reflns.observed_criterion_F_min     ? 
_reflns.pdbx_chi_squared             ? 
_reflns.pdbx_scaling_rejects         ? 
_reflns.pdbx_ordinal                 1 
_reflns.pdbx_diffrn_id               1 
# 
_refine.entry_id                                 1BNZ 
_refine.ls_number_reflns_obs                     5682 
_refine.ls_number_reflns_all                     ? 
_refine.pdbx_ls_sigma_I                          ? 
_refine.pdbx_ls_sigma_F                          4.0 
_refine.pdbx_data_cutoff_high_absF               ? 
_refine.pdbx_data_cutoff_low_absF                ? 
_refine.pdbx_data_cutoff_high_rms_absF           ? 
_refine.ls_d_res_low                             6.0 
_refine.ls_d_res_high                            2.0 
_refine.ls_percent_reflns_obs                    76.0 
_refine.ls_R_factor_obs                          0.1680000 
_refine.ls_R_factor_all                          ? 
_refine.ls_R_factor_R_work                       0.1680000 
_refine.ls_R_factor_R_free                       0.2680000 
_refine.ls_R_factor_R_free_error                 ? 
_refine.ls_R_factor_R_free_error_details         ? 
_refine.ls_percent_reflns_R_free                 ? 
_refine.ls_number_reflns_R_free                  ? 
_refine.ls_number_parameters                     ? 
_refine.ls_number_restraints                     ? 
_refine.occupancy_min                            ? 
_refine.occupancy_max                            ? 
_refine.B_iso_mean                               ? 
_refine.aniso_B[1][1]                            ? 
_refine.aniso_B[2][2]                            ? 
_refine.aniso_B[3][3]                            ? 
_refine.aniso_B[1][2]                            ? 
_refine.aniso_B[1][3]                            ? 
_refine.aniso_B[2][3]                            ? 
_refine.solvent_model_details                    ? 
_refine.solvent_model_param_ksol                 ? 
_refine.solvent_model_param_bsol                 ? 
_refine.pdbx_ls_cross_valid_method               ? 
_refine.details                                  ? 
_refine.pdbx_starting_model                      ? 
_refine.pdbx_method_to_determine_struct          MIR 
_refine.pdbx_isotropic_thermal_model             ? 
_refine.pdbx_stereochemistry_target_values       ? 
_refine.pdbx_stereochem_target_val_spec_case     ? 
_refine.pdbx_R_Free_selection_details            RANDOM 
_refine.pdbx_overall_ESU_R_Free                  ? 
_refine.overall_SU_ML                            ? 
_refine.overall_SU_B                             ? 
_refine.ls_redundancy_reflns_obs                 ? 
_refine.pdbx_refine_id                           'X-RAY DIFFRACTION' 
_refine.pdbx_overall_phase_error                 ? 
_refine.correlation_coeff_Fo_to_Fc               ? 
_refine.correlation_coeff_Fo_to_Fc_free          ? 
_refine.pdbx_solvent_vdw_probe_radii             ? 
_refine.pdbx_solvent_ion_probe_radii             ? 
_refine.pdbx_solvent_shrinkage_radii             ? 
_refine.overall_SU_R_Cruickshank_DPI             ? 
_refine.overall_SU_R_free                        ? 
_refine.ls_wR_factor_R_free                      ? 
_refine.ls_wR_factor_R_work                      ? 
_refine.overall_FOM_free_R_set                   ? 
_refine.overall_FOM_work_R_set                   ? 
_refine.pdbx_diffrn_id                           1 
_refine.pdbx_overall_ESU_R                       ? 
_refine.pdbx_TLS_residual_ADP_flag               ? 
_refine.pdbx_overall_SU_R_free_Cruickshank_DPI   ? 
_refine.pdbx_overall_SU_R_Blow_DPI               ? 
_refine.pdbx_overall_SU_R_free_Blow_DPI          ? 
# 
_refine_hist.pdbx_refine_id                   'X-RAY DIFFRACTION' 
_refine_hist.cycle_id                         LAST 
_refine_hist.pdbx_number_atoms_protein        510 
_refine_hist.pdbx_number_atoms_nucleic_acid   322 
_refine_hist.pdbx_number_atoms_ligand         0 
_refine_hist.number_atoms_solvent             99 
_refine_hist.number_atoms_total               931 
_refine_hist.d_res_high                       2.0 
_refine_hist.d_res_low                        6.0 
# 
loop_
_refine_ls_restr.type 
_refine_ls_restr.dev_ideal 
_refine_ls_restr.dev_ideal_target 
_refine_ls_restr.weight 
_refine_ls_restr.number 
_refine_ls_restr.pdbx_refine_id 
_refine_ls_restr.pdbx_restraint_function 
x_bond_d                0.010 ? ? ? 'X-RAY DIFFRACTION' ? 
x_bond_d_na             ?     ? ? ? 'X-RAY DIFFRACTION' ? 
x_bond_d_prot           ?     ? ? ? 'X-RAY DIFFRACTION' ? 
x_angle_d               ?     ? ? ? 'X-RAY DIFFRACTION' ? 
x_angle_d_na            ?     ? ? ? 'X-RAY DIFFRACTION' ? 
x_angle_d_prot          ?     ? ? ? 'X-RAY DIFFRACTION' ? 
x_angle_deg             1.37  ? ? ? 'X-RAY DIFFRACTION' ? 
x_angle_deg_na          ?     ? ? ? 'X-RAY DIFFRACTION' ? 
x_angle_deg_prot        ?     ? ? ? 'X-RAY DIFFRACTION' ? 
x_dihedral_angle_d      ?     ? ? ? 'X-RAY DIFFRACTION' ? 
x_dihedral_angle_d_na   ?     ? ? ? 'X-RAY DIFFRACTION' ? 
x_dihedral_angle_d_prot ?     ? ? ? 'X-RAY DIFFRACTION' ? 
x_improper_angle_d      ?     ? ? ? 'X-RAY DIFFRACTION' ? 
x_improper_angle_d_na   ?     ? ? ? 'X-RAY DIFFRACTION' ? 
x_improper_angle_d_prot ?     ? ? ? 'X-RAY DIFFRACTION' ? 
x_mcbond_it             ?     ? ? ? 'X-RAY DIFFRACTION' ? 
x_mcangle_it            ?     ? ? ? 'X-RAY DIFFRACTION' ? 
x_scbond_it             ?     ? ? ? 'X-RAY DIFFRACTION' ? 
x_scangle_it            ?     ? ? ? 'X-RAY DIFFRACTION' ? 
# 
loop_
_pdbx_xplor_file.serial_no 
_pdbx_xplor_file.param_file 
_pdbx_xplor_file.topol_file 
_pdbx_xplor_file.pdbx_refine_id 
1 PARHCSDX.PRO        TOPHCSDX.PRO 'X-RAY DIFFRACTION' 
2 PARAM_NDBX_HIGH.DNA TOP_NDBX.DNA 'X-RAY DIFFRACTION' 
# 
_struct.entry_id                  1BNZ 
_struct.title                     'SSO7D HYPERTHERMOPHILE PROTEIN/DNA COMPLEX' 
_struct.pdbx_model_details        ? 
_struct.pdbx_CASP_flag            ? 
_struct.pdbx_model_type_details   ? 
# 
_struct_keywords.entry_id        1BNZ 
_struct_keywords.pdbx_keywords   'DNA BINDING PROTEIN/DNA' 
_struct_keywords.text            'PROTEIN-DNA INTERACTION, DNA BINDING PROTEIN-DNA COMPLEX' 
# 
loop_
_struct_asym.id 
_struct_asym.pdbx_blank_PDB_chainid_flag 
_struct_asym.pdbx_modified 
_struct_asym.entity_id 
_struct_asym.details 
A N N 1 ? 
B N N 1 ? 
C N N 2 ? 
D N N 3 ? 
E N N 3 ? 
F N N 3 ? 
# 
loop_
_struct_ref.id 
_struct_ref.db_name 
_struct_ref.db_code 
_struct_ref.entity_id 
_struct_ref.pdbx_db_accession 
_struct_ref.pdbx_align_begin 
_struct_ref.pdbx_seq_one_letter_code 
_struct_ref.pdbx_db_isoform 
1 UNP DN71_SULSOX 2 P80170 ? ? ? 
2 PDB 1BNZ        1 1BNZ   ? ? ? 
# 
loop_
_struct_ref_seq.align_id 
_struct_ref_seq.ref_id 
_struct_ref_seq.pdbx_PDB_id_code 
_struct_ref_seq.pdbx_strand_id 
_struct_ref_seq.seq_align_beg 
_struct_ref_seq.pdbx_seq_align_beg_ins_code 
_struct_ref_seq.seq_align_end 
_struct_ref_seq.pdbx_seq_align_end_ins_code 
_struct_ref_seq.pdbx_db_accession 
_struct_ref_seq.db_align_beg 
_struct_ref_seq.pdbx_db_align_beg_ins_code 
_struct_ref_seq.db_align_end 
_struct_ref_seq.pdbx_db_align_end_ins_code 
_struct_ref_seq.pdbx_auth_seq_align_beg 
_struct_ref_seq.pdbx_auth_seq_align_end 
1 1 1BNZ A 2 ? 64 ? P80170 1  ? 63 ? 2  64 
2 2 1BNZ B 1 ? 8  ? 1BNZ   66 ? 73 ? 66 73 
3 2 1BNZ C 1 ? 8  ? 1BNZ   74 ? 81 ? 74 81 
# 
_struct_ref_seq_dif.align_id                     1 
_struct_ref_seq_dif.pdbx_pdb_id_code             1BNZ 
_struct_ref_seq_dif.mon_id                       GLU 
_struct_ref_seq_dif.pdbx_pdb_strand_id           A 
_struct_ref_seq_dif.seq_num                      14 
_struct_ref_seq_dif.pdbx_pdb_ins_code            ? 
_struct_ref_seq_dif.pdbx_seq_db_name             UNP 
_struct_ref_seq_dif.pdbx_seq_db_accession_code   P80170 
_struct_ref_seq_dif.db_mon_id                    GLN 
_struct_ref_seq_dif.pdbx_seq_db_seq_num          13 
_struct_ref_seq_dif.details                      conflict 
_struct_ref_seq_dif.pdbx_auth_seq_num            14 
_struct_ref_seq_dif.pdbx_ordinal                 1 
# 
_pdbx_struct_assembly.id                   1 
_pdbx_struct_assembly.details              author_defined_assembly 
_pdbx_struct_assembly.method_details       ? 
_pdbx_struct_assembly.oligomeric_details   trimeric 
_pdbx_struct_assembly.oligomeric_count     3 
# 
_pdbx_struct_assembly_gen.assembly_id       1 
_pdbx_struct_assembly_gen.oper_expression   1 
_pdbx_struct_assembly_gen.asym_id_list      A,B,C,D,E,F 
# 
_pdbx_struct_oper_list.id                   1 
_pdbx_struct_oper_list.type                 'identity operation' 
_pdbx_struct_oper_list.name                 1_555 
_pdbx_struct_oper_list.symmetry_operation   x,y,z 
_pdbx_struct_oper_list.matrix[1][1]         1.0000000000 
_pdbx_struct_oper_list.matrix[1][2]         0.0000000000 
_pdbx_struct_oper_list.matrix[1][3]         0.0000000000 
_pdbx_struct_oper_list.vector[1]            0.0000000000 
_pdbx_struct_oper_list.matrix[2][1]         0.0000000000 
_pdbx_struct_oper_list.matrix[2][2]         1.0000000000 
_pdbx_struct_oper_list.matrix[2][3]         0.0000000000 
_pdbx_struct_oper_list.vector[2]            0.0000000000 
_pdbx_struct_oper_list.matrix[3][1]         0.0000000000 
_pdbx_struct_oper_list.matrix[3][2]         0.0000000000 
_pdbx_struct_oper_list.matrix[3][3]         1.0000000000 
_pdbx_struct_oper_list.vector[3]            0.0000000000 
# 
_struct_biol.id                    1 
_struct_biol.pdbx_parent_biol_id   ? 
_struct_biol.details               ? 
# 
loop_
_struct_conf.conf_type_id 
_struct_conf.id 
_struct_conf.pdbx_PDB_helix_id 
_struct_conf.beg_label_comp_id 
_struct_conf.beg_label_asym_id 
_struct_conf.beg_label_seq_id 
_struct_conf.pdbx_beg_PDB_ins_code 
_struct_conf.end_label_comp_id 
_struct_conf.end_label_asym_id 
_struct_conf.end_label_seq_id 
_struct_conf.pdbx_end_PDB_ins_code 
_struct_conf.beg_auth_comp_id 
_struct_conf.beg_auth_asym_id 
_struct_conf.beg_auth_seq_id 
_struct_conf.end_auth_comp_id 
_struct_conf.end_auth_asym_id 
_struct_conf.end_auth_seq_id 
_struct_conf.pdbx_PDB_helix_class 
_struct_conf.details 
_struct_conf.pdbx_PDB_helix_length 
HELX_P HELX_P1 1 ILE C 17 ? LYS C 19 ? ILE A 17 LYS A 19 5 ? 3  
HELX_P HELX_P2 2 GLU C 48 ? ASP C 50 ? GLU A 48 ASP A 50 5 ? 3  
HELX_P HELX_P3 3 LYS C 53 ? GLN C 62 ? LYS A 53 GLN A 62 1 ? 10 
# 
_struct_conf_type.id          HELX_P 
_struct_conf_type.criteria    ? 
_struct_conf_type.reference   ? 
# 
loop_
_struct_conn.id 
_struct_conn.conn_type_id 
_struct_conn.pdbx_leaving_atom_flag 
_struct_conn.pdbx_PDB_id 
_struct_conn.ptnr1_label_asym_id 
_struct_conn.ptnr1_label_comp_id 
_struct_conn.ptnr1_label_seq_id 
_struct_conn.ptnr1_label_atom_id 
_struct_conn.pdbx_ptnr1_label_alt_id 
_struct_conn.pdbx_ptnr1_PDB_ins_code 
_struct_conn.pdbx_ptnr1_standard_comp_id 
_struct_conn.ptnr1_symmetry 
_struct_conn.ptnr2_label_asym_id 
_struct_conn.ptnr2_label_comp_id 
_struct_conn.ptnr2_label_seq_id 
_struct_conn.ptnr2_label_atom_id 
_struct_conn.pdbx_ptnr2_label_alt_id 
_struct_conn.pdbx_ptnr2_PDB_ins_code 
_struct_conn.ptnr1_auth_asym_id 
_struct_conn.ptnr1_auth_comp_id 
_struct_conn.ptnr1_auth_seq_id 
_struct_conn.ptnr2_auth_asym_id 
_struct_conn.ptnr2_auth_comp_id 
_struct_conn.ptnr2_auth_seq_id 
_struct_conn.ptnr2_symmetry 
_struct_conn.pdbx_ptnr3_label_atom_id 
_struct_conn.pdbx_ptnr3_label_seq_id 
_struct_conn.pdbx_ptnr3_label_comp_id 
_struct_conn.pdbx_ptnr3_label_asym_id 
_struct_conn.pdbx_ptnr3_label_alt_id 
_struct_conn.pdbx_ptnr3_PDB_ins_code 
_struct_conn.details 
_struct_conn.pdbx_dist_value 
_struct_conn.pdbx_value_order 
_struct_conn.pdbx_role 
hydrog1  hydrog ? ? A DG 1 N1 ? ? ? 1_555 B DC 8 N3 ? ? B DG 66 C DC 81 1_555 ? ? ? ? ? ? WATSON-CRICK ? ? ? 
hydrog2  hydrog ? ? A DG 1 N2 ? ? ? 1_555 B DC 8 O2 ? ? B DG 66 C DC 81 1_555 ? ? ? ? ? ? WATSON-CRICK ? ? ? 
hydrog3  hydrog ? ? A DG 1 O6 ? ? ? 1_555 B DC 8 N4 ? ? B DG 66 C DC 81 1_555 ? ? ? ? ? ? WATSON-CRICK ? ? ? 
hydrog4  hydrog ? ? A DT 2 N3 ? ? ? 1_555 B DA 7 N1 ? ? B DT 67 C DA 80 1_555 ? ? ? ? ? ? WATSON-CRICK ? ? ? 
hydrog5  hydrog ? ? A DT 2 O4 ? ? ? 1_555 B DA 7 N6 ? ? B DT 67 C DA 80 1_555 ? ? ? ? ? ? WATSON-CRICK ? ? ? 
hydrog6  hydrog ? ? A DA 3 N1 ? ? ? 1_555 B DT 6 N3 ? ? B DA 68 C DT 79 1_555 ? ? ? ? ? ? WATSON-CRICK ? ? ? 
hydrog7  hydrog ? ? A DA 3 N6 ? ? ? 1_555 B DT 6 O4 ? ? B DA 68 C DT 79 1_555 ? ? ? ? ? ? WATSON-CRICK ? ? ? 
hydrog8  hydrog ? ? A DA 4 N1 ? ? ? 1_555 B DT 5 N3 ? ? B DA 69 C DT 78 1_555 ? ? ? ? ? ? WATSON-CRICK ? ? ? 
hydrog9  hydrog ? ? A DA 4 N6 ? ? ? 1_555 B DT 5 O4 ? ? B DA 69 C DT 78 1_555 ? ? ? ? ? ? WATSON-CRICK ? ? ? 
hydrog10 hydrog ? ? A DT 5 N3 ? ? ? 1_555 B DA 4 N1 ? ? B DT 70 C DA 77 1_555 ? ? ? ? ? ? WATSON-CRICK ? ? ? 
hydrog11 hydrog ? ? A DT 5 O4 ? ? ? 1_555 B DA 4 N6 ? ? B DT 70 C DA 77 1_555 ? ? ? ? ? ? WATSON-CRICK ? ? ? 
hydrog12 hydrog ? ? A DT 6 N3 ? ? ? 1_555 B DA 3 N1 ? ? B DT 71 C DA 76 1_555 ? ? ? ? ? ? WATSON-CRICK ? ? ? 
hydrog13 hydrog ? ? A DT 6 O4 ? ? ? 1_555 B DA 3 N6 ? ? B DT 71 C DA 76 1_555 ? ? ? ? ? ? WATSON-CRICK ? ? ? 
hydrog14 hydrog ? ? A DA 7 N1 ? ? ? 1_555 B DT 2 N3 ? ? B DA 72 C DT 75 1_555 ? ? ? ? ? ? WATSON-CRICK ? ? ? 
hydrog15 hydrog ? ? A DA 7 N6 ? ? ? 1_555 B DT 2 O4 ? ? B DA 72 C DT 75 1_555 ? ? ? ? ? ? WATSON-CRICK ? ? ? 
hydrog16 hydrog ? ? A DC 8 N3 ? ? ? 1_555 B DG 1 N1 ? ? B DC 73 C DG 74 1_555 ? ? ? ? ? ? WATSON-CRICK ? ? ? 
hydrog17 hydrog ? ? A DC 8 N4 ? ? ? 1_555 B DG 1 O6 ? ? B DC 73 C DG 74 1_555 ? ? ? ? ? ? WATSON-CRICK ? ? ? 
hydrog18 hydrog ? ? A DC 8 O2 ? ? ? 1_555 B DG 1 N2 ? ? B DC 73 C DG 74 1_555 ? ? ? ? ? ? WATSON-CRICK ? ? ? 
# 
_struct_conn_type.id          hydrog 
_struct_conn_type.criteria    ? 
_struct_conn_type.reference   ? 
# 
loop_
_struct_sheet.id 
_struct_sheet.type 
_struct_sheet.number_strands 
_struct_sheet.details 
A ? 2 ? 
B ? 3 ? 
# 
loop_
_struct_sheet_order.sheet_id 
_struct_sheet_order.range_id_1 
_struct_sheet_order.range_id_2 
_struct_sheet_order.offset 
_struct_sheet_order.sense 
A 1 2 ? anti-parallel 
B 1 2 ? anti-parallel 
B 2 3 ? anti-parallel 
# 
loop_
_struct_sheet_range.sheet_id 
_struct_sheet_range.id 
_struct_sheet_range.beg_label_comp_id 
_struct_sheet_range.beg_label_asym_id 
_struct_sheet_range.beg_label_seq_id 
_struct_sheet_range.pdbx_beg_PDB_ins_code 
_struct_sheet_range.end_label_comp_id 
_struct_sheet_range.end_label_asym_id 
_struct_sheet_range.end_label_seq_id 
_struct_sheet_range.pdbx_end_PDB_ins_code 
_struct_sheet_range.beg_auth_comp_id 
_struct_sheet_range.beg_auth_asym_id 
_struct_sheet_range.beg_auth_seq_id 
_struct_sheet_range.end_auth_comp_id 
_struct_sheet_range.end_auth_asym_id 
_struct_sheet_range.end_auth_seq_id 
A 1 THR C 3  ? TYR C 8  ? THR A 3  TYR A 8  
A 2 GLU C 11 ? ASP C 16 ? GLU A 11 ASP A 16 
B 1 ILE C 20 ? VAL C 26 ? ILE A 20 VAL A 26 
B 2 MET C 29 ? ASP C 35 ? MET A 29 ASP A 35 
B 3 THR C 41 ? SER C 47 ? THR A 41 SER A 47 
# 
loop_
_pdbx_struct_sheet_hbond.sheet_id 
_pdbx_struct_sheet_hbond.range_id_1 
_pdbx_struct_sheet_hbond.range_id_2 
_pdbx_struct_sheet_hbond.range_1_label_atom_id 
_pdbx_struct_sheet_hbond.range_1_label_comp_id 
_pdbx_struct_sheet_hbond.range_1_label_asym_id 
_pdbx_struct_sheet_hbond.range_1_label_seq_id 
_pdbx_struct_sheet_hbond.range_1_PDB_ins_code 
_pdbx_struct_sheet_hbond.range_1_auth_atom_id 
_pdbx_struct_sheet_hbond.range_1_auth_comp_id 
_pdbx_struct_sheet_hbond.range_1_auth_asym_id 
_pdbx_struct_sheet_hbond.range_1_auth_seq_id 
_pdbx_struct_sheet_hbond.range_2_label_atom_id 
_pdbx_struct_sheet_hbond.range_2_label_comp_id 
_pdbx_struct_sheet_hbond.range_2_label_asym_id 
_pdbx_struct_sheet_hbond.range_2_label_seq_id 
_pdbx_struct_sheet_hbond.range_2_PDB_ins_code 
_pdbx_struct_sheet_hbond.range_2_auth_atom_id 
_pdbx_struct_sheet_hbond.range_2_auth_comp_id 
_pdbx_struct_sheet_hbond.range_2_auth_asym_id 
_pdbx_struct_sheet_hbond.range_2_auth_seq_id 
A 1 2 N PHE C 6  ? N PHE A 6  O LYS C 13 ? O LYS A 13 
B 1 2 N VAL C 26 ? N VAL A 26 O MET C 29 ? O MET A 29 
B 2 3 N PHE C 32 ? N PHE A 32 O GLY C 44 ? O GLY A 44 
# 
loop_
_pdbx_validate_torsion.id 
_pdbx_validate_torsion.PDB_model_num 
_pdbx_validate_torsion.auth_comp_id 
_pdbx_validate_torsion.auth_asym_id 
_pdbx_validate_torsion.auth_seq_id 
_pdbx_validate_torsion.PDB_ins_code 
_pdbx_validate_torsion.label_alt_id 
_pdbx_validate_torsion.phi 
_pdbx_validate_torsion.psi 
1 1 ALA A 2  ? ? 74.97   -144.32 
2 1 LYS A 21 ? ? -96.01  -62.24  
3 1 GLN A 62 ? ? -105.37 -86.10  
# 
loop_
_chem_comp_atom.comp_id 
_chem_comp_atom.atom_id 
_chem_comp_atom.type_symbol 
_chem_comp_atom.pdbx_aromatic_flag 
_chem_comp_atom.pdbx_stereo_config 
_chem_comp_atom.pdbx_ordinal 
ALA N      N N N 1   
ALA CA     C N S 2   
ALA C      C N N 3   
ALA O      O N N 4   
ALA CB     C N N 5   
ALA OXT    O N N 6   
ALA H      H N N 7   
ALA H2     H N N 8   
ALA HA     H N N 9   
ALA HB1    H N N 10  
ALA HB2    H N N 11  
ALA HB3    H N N 12  
ALA HXT    H N N 13  
ARG N      N N N 14  
ARG CA     C N S 15  
ARG C      C N N 16  
ARG O      O N N 17  
ARG CB     C N N 18  
ARG CG     C N N 19  
ARG CD     C N N 20  
ARG NE     N N N 21  
ARG CZ     C N N 22  
ARG NH1    N N N 23  
ARG NH2    N N N 24  
ARG OXT    O N N 25  
ARG H      H N N 26  
ARG H2     H N N 27  
ARG HA     H N N 28  
ARG HB2    H N N 29  
ARG HB3    H N N 30  
ARG HG2    H N N 31  
ARG HG3    H N N 32  
ARG HD2    H N N 33  
ARG HD3    H N N 34  
ARG HE     H N N 35  
ARG HH11   H N N 36  
ARG HH12   H N N 37  
ARG HH21   H N N 38  
ARG HH22   H N N 39  
ARG HXT    H N N 40  
ASP N      N N N 41  
ASP CA     C N S 42  
ASP C      C N N 43  
ASP O      O N N 44  
ASP CB     C N N 45  
ASP CG     C N N 46  
ASP OD1    O N N 47  
ASP OD2    O N N 48  
ASP OXT    O N N 49  
ASP H      H N N 50  
ASP H2     H N N 51  
ASP HA     H N N 52  
ASP HB2    H N N 53  
ASP HB3    H N N 54  
ASP HD2    H N N 55  
ASP HXT    H N N 56  
DA  OP3    O N N 57  
DA  P      P N N 58  
DA  OP1    O N N 59  
DA  OP2    O N N 60  
DA  "O5'"  O N N 61  
DA  "C5'"  C N N 62  
DA  "C4'"  C N R 63  
DA  "O4'"  O N N 64  
DA  "C3'"  C N S 65  
DA  "O3'"  O N N 66  
DA  "C2'"  C N N 67  
DA  "C1'"  C N R 68  
DA  N9     N Y N 69  
DA  C8     C Y N 70  
DA  N7     N Y N 71  
DA  C5     C Y N 72  
DA  C6     C Y N 73  
DA  N6     N N N 74  
DA  N1     N Y N 75  
DA  C2     C Y N 76  
DA  N3     N Y N 77  
DA  C4     C Y N 78  
DA  HOP3   H N N 79  
DA  HOP2   H N N 80  
DA  "H5'"  H N N 81  
DA  "H5''" H N N 82  
DA  "H4'"  H N N 83  
DA  "H3'"  H N N 84  
DA  "HO3'" H N N 85  
DA  "H2'"  H N N 86  
DA  "H2''" H N N 87  
DA  "H1'"  H N N 88  
DA  H8     H N N 89  
DA  H61    H N N 90  
DA  H62    H N N 91  
DA  H2     H N N 92  
DC  OP3    O N N 93  
DC  P      P N N 94  
DC  OP1    O N N 95  
DC  OP2    O N N 96  
DC  "O5'"  O N N 97  
DC  "C5'"  C N N 98  
DC  "C4'"  C N R 99  
DC  "O4'"  O N N 100 
DC  "C3'"  C N S 101 
DC  "O3'"  O N N 102 
DC  "C2'"  C N N 103 
DC  "C1'"  C N R 104 
DC  N1     N N N 105 
DC  C2     C N N 106 
DC  O2     O N N 107 
DC  N3     N N N 108 
DC  C4     C N N 109 
DC  N4     N N N 110 
DC  C5     C N N 111 
DC  C6     C N N 112 
DC  HOP3   H N N 113 
DC  HOP2   H N N 114 
DC  "H5'"  H N N 115 
DC  "H5''" H N N 116 
DC  "H4'"  H N N 117 
DC  "H3'"  H N N 118 
DC  "HO3'" H N N 119 
DC  "H2'"  H N N 120 
DC  "H2''" H N N 121 
DC  "H1'"  H N N 122 
DC  H41    H N N 123 
DC  H42    H N N 124 
DC  H5     H N N 125 
DC  H6     H N N 126 
DG  OP3    O N N 127 
DG  P      P N N 128 
DG  OP1    O N N 129 
DG  OP2    O N N 130 
DG  "O5'"  O N N 131 
DG  "C5'"  C N N 132 
DG  "C4'"  C N R 133 
DG  "O4'"  O N N 134 
DG  "C3'"  C N S 135 
DG  "O3'"  O N N 136 
DG  "C2'"  C N N 137 
DG  "C1'"  C N R 138 
DG  N9     N Y N 139 
DG  C8     C Y N 140 
DG  N7     N Y N 141 
DG  C5     C Y N 142 
DG  C6     C N N 143 
DG  O6     O N N 144 
DG  N1     N N N 145 
DG  C2     C N N 146 
DG  N2     N N N 147 
DG  N3     N N N 148 
DG  C4     C Y N 149 
DG  HOP3   H N N 150 
DG  HOP2   H N N 151 
DG  "H5'"  H N N 152 
DG  "H5''" H N N 153 
DG  "H4'"  H N N 154 
DG  "H3'"  H N N 155 
DG  "HO3'" H N N 156 
DG  "H2'"  H N N 157 
DG  "H2''" H N N 158 
DG  "H1'"  H N N 159 
DG  H8     H N N 160 
DG  H1     H N N 161 
DG  H21    H N N 162 
DG  H22    H N N 163 
DT  OP3    O N N 164 
DT  P      P N N 165 
DT  OP1    O N N 166 
DT  OP2    O N N 167 
DT  "O5'"  O N N 168 
DT  "C5'"  C N N 169 
DT  "C4'"  C N R 170 
DT  "O4'"  O N N 171 
DT  "C3'"  C N S 172 
DT  "O3'"  O N N 173 
DT  "C2'"  C N N 174 
DT  "C1'"  C N R 175 
DT  N1     N N N 176 
DT  C2     C N N 177 
DT  O2     O N N 178 
DT  N3     N N N 179 
DT  C4     C N N 180 
DT  O4     O N N 181 
DT  C5     C N N 182 
DT  C7     C N N 183 
DT  C6     C N N 184 
DT  HOP3   H N N 185 
DT  HOP2   H N N 186 
DT  "H5'"  H N N 187 
DT  "H5''" H N N 188 
DT  "H4'"  H N N 189 
DT  "H3'"  H N N 190 
DT  "HO3'" H N N 191 
DT  "H2'"  H N N 192 
DT  "H2''" H N N 193 
DT  "H1'"  H N N 194 
DT  H3     H N N 195 
DT  H71    H N N 196 
DT  H72    H N N 197 
DT  H73    H N N 198 
DT  H6     H N N 199 
GLN N      N N N 200 
GLN CA     C N S 201 
GLN C      C N N 202 
GLN O      O N N 203 
GLN CB     C N N 204 
GLN CG     C N N 205 
GLN CD     C N N 206 
GLN OE1    O N N 207 
GLN NE2    N N N 208 
GLN OXT    O N N 209 
GLN H      H N N 210 
GLN H2     H N N 211 
GLN HA     H N N 212 
GLN HB2    H N N 213 
GLN HB3    H N N 214 
GLN HG2    H N N 215 
GLN HG3    H N N 216 
GLN HE21   H N N 217 
GLN HE22   H N N 218 
GLN HXT    H N N 219 
GLU N      N N N 220 
GLU CA     C N S 221 
GLU C      C N N 222 
GLU O      O N N 223 
GLU CB     C N N 224 
GLU CG     C N N 225 
GLU CD     C N N 226 
GLU OE1    O N N 227 
GLU OE2    O N N 228 
GLU OXT    O N N 229 
GLU H      H N N 230 
GLU H2     H N N 231 
GLU HA     H N N 232 
GLU HB2    H N N 233 
GLU HB3    H N N 234 
GLU HG2    H N N 235 
GLU HG3    H N N 236 
GLU HE2    H N N 237 
GLU HXT    H N N 238 
GLY N      N N N 239 
GLY CA     C N N 240 
GLY C      C N N 241 
GLY O      O N N 242 
GLY OXT    O N N 243 
GLY H      H N N 244 
GLY H2     H N N 245 
GLY HA2    H N N 246 
GLY HA3    H N N 247 
GLY HXT    H N N 248 
HOH O      O N N 249 
HOH H1     H N N 250 
HOH H2     H N N 251 
ILE N      N N N 252 
ILE CA     C N S 253 
ILE C      C N N 254 
ILE O      O N N 255 
ILE CB     C N S 256 
ILE CG1    C N N 257 
ILE CG2    C N N 258 
ILE CD1    C N N 259 
ILE OXT    O N N 260 
ILE H      H N N 261 
ILE H2     H N N 262 
ILE HA     H N N 263 
ILE HB     H N N 264 
ILE HG12   H N N 265 
ILE HG13   H N N 266 
ILE HG21   H N N 267 
ILE HG22   H N N 268 
ILE HG23   H N N 269 
ILE HD11   H N N 270 
ILE HD12   H N N 271 
ILE HD13   H N N 272 
ILE HXT    H N N 273 
LEU N      N N N 274 
LEU CA     C N S 275 
LEU C      C N N 276 
LEU O      O N N 277 
LEU CB     C N N 278 
LEU CG     C N N 279 
LEU CD1    C N N 280 
LEU CD2    C N N 281 
LEU OXT    O N N 282 
LEU H      H N N 283 
LEU H2     H N N 284 
LEU HA     H N N 285 
LEU HB2    H N N 286 
LEU HB3    H N N 287 
LEU HG     H N N 288 
LEU HD11   H N N 289 
LEU HD12   H N N 290 
LEU HD13   H N N 291 
LEU HD21   H N N 292 
LEU HD22   H N N 293 
LEU HD23   H N N 294 
LEU HXT    H N N 295 
LYS N      N N N 296 
LYS CA     C N S 297 
LYS C      C N N 298 
LYS O      O N N 299 
LYS CB     C N N 300 
LYS CG     C N N 301 
LYS CD     C N N 302 
LYS CE     C N N 303 
LYS NZ     N N N 304 
LYS OXT    O N N 305 
LYS H      H N N 306 
LYS H2     H N N 307 
LYS HA     H N N 308 
LYS HB2    H N N 309 
LYS HB3    H N N 310 
LYS HG2    H N N 311 
LYS HG3    H N N 312 
LYS HD2    H N N 313 
LYS HD3    H N N 314 
LYS HE2    H N N 315 
LYS HE3    H N N 316 
LYS HZ1    H N N 317 
LYS HZ2    H N N 318 
LYS HZ3    H N N 319 
LYS HXT    H N N 320 
MET N      N N N 321 
MET CA     C N S 322 
MET C      C N N 323 
MET O      O N N 324 
MET CB     C N N 325 
MET CG     C N N 326 
MET SD     S N N 327 
MET CE     C N N 328 
MET OXT    O N N 329 
MET H      H N N 330 
MET H2     H N N 331 
MET HA     H N N 332 
MET HB2    H N N 333 
MET HB3    H N N 334 
MET HG2    H N N 335 
MET HG3    H N N 336 
MET HE1    H N N 337 
MET HE2    H N N 338 
MET HE3    H N N 339 
MET HXT    H N N 340 
PHE N      N N N 341 
PHE CA     C N S 342 
PHE C      C N N 343 
PHE O      O N N 344 
PHE CB     C N N 345 
PHE CG     C Y N 346 
PHE CD1    C Y N 347 
PHE CD2    C Y N 348 
PHE CE1    C Y N 349 
PHE CE2    C Y N 350 
PHE CZ     C Y N 351 
PHE OXT    O N N 352 
PHE H      H N N 353 
PHE H2     H N N 354 
PHE HA     H N N 355 
PHE HB2    H N N 356 
PHE HB3    H N N 357 
PHE HD1    H N N 358 
PHE HD2    H N N 359 
PHE HE1    H N N 360 
PHE HE2    H N N 361 
PHE HZ     H N N 362 
PHE HXT    H N N 363 
PRO N      N N N 364 
PRO CA     C N S 365 
PRO C      C N N 366 
PRO O      O N N 367 
PRO CB     C N N 368 
PRO CG     C N N 369 
PRO CD     C N N 370 
PRO OXT    O N N 371 
PRO H      H N N 372 
PRO HA     H N N 373 
PRO HB2    H N N 374 
PRO HB3    H N N 375 
PRO HG2    H N N 376 
PRO HG3    H N N 377 
PRO HD2    H N N 378 
PRO HD3    H N N 379 
PRO HXT    H N N 380 
SER N      N N N 381 
SER CA     C N S 382 
SER C      C N N 383 
SER O      O N N 384 
SER CB     C N N 385 
SER OG     O N N 386 
SER OXT    O N N 387 
SER H      H N N 388 
SER H2     H N N 389 
SER HA     H N N 390 
SER HB2    H N N 391 
SER HB3    H N N 392 
SER HG     H N N 393 
SER HXT    H N N 394 
THR N      N N N 395 
THR CA     C N S 396 
THR C      C N N 397 
THR O      O N N 398 
THR CB     C N R 399 
THR OG1    O N N 400 
THR CG2    C N N 401 
THR OXT    O N N 402 
THR H      H N N 403 
THR H2     H N N 404 
THR HA     H N N 405 
THR HB     H N N 406 
THR HG1    H N N 407 
THR HG21   H N N 408 
THR HG22   H N N 409 
THR HG23   H N N 410 
THR HXT    H N N 411 
TRP N      N N N 412 
TRP CA     C N S 413 
TRP C      C N N 414 
TRP O      O N N 415 
TRP CB     C N N 416 
TRP CG     C Y N 417 
TRP CD1    C Y N 418 
TRP CD2    C Y N 419 
TRP NE1    N Y N 420 
TRP CE2    C Y N 421 
TRP CE3    C Y N 422 
TRP CZ2    C Y N 423 
TRP CZ3    C Y N 424 
TRP CH2    C Y N 425 
TRP OXT    O N N 426 
TRP H      H N N 427 
TRP H2     H N N 428 
TRP HA     H N N 429 
TRP HB2    H N N 430 
TRP HB3    H N N 431 
TRP HD1    H N N 432 
TRP HE1    H N N 433 
TRP HE3    H N N 434 
TRP HZ2    H N N 435 
TRP HZ3    H N N 436 
TRP HH2    H N N 437 
TRP HXT    H N N 438 
TYR N      N N N 439 
TYR CA     C N S 440 
TYR C      C N N 441 
TYR O      O N N 442 
TYR CB     C N N 443 
TYR CG     C Y N 444 
TYR CD1    C Y N 445 
TYR CD2    C Y N 446 
TYR CE1    C Y N 447 
TYR CE2    C Y N 448 
TYR CZ     C Y N 449 
TYR OH     O N N 450 
TYR OXT    O N N 451 
TYR H      H N N 452 
TYR H2     H N N 453 
TYR HA     H N N 454 
TYR HB2    H N N 455 
TYR HB3    H N N 456 
TYR HD1    H N N 457 
TYR HD2    H N N 458 
TYR HE1    H N N 459 
TYR HE2    H N N 460 
TYR HH     H N N 461 
TYR HXT    H N N 462 
VAL N      N N N 463 
VAL CA     C N S 464 
VAL C      C N N 465 
VAL O      O N N 466 
VAL CB     C N N 467 
VAL CG1    C N N 468 
VAL CG2    C N N 469 
VAL OXT    O N N 470 
VAL H      H N N 471 
VAL H2     H N N 472 
VAL HA     H N N 473 
VAL HB     H N N 474 
VAL HG11   H N N 475 
VAL HG12   H N N 476 
VAL HG13   H N N 477 
VAL HG21   H N N 478 
VAL HG22   H N N 479 
VAL HG23   H N N 480 
VAL HXT    H N N 481 
# 
loop_
_chem_comp_bond.comp_id 
_chem_comp_bond.atom_id_1 
_chem_comp_bond.atom_id_2 
_chem_comp_bond.value_order 
_chem_comp_bond.pdbx_aromatic_flag 
_chem_comp_bond.pdbx_stereo_config 
_chem_comp_bond.pdbx_ordinal 
ALA N     CA     sing N N 1   
ALA N     H      sing N N 2   
ALA N     H2     sing N N 3   
ALA CA    C      sing N N 4   
ALA CA    CB     sing N N 5   
ALA CA    HA     sing N N 6   
ALA C     O      doub N N 7   
ALA C     OXT    sing N N 8   
ALA CB    HB1    sing N N 9   
ALA CB    HB2    sing N N 10  
ALA CB    HB3    sing N N 11  
ALA OXT   HXT    sing N N 12  
ARG N     CA     sing N N 13  
ARG N     H      sing N N 14  
ARG N     H2     sing N N 15  
ARG CA    C      sing N N 16  
ARG CA    CB     sing N N 17  
ARG CA    HA     sing N N 18  
ARG C     O      doub N N 19  
ARG C     OXT    sing N N 20  
ARG CB    CG     sing N N 21  
ARG CB    HB2    sing N N 22  
ARG CB    HB3    sing N N 23  
ARG CG    CD     sing N N 24  
ARG CG    HG2    sing N N 25  
ARG CG    HG3    sing N N 26  
ARG CD    NE     sing N N 27  
ARG CD    HD2    sing N N 28  
ARG CD    HD3    sing N N 29  
ARG NE    CZ     sing N N 30  
ARG NE    HE     sing N N 31  
ARG CZ    NH1    sing N N 32  
ARG CZ    NH2    doub N N 33  
ARG NH1   HH11   sing N N 34  
ARG NH1   HH12   sing N N 35  
ARG NH2   HH21   sing N N 36  
ARG NH2   HH22   sing N N 37  
ARG OXT   HXT    sing N N 38  
ASP N     CA     sing N N 39  
ASP N     H      sing N N 40  
ASP N     H2     sing N N 41  
ASP CA    C      sing N N 42  
ASP CA    CB     sing N N 43  
ASP CA    HA     sing N N 44  
ASP C     O      doub N N 45  
ASP C     OXT    sing N N 46  
ASP CB    CG     sing N N 47  
ASP CB    HB2    sing N N 48  
ASP CB    HB3    sing N N 49  
ASP CG    OD1    doub N N 50  
ASP CG    OD2    sing N N 51  
ASP OD2   HD2    sing N N 52  
ASP OXT   HXT    sing N N 53  
DA  OP3   P      sing N N 54  
DA  OP3   HOP3   sing N N 55  
DA  P     OP1    doub N N 56  
DA  P     OP2    sing N N 57  
DA  P     "O5'"  sing N N 58  
DA  OP2   HOP2   sing N N 59  
DA  "O5'" "C5'"  sing N N 60  
DA  "C5'" "C4'"  sing N N 61  
DA  "C5'" "H5'"  sing N N 62  
DA  "C5'" "H5''" sing N N 63  
DA  "C4'" "O4'"  sing N N 64  
DA  "C4'" "C3'"  sing N N 65  
DA  "C4'" "H4'"  sing N N 66  
DA  "O4'" "C1'"  sing N N 67  
DA  "C3'" "O3'"  sing N N 68  
DA  "C3'" "C2'"  sing N N 69  
DA  "C3'" "H3'"  sing N N 70  
DA  "O3'" "HO3'" sing N N 71  
DA  "C2'" "C1'"  sing N N 72  
DA  "C2'" "H2'"  sing N N 73  
DA  "C2'" "H2''" sing N N 74  
DA  "C1'" N9     sing N N 75  
DA  "C1'" "H1'"  sing N N 76  
DA  N9    C8     sing Y N 77  
DA  N9    C4     sing Y N 78  
DA  C8    N7     doub Y N 79  
DA  C8    H8     sing N N 80  
DA  N7    C5     sing Y N 81  
DA  C5    C6     sing Y N 82  
DA  C5    C4     doub Y N 83  
DA  C6    N6     sing N N 84  
DA  C6    N1     doub Y N 85  
DA  N6    H61    sing N N 86  
DA  N6    H62    sing N N 87  
DA  N1    C2     sing Y N 88  
DA  C2    N3     doub Y N 89  
DA  C2    H2     sing N N 90  
DA  N3    C4     sing Y N 91  
DC  OP3   P      sing N N 92  
DC  OP3   HOP3   sing N N 93  
DC  P     OP1    doub N N 94  
DC  P     OP2    sing N N 95  
DC  P     "O5'"  sing N N 96  
DC  OP2   HOP2   sing N N 97  
DC  "O5'" "C5'"  sing N N 98  
DC  "C5'" "C4'"  sing N N 99  
DC  "C5'" "H5'"  sing N N 100 
DC  "C5'" "H5''" sing N N 101 
DC  "C4'" "O4'"  sing N N 102 
DC  "C4'" "C3'"  sing N N 103 
DC  "C4'" "H4'"  sing N N 104 
DC  "O4'" "C1'"  sing N N 105 
DC  "C3'" "O3'"  sing N N 106 
DC  "C3'" "C2'"  sing N N 107 
DC  "C3'" "H3'"  sing N N 108 
DC  "O3'" "HO3'" sing N N 109 
DC  "C2'" "C1'"  sing N N 110 
DC  "C2'" "H2'"  sing N N 111 
DC  "C2'" "H2''" sing N N 112 
DC  "C1'" N1     sing N N 113 
DC  "C1'" "H1'"  sing N N 114 
DC  N1    C2     sing N N 115 
DC  N1    C6     sing N N 116 
DC  C2    O2     doub N N 117 
DC  C2    N3     sing N N 118 
DC  N3    C4     doub N N 119 
DC  C4    N4     sing N N 120 
DC  C4    C5     sing N N 121 
DC  N4    H41    sing N N 122 
DC  N4    H42    sing N N 123 
DC  C5    C6     doub N N 124 
DC  C5    H5     sing N N 125 
DC  C6    H6     sing N N 126 
DG  OP3   P      sing N N 127 
DG  OP3   HOP3   sing N N 128 
DG  P     OP1    doub N N 129 
DG  P     OP2    sing N N 130 
DG  P     "O5'"  sing N N 131 
DG  OP2   HOP2   sing N N 132 
DG  "O5'" "C5'"  sing N N 133 
DG  "C5'" "C4'"  sing N N 134 
DG  "C5'" "H5'"  sing N N 135 
DG  "C5'" "H5''" sing N N 136 
DG  "C4'" "O4'"  sing N N 137 
DG  "C4'" "C3'"  sing N N 138 
DG  "C4'" "H4'"  sing N N 139 
DG  "O4'" "C1'"  sing N N 140 
DG  "C3'" "O3'"  sing N N 141 
DG  "C3'" "C2'"  sing N N 142 
DG  "C3'" "H3'"  sing N N 143 
DG  "O3'" "HO3'" sing N N 144 
DG  "C2'" "C1'"  sing N N 145 
DG  "C2'" "H2'"  sing N N 146 
DG  "C2'" "H2''" sing N N 147 
DG  "C1'" N9     sing N N 148 
DG  "C1'" "H1'"  sing N N 149 
DG  N9    C8     sing Y N 150 
DG  N9    C4     sing Y N 151 
DG  C8    N7     doub Y N 152 
DG  C8    H8     sing N N 153 
DG  N7    C5     sing Y N 154 
DG  C5    C6     sing N N 155 
DG  C5    C4     doub Y N 156 
DG  C6    O6     doub N N 157 
DG  C6    N1     sing N N 158 
DG  N1    C2     sing N N 159 
DG  N1    H1     sing N N 160 
DG  C2    N2     sing N N 161 
DG  C2    N3     doub N N 162 
DG  N2    H21    sing N N 163 
DG  N2    H22    sing N N 164 
DG  N3    C4     sing N N 165 
DT  OP3   P      sing N N 166 
DT  OP3   HOP3   sing N N 167 
DT  P     OP1    doub N N 168 
DT  P     OP2    sing N N 169 
DT  P     "O5'"  sing N N 170 
DT  OP2   HOP2   sing N N 171 
DT  "O5'" "C5'"  sing N N 172 
DT  "C5'" "C4'"  sing N N 173 
DT  "C5'" "H5'"  sing N N 174 
DT  "C5'" "H5''" sing N N 175 
DT  "C4'" "O4'"  sing N N 176 
DT  "C4'" "C3'"  sing N N 177 
DT  "C4'" "H4'"  sing N N 178 
DT  "O4'" "C1'"  sing N N 179 
DT  "C3'" "O3'"  sing N N 180 
DT  "C3'" "C2'"  sing N N 181 
DT  "C3'" "H3'"  sing N N 182 
DT  "O3'" "HO3'" sing N N 183 
DT  "C2'" "C1'"  sing N N 184 
DT  "C2'" "H2'"  sing N N 185 
DT  "C2'" "H2''" sing N N 186 
DT  "C1'" N1     sing N N 187 
DT  "C1'" "H1'"  sing N N 188 
DT  N1    C2     sing N N 189 
DT  N1    C6     sing N N 190 
DT  C2    O2     doub N N 191 
DT  C2    N3     sing N N 192 
DT  N3    C4     sing N N 193 
DT  N3    H3     sing N N 194 
DT  C4    O4     doub N N 195 
DT  C4    C5     sing N N 196 
DT  C5    C7     sing N N 197 
DT  C5    C6     doub N N 198 
DT  C7    H71    sing N N 199 
DT  C7    H72    sing N N 200 
DT  C7    H73    sing N N 201 
DT  C6    H6     sing N N 202 
GLN N     CA     sing N N 203 
GLN N     H      sing N N 204 
GLN N     H2     sing N N 205 
GLN CA    C      sing N N 206 
GLN CA    CB     sing N N 207 
GLN CA    HA     sing N N 208 
GLN C     O      doub N N 209 
GLN C     OXT    sing N N 210 
GLN CB    CG     sing N N 211 
GLN CB    HB2    sing N N 212 
GLN CB    HB3    sing N N 213 
GLN CG    CD     sing N N 214 
GLN CG    HG2    sing N N 215 
GLN CG    HG3    sing N N 216 
GLN CD    OE1    doub N N 217 
GLN CD    NE2    sing N N 218 
GLN NE2   HE21   sing N N 219 
GLN NE2   HE22   sing N N 220 
GLN OXT   HXT    sing N N 221 
GLU N     CA     sing N N 222 
GLU N     H      sing N N 223 
GLU N     H2     sing N N 224 
GLU CA    C      sing N N 225 
GLU CA    CB     sing N N 226 
GLU CA    HA     sing N N 227 
GLU C     O      doub N N 228 
GLU C     OXT    sing N N 229 
GLU CB    CG     sing N N 230 
GLU CB    HB2    sing N N 231 
GLU CB    HB3    sing N N 232 
GLU CG    CD     sing N N 233 
GLU CG    HG2    sing N N 234 
GLU CG    HG3    sing N N 235 
GLU CD    OE1    doub N N 236 
GLU CD    OE2    sing N N 237 
GLU OE2   HE2    sing N N 238 
GLU OXT   HXT    sing N N 239 
GLY N     CA     sing N N 240 
GLY N     H      sing N N 241 
GLY N     H2     sing N N 242 
GLY CA    C      sing N N 243 
GLY CA    HA2    sing N N 244 
GLY CA    HA3    sing N N 245 
GLY C     O      doub N N 246 
GLY C     OXT    sing N N 247 
GLY OXT   HXT    sing N N 248 
HOH O     H1     sing N N 249 
HOH O     H2     sing N N 250 
ILE N     CA     sing N N 251 
ILE N     H      sing N N 252 
ILE N     H2     sing N N 253 
ILE CA    C      sing N N 254 
ILE CA    CB     sing N N 255 
ILE CA    HA     sing N N 256 
ILE C     O      doub N N 257 
ILE C     OXT    sing N N 258 
ILE CB    CG1    sing N N 259 
ILE CB    CG2    sing N N 260 
ILE CB    HB     sing N N 261 
ILE CG1   CD1    sing N N 262 
ILE CG1   HG12   sing N N 263 
ILE CG1   HG13   sing N N 264 
ILE CG2   HG21   sing N N 265 
ILE CG2   HG22   sing N N 266 
ILE CG2   HG23   sing N N 267 
ILE CD1   HD11   sing N N 268 
ILE CD1   HD12   sing N N 269 
ILE CD1   HD13   sing N N 270 
ILE OXT   HXT    sing N N 271 
LEU N     CA     sing N N 272 
LEU N     H      sing N N 273 
LEU N     H2     sing N N 274 
LEU CA    C      sing N N 275 
LEU CA    CB     sing N N 276 
LEU CA    HA     sing N N 277 
LEU C     O      doub N N 278 
LEU C     OXT    sing N N 279 
LEU CB    CG     sing N N 280 
LEU CB    HB2    sing N N 281 
LEU CB    HB3    sing N N 282 
LEU CG    CD1    sing N N 283 
LEU CG    CD2    sing N N 284 
LEU CG    HG     sing N N 285 
LEU CD1   HD11   sing N N 286 
LEU CD1   HD12   sing N N 287 
LEU CD1   HD13   sing N N 288 
LEU CD2   HD21   sing N N 289 
LEU CD2   HD22   sing N N 290 
LEU CD2   HD23   sing N N 291 
LEU OXT   HXT    sing N N 292 
LYS N     CA     sing N N 293 
LYS N     H      sing N N 294 
LYS N     H2     sing N N 295 
LYS CA    C      sing N N 296 
LYS CA    CB     sing N N 297 
LYS CA    HA     sing N N 298 
LYS C     O      doub N N 299 
LYS C     OXT    sing N N 300 
LYS CB    CG     sing N N 301 
LYS CB    HB2    sing N N 302 
LYS CB    HB3    sing N N 303 
LYS CG    CD     sing N N 304 
LYS CG    HG2    sing N N 305 
LYS CG    HG3    sing N N 306 
LYS CD    CE     sing N N 307 
LYS CD    HD2    sing N N 308 
LYS CD    HD3    sing N N 309 
LYS CE    NZ     sing N N 310 
LYS CE    HE2    sing N N 311 
LYS CE    HE3    sing N N 312 
LYS NZ    HZ1    sing N N 313 
LYS NZ    HZ2    sing N N 314 
LYS NZ    HZ3    sing N N 315 
LYS OXT   HXT    sing N N 316 
MET N     CA     sing N N 317 
MET N     H      sing N N 318 
MET N     H2     sing N N 319 
MET CA    C      sing N N 320 
MET CA    CB     sing N N 321 
MET CA    HA     sing N N 322 
MET C     O      doub N N 323 
MET C     OXT    sing N N 324 
MET CB    CG     sing N N 325 
MET CB    HB2    sing N N 326 
MET CB    HB3    sing N N 327 
MET CG    SD     sing N N 328 
MET CG    HG2    sing N N 329 
MET CG    HG3    sing N N 330 
MET SD    CE     sing N N 331 
MET CE    HE1    sing N N 332 
MET CE    HE2    sing N N 333 
MET CE    HE3    sing N N 334 
MET OXT   HXT    sing N N 335 
PHE N     CA     sing N N 336 
PHE N     H      sing N N 337 
PHE N     H2     sing N N 338 
PHE CA    C      sing N N 339 
PHE CA    CB     sing N N 340 
PHE CA    HA     sing N N 341 
PHE C     O      doub N N 342 
PHE C     OXT    sing N N 343 
PHE CB    CG     sing N N 344 
PHE CB    HB2    sing N N 345 
PHE CB    HB3    sing N N 346 
PHE CG    CD1    doub Y N 347 
PHE CG    CD2    sing Y N 348 
PHE CD1   CE1    sing Y N 349 
PHE CD1   HD1    sing N N 350 
PHE CD2   CE2    doub Y N 351 
PHE CD2   HD2    sing N N 352 
PHE CE1   CZ     doub Y N 353 
PHE CE1   HE1    sing N N 354 
PHE CE2   CZ     sing Y N 355 
PHE CE2   HE2    sing N N 356 
PHE CZ    HZ     sing N N 357 
PHE OXT   HXT    sing N N 358 
PRO N     CA     sing N N 359 
PRO N     CD     sing N N 360 
PRO N     H      sing N N 361 
PRO CA    C      sing N N 362 
PRO CA    CB     sing N N 363 
PRO CA    HA     sing N N 364 
PRO C     O      doub N N 365 
PRO C     OXT    sing N N 366 
PRO CB    CG     sing N N 367 
PRO CB    HB2    sing N N 368 
PRO CB    HB3    sing N N 369 
PRO CG    CD     sing N N 370 
PRO CG    HG2    sing N N 371 
PRO CG    HG3    sing N N 372 
PRO CD    HD2    sing N N 373 
PRO CD    HD3    sing N N 374 
PRO OXT   HXT    sing N N 375 
SER N     CA     sing N N 376 
SER N     H      sing N N 377 
SER N     H2     sing N N 378 
SER CA    C      sing N N 379 
SER CA    CB     sing N N 380 
SER CA    HA     sing N N 381 
SER C     O      doub N N 382 
SER C     OXT    sing N N 383 
SER CB    OG     sing N N 384 
SER CB    HB2    sing N N 385 
SER CB    HB3    sing N N 386 
SER OG    HG     sing N N 387 
SER OXT   HXT    sing N N 388 
THR N     CA     sing N N 389 
THR N     H      sing N N 390 
THR N     H2     sing N N 391 
THR CA    C      sing N N 392 
THR CA    CB     sing N N 393 
THR CA    HA     sing N N 394 
THR C     O      doub N N 395 
THR C     OXT    sing N N 396 
THR CB    OG1    sing N N 397 
THR CB    CG2    sing N N 398 
THR CB    HB     sing N N 399 
THR OG1   HG1    sing N N 400 
THR CG2   HG21   sing N N 401 
THR CG2   HG22   sing N N 402 
THR CG2   HG23   sing N N 403 
THR OXT   HXT    sing N N 404 
TRP N     CA     sing N N 405 
TRP N     H      sing N N 406 
TRP N     H2     sing N N 407 
TRP CA    C      sing N N 408 
TRP CA    CB     sing N N 409 
TRP CA    HA     sing N N 410 
TRP C     O      doub N N 411 
TRP C     OXT    sing N N 412 
TRP CB    CG     sing N N 413 
TRP CB    HB2    sing N N 414 
TRP CB    HB3    sing N N 415 
TRP CG    CD1    doub Y N 416 
TRP CG    CD2    sing Y N 417 
TRP CD1   NE1    sing Y N 418 
TRP CD1   HD1    sing N N 419 
TRP CD2   CE2    doub Y N 420 
TRP CD2   CE3    sing Y N 421 
TRP NE1   CE2    sing Y N 422 
TRP NE1   HE1    sing N N 423 
TRP CE2   CZ2    sing Y N 424 
TRP CE3   CZ3    doub Y N 425 
TRP CE3   HE3    sing N N 426 
TRP CZ2   CH2    doub Y N 427 
TRP CZ2   HZ2    sing N N 428 
TRP CZ3   CH2    sing Y N 429 
TRP CZ3   HZ3    sing N N 430 
TRP CH2   HH2    sing N N 431 
TRP OXT   HXT    sing N N 432 
TYR N     CA     sing N N 433 
TYR N     H      sing N N 434 
TYR N     H2     sing N N 435 
TYR CA    C      sing N N 436 
TYR CA    CB     sing N N 437 
TYR CA    HA     sing N N 438 
TYR C     O      doub N N 439 
TYR C     OXT    sing N N 440 
TYR CB    CG     sing N N 441 
TYR CB    HB2    sing N N 442 
TYR CB    HB3    sing N N 443 
TYR CG    CD1    doub Y N 444 
TYR CG    CD2    sing Y N 445 
TYR CD1   CE1    sing Y N 446 
TYR CD1   HD1    sing N N 447 
TYR CD2   CE2    doub Y N 448 
TYR CD2   HD2    sing N N 449 
TYR CE1   CZ     doub Y N 450 
TYR CE1   HE1    sing N N 451 
TYR CE2   CZ     sing Y N 452 
TYR CE2   HE2    sing N N 453 
TYR CZ    OH     sing N N 454 
TYR OH    HH     sing N N 455 
TYR OXT   HXT    sing N N 456 
VAL N     CA     sing N N 457 
VAL N     H      sing N N 458 
VAL N     H2     sing N N 459 
VAL CA    C      sing N N 460 
VAL CA    CB     sing N N 461 
VAL CA    HA     sing N N 462 
VAL C     O      doub N N 463 
VAL C     OXT    sing N N 464 
VAL CB    CG1    sing N N 465 
VAL CB    CG2    sing N N 466 
VAL CB    HB     sing N N 467 
VAL CG1   HG11   sing N N 468 
VAL CG1   HG12   sing N N 469 
VAL CG1   HG13   sing N N 470 
VAL CG2   HG21   sing N N 471 
VAL CG2   HG22   sing N N 472 
VAL CG2   HG23   sing N N 473 
VAL OXT   HXT    sing N N 474 
# 
loop_
_ndb_struct_conf_na.entry_id 
_ndb_struct_conf_na.feature 
1BNZ 'double helix'        
1BNZ 'b-form double helix' 
# 
loop_
_ndb_struct_na_base_pair.model_number 
_ndb_struct_na_base_pair.i_label_asym_id 
_ndb_struct_na_base_pair.i_label_comp_id 
_ndb_struct_na_base_pair.i_label_seq_id 
_ndb_struct_na_base_pair.i_symmetry 
_ndb_struct_na_base_pair.j_label_asym_id 
_ndb_struct_na_base_pair.j_label_comp_id 
_ndb_struct_na_base_pair.j_label_seq_id 
_ndb_struct_na_base_pair.j_symmetry 
_ndb_struct_na_base_pair.shear 
_ndb_struct_na_base_pair.stretch 
_ndb_struct_na_base_pair.stagger 
_ndb_struct_na_base_pair.buckle 
_ndb_struct_na_base_pair.propeller 
_ndb_struct_na_base_pair.opening 
_ndb_struct_na_base_pair.pair_number 
_ndb_struct_na_base_pair.pair_name 
_ndb_struct_na_base_pair.i_auth_asym_id 
_ndb_struct_na_base_pair.i_auth_seq_id 
_ndb_struct_na_base_pair.i_PDB_ins_code 
_ndb_struct_na_base_pair.j_auth_asym_id 
_ndb_struct_na_base_pair.j_auth_seq_id 
_ndb_struct_na_base_pair.j_PDB_ins_code 
_ndb_struct_na_base_pair.hbond_type_28 
_ndb_struct_na_base_pair.hbond_type_12 
1 A DG 1 1_555 B DC 8 1_555 -0.431 0.004  0.023  -4.937  -0.869  1.894  1 B_DG66:DC81_C B 66 ? C 81 ? 19 1 
1 A DT 2 1_555 B DA 7 1_555 -0.145 -0.170 -0.078 6.467   -2.133  2.064  2 B_DT67:DA80_C B 67 ? C 80 ? 20 1 
1 A DA 3 1_555 B DT 6 1_555 0.048  -0.288 0.361  20.316  -8.574  -3.251 3 B_DA68:DT79_C B 68 ? C 79 ? 20 1 
1 A DA 4 1_555 B DT 5 1_555 0.103  0.109  0.168  -20.326 10.130  -3.909 4 B_DA69:DT78_C B 69 ? C 78 ? 20 1 
1 A DT 5 1_555 B DA 4 1_555 -0.081 -0.120 -0.066 4.450   -7.485  1.682  5 B_DT70:DA77_C B 70 ? C 77 ? 20 1 
1 A DT 6 1_555 B DA 3 1_555 -0.090 -0.126 0.084  -0.893  -15.288 1.324  6 B_DT71:DA76_C B 71 ? C 76 ? 20 1 
1 A DA 7 1_555 B DT 2 1_555 -0.405 -0.389 0.176  5.977   -7.726  0.928  7 B_DA72:DT75_C B 72 ? C 75 ? 20 1 
1 A DC 8 1_555 B DG 1 1_555 -0.039 -0.015 -0.345 11.927  -5.135  2.691  8 B_DC73:DG74_C B 73 ? C 74 ? 19 1 
# 
loop_
_ndb_struct_na_base_pair_step.model_number 
_ndb_struct_na_base_pair_step.i_label_asym_id_1 
_ndb_struct_na_base_pair_step.i_label_comp_id_1 
_ndb_struct_na_base_pair_step.i_label_seq_id_1 
_ndb_struct_na_base_pair_step.i_symmetry_1 
_ndb_struct_na_base_pair_step.j_label_asym_id_1 
_ndb_struct_na_base_pair_step.j_label_comp_id_1 
_ndb_struct_na_base_pair_step.j_label_seq_id_1 
_ndb_struct_na_base_pair_step.j_symmetry_1 
_ndb_struct_na_base_pair_step.i_label_asym_id_2 
_ndb_struct_na_base_pair_step.i_label_comp_id_2 
_ndb_struct_na_base_pair_step.i_label_seq_id_2 
_ndb_struct_na_base_pair_step.i_symmetry_2 
_ndb_struct_na_base_pair_step.j_label_asym_id_2 
_ndb_struct_na_base_pair_step.j_label_comp_id_2 
_ndb_struct_na_base_pair_step.j_label_seq_id_2 
_ndb_struct_na_base_pair_step.j_symmetry_2 
_ndb_struct_na_base_pair_step.shift 
_ndb_struct_na_base_pair_step.slide 
_ndb_struct_na_base_pair_step.rise 
_ndb_struct_na_base_pair_step.tilt 
_ndb_struct_na_base_pair_step.roll 
_ndb_struct_na_base_pair_step.twist 
_ndb_struct_na_base_pair_step.x_displacement 
_ndb_struct_na_base_pair_step.y_displacement 
_ndb_struct_na_base_pair_step.helical_rise 
_ndb_struct_na_base_pair_step.inclination 
_ndb_struct_na_base_pair_step.tip 
_ndb_struct_na_base_pair_step.helical_twist 
_ndb_struct_na_base_pair_step.step_number 
_ndb_struct_na_base_pair_step.step_name 
_ndb_struct_na_base_pair_step.i_auth_asym_id_1 
_ndb_struct_na_base_pair_step.i_auth_seq_id_1 
_ndb_struct_na_base_pair_step.i_PDB_ins_code_1 
_ndb_struct_na_base_pair_step.j_auth_asym_id_1 
_ndb_struct_na_base_pair_step.j_auth_seq_id_1 
_ndb_struct_na_base_pair_step.j_PDB_ins_code_1 
_ndb_struct_na_base_pair_step.i_auth_asym_id_2 
_ndb_struct_na_base_pair_step.i_auth_seq_id_2 
_ndb_struct_na_base_pair_step.i_PDB_ins_code_2 
_ndb_struct_na_base_pair_step.j_auth_asym_id_2 
_ndb_struct_na_base_pair_step.j_auth_seq_id_2 
_ndb_struct_na_base_pair_step.j_PDB_ins_code_2 
1 A DG 1 1_555 B DC 8 1_555 A DT 2 1_555 B DA 7 1_555 -0.203 -0.420 3.149 0.713  1.737  28.370 -1.238 0.570  3.112 3.539  -1.453 
28.431 1 BB_DG66DT67:DA80DC81_CC B 66 ? C 81 ? B 67 ? C 80 ? 
1 A DT 2 1_555 B DA 7 1_555 A DA 3 1_555 B DT 6 1_555 -0.147 0.252  3.191 -1.922 3.816  25.662 -0.470 -0.193 3.196 8.516  4.289  
26.010 2 BB_DT67DA68:DT79DA80_CC B 67 ? C 80 ? B 68 ? C 79 ? 
1 A DA 3 1_555 B DT 6 1_555 A DA 4 1_555 B DT 5 1_555 0.146  0.952  5.928 -2.374 54.144 27.564 -4.736 -0.394 3.643 64.972 2.849  
60.326 3 BB_DA68DA69:DT78DT79_CC B 68 ? C 79 ? B 69 ? C 78 ? 
1 A DA 4 1_555 B DT 5 1_555 A DT 5 1_555 B DA 4 1_555 0.390  -0.308 2.950 -0.335 8.927  20.662 -3.694 -1.109 2.586 23.521 0.883  
22.491 4 BB_DA69DT70:DA77DT78_CC B 69 ? C 78 ? B 70 ? C 77 ? 
1 A DT 5 1_555 B DA 4 1_555 A DT 6 1_555 B DA 3 1_555 0.031  -0.520 3.533 0.282  2.095  30.804 -1.415 0.001  3.491 3.939  -0.529 
30.875 5 BB_DT70DT71:DA76DA77_CC B 70 ? C 77 ? B 71 ? C 76 ? 
1 A DT 6 1_555 B DA 3 1_555 A DA 7 1_555 B DT 2 1_555 -0.200 0.734  3.269 -1.342 4.035  37.107 0.607  0.132  3.332 6.315  2.100  
37.342 6 BB_DT71DA72:DT75DA76_CC B 71 ? C 76 ? B 72 ? C 75 ? 
1 A DA 7 1_555 B DT 2 1_555 A DC 8 1_555 B DG 1 1_555 0.220  -0.278 3.243 4.435  2.516  29.103 -1.077 0.503  3.206 4.959  -8.740 
29.537 7 BB_DA72DC73:DG74DT75_CC B 72 ? C 75 ? B 73 ? C 74 ? 
# 
_atom_sites.entry_id                    1BNZ 
_atom_sites.fract_transf_matrix[1][1]   -0.01323103 
_atom_sites.fract_transf_matrix[1][2]   -0.01059369 
_atom_sites.fract_transf_matrix[1][3]   0.01241167 
_atom_sites.fract_transf_matrix[2][1]   -0.01052518 
_atom_sites.fract_transf_matrix[2][2]   -0.00533299 
_atom_sites.fract_transf_matrix[2][3]   -0.01577186 
_atom_sites.fract_transf_matrix[3][1]   0.01340298 
_atom_sites.fract_transf_matrix[3][2]   -0.01949559 
_atom_sites.fract_transf_matrix[3][3]   -0.00235222 
_atom_sites.fract_transf_vector[1]      -0.014843 
_atom_sites.fract_transf_vector[2]      0.429324 
_atom_sites.fract_transf_vector[3]      0.315573 
# 
loop_
_atom_type.symbol 
C 
H 
N 
O 
P 
S 
# 
loop_
_atom_site.group_PDB 
_atom_site.id 
_atom_site.type_symbol 
_atom_site.label_atom_id 
_atom_site.label_alt_id 
_atom_site.label_comp_id 
_atom_site.label_asym_id 
_atom_site.label_entity_id 
_atom_site.label_seq_id 
_atom_site.pdbx_PDB_ins_code 
_atom_site.Cartn_x 
_atom_site.Cartn_y 
_atom_site.Cartn_z 
_atom_site.occupancy 
_atom_site.B_iso_or_equiv 
_atom_site.pdbx_formal_charge 
_atom_site.auth_seq_id 
_atom_site.auth_comp_id 
_atom_site.auth_asym_id 
_atom_site.auth_atom_id 
_atom_site.pdbx_PDB_model_num 
ATOM   1    O "O5'"  . DG  A 1 1  ? 18.055  -17.135 9.363   1.00 49.24 ? 66   DG  B "O5'"  1 
ATOM   2    C "C5'"  . DG  A 1 1  ? 17.667  -18.347 10.018  1.00 43.55 ? 66   DG  B "C5'"  1 
ATOM   3    C "C4'"  . DG  A 1 1  ? 16.382  -18.197 10.801  1.00 42.74 ? 66   DG  B "C4'"  1 
ATOM   4    O "O4'"  . DG  A 1 1  ? 16.232  -16.825 11.225  1.00 41.60 ? 66   DG  B "O4'"  1 
ATOM   5    C "C3'"  . DG  A 1 1  ? 15.123  -18.527 10.008  1.00 44.37 ? 66   DG  B "C3'"  1 
ATOM   6    O "O3'"  . DG  A 1 1  ? 14.155  -19.056 10.929  1.00 52.19 ? 66   DG  B "O3'"  1 
ATOM   7    C "C2'"  . DG  A 1 1  ? 14.689  -17.171 9.476   1.00 42.16 ? 66   DG  B "C2'"  1 
ATOM   8    C "C1'"  . DG  A 1 1  ? 15.118  -16.218 10.579  1.00 37.50 ? 66   DG  B "C1'"  1 
ATOM   9    N N9     . DG  A 1 1  ? 15.525  -14.876 10.160  1.00 30.67 ? 66   DG  B N9     1 
ATOM   10   C C8     . DG  A 1 1  ? 16.327  -14.524 9.101   1.00 28.08 ? 66   DG  B C8     1 
ATOM   11   N N7     . DG  A 1 1  ? 16.576  -13.239 9.049   1.00 26.81 ? 66   DG  B N7     1 
ATOM   12   C C5     . DG  A 1 1  ? 15.877  -12.710 10.133  1.00 27.40 ? 66   DG  B C5     1 
ATOM   13   C C6     . DG  A 1 1  ? 15.764  -11.359 10.611  1.00 25.03 ? 66   DG  B C6     1 
ATOM   14   O O6     . DG  A 1 1  ? 16.307  -10.338 10.174  1.00 24.64 ? 66   DG  B O6     1 
ATOM   15   N N1     . DG  A 1 1  ? 14.926  -11.273 11.722  1.00 19.60 ? 66   DG  B N1     1 
ATOM   16   C C2     . DG  A 1 1  ? 14.283  -12.337 12.302  1.00 23.19 ? 66   DG  B C2     1 
ATOM   17   N N2     . DG  A 1 1  ? 13.481  -12.056 13.333  1.00 23.62 ? 66   DG  B N2     1 
ATOM   18   N N3     . DG  A 1 1  ? 14.401  -13.594 11.893  1.00 26.40 ? 66   DG  B N3     1 
ATOM   19   C C4     . DG  A 1 1  ? 15.203  -13.704 10.810  1.00 27.93 ? 66   DG  B C4     1 
ATOM   20   H H1     . DG  A 1 1  ? 14.781  -10.359 12.126  1.00 0.00  ? 66   DG  B H1     1 
ATOM   21   H H21    . DG  A 1 1  ? 12.971  -12.796 13.792  1.00 0.00  ? 66   DG  B H21    1 
ATOM   22   H H22    . DG  A 1 1  ? 13.385  -11.102 13.654  1.00 0.00  ? 66   DG  B H22    1 
ATOM   23   H "HO5'" . DG  A 1 1  ? 18.187  -16.473 10.046  1.00 0.00  ? 66   DG  B "HO5'" 1 
ATOM   24   P P      . DT  A 1 2  ? 12.692  -19.473 10.409  1.00 55.00 ? 67   DT  B P      1 
ATOM   25   O OP1    . DT  A 1 2  ? 12.149  -20.549 11.279  1.00 52.96 ? 67   DT  B OP1    1 
ATOM   26   O OP2    . DT  A 1 2  ? 12.770  -19.679 8.930   1.00 56.83 ? 67   DT  B OP2    1 
ATOM   27   O "O5'"  . DT  A 1 2  ? 11.839  -18.171 10.700  1.00 50.96 ? 67   DT  B "O5'"  1 
ATOM   28   C "C5'"  . DT  A 1 2  ? 11.612  -17.755 12.049  1.00 48.02 ? 67   DT  B "C5'"  1 
ATOM   29   C "C4'"  . DT  A 1 2  ? 10.580  -16.657 12.070  1.00 42.46 ? 67   DT  B "C4'"  1 
ATOM   30   O "O4'"  . DT  A 1 2  ? 11.254  -15.446 11.699  1.00 36.61 ? 67   DT  B "O4'"  1 
ATOM   31   C "C3'"  . DT  A 1 2  ? 9.505   -16.887 11.007  1.00 40.08 ? 67   DT  B "C3'"  1 
ATOM   32   O "O3'"  . DT  A 1 2  ? 8.270   -17.222 11.662  1.00 41.10 ? 67   DT  B "O3'"  1 
ATOM   33   C "C2'"  . DT  A 1 2  ? 9.435   -15.577 10.234  1.00 35.12 ? 67   DT  B "C2'"  1 
ATOM   34   C "C1'"  . DT  A 1 2  ? 10.374  -14.630 10.964  1.00 31.29 ? 67   DT  B "C1'"  1 
ATOM   35   N N1     . DT  A 1 2  ? 11.196  -13.730 10.126  1.00 27.65 ? 67   DT  B N1     1 
ATOM   36   C C2     . DT  A 1 2  ? 11.294  -12.411 10.531  1.00 24.00 ? 67   DT  B C2     1 
ATOM   37   O O2     . DT  A 1 2  ? 10.690  -11.969 11.498  1.00 29.26 ? 67   DT  B O2     1 
ATOM   38   N N3     . DT  A 1 2  ? 12.114  -11.630 9.760   1.00 16.53 ? 67   DT  B N3     1 
ATOM   39   C C4     . DT  A 1 2  ? 12.809  -12.014 8.639   1.00 17.22 ? 67   DT  B C4     1 
ATOM   40   O O4     . DT  A 1 2  ? 13.514  -11.194 8.048   1.00 19.53 ? 67   DT  B O4     1 
ATOM   41   C C5     . DT  A 1 2  ? 12.639  -13.403 8.248   1.00 19.16 ? 67   DT  B C5     1 
ATOM   42   C C7     . DT  A 1 2  ? 13.338  -13.900 7.020   1.00 22.25 ? 67   DT  B C7     1 
ATOM   43   C C6     . DT  A 1 2  ? 11.856  -14.183 9.004   1.00 20.01 ? 67   DT  B C6     1 
ATOM   44   H H3     . DT  A 1 2  ? 12.223  -10.667 10.050  1.00 0.00  ? 67   DT  B H3     1 
ATOM   45   P P      . DA  A 1 3  ? 7.098   -17.945 10.834  1.00 45.30 ? 68   DA  B P      1 
ATOM   46   O OP1    . DA  A 1 3  ? 6.393   -18.946 11.672  1.00 42.89 ? 68   DA  B OP1    1 
ATOM   47   O OP2    . DA  A 1 3  ? 7.687   -18.362 9.539   1.00 48.09 ? 68   DA  B OP2    1 
ATOM   48   O "O5'"  . DA  A 1 3  ? 6.082   -16.748 10.582  1.00 44.15 ? 68   DA  B "O5'"  1 
ATOM   49   C "C5'"  . DA  A 1 3  ? 5.652   -15.938 11.689  1.00 42.70 ? 68   DA  B "C5'"  1 
ATOM   50   C "C4'"  . DA  A 1 3  ? 5.326   -14.541 11.222  1.00 37.30 ? 68   DA  B "C4'"  1 
ATOM   51   O "O4'"  . DA  A 1 3  ? 6.517   -13.811 10.884  1.00 35.52 ? 68   DA  B "O4'"  1 
ATOM   52   C "C3'"  . DA  A 1 3  ? 4.488   -14.534 9.956   1.00 36.17 ? 68   DA  B "C3'"  1 
ATOM   53   O "O3'"  . DA  A 1 3  ? 3.099   -14.556 10.291  1.00 37.58 ? 68   DA  B "O3'"  1 
ATOM   54   C "C2'"  . DA  A 1 3  ? 4.858   -13.209 9.312   1.00 36.01 ? 68   DA  B "C2'"  1 
ATOM   55   C "C1'"  . DA  A 1 3  ? 6.131   -12.750 10.025  1.00 33.14 ? 68   DA  B "C1'"  1 
ATOM   56   N N9     . DA  A 1 3  ? 7.238   -12.448 9.112   1.00 26.13 ? 68   DA  B N9     1 
ATOM   57   C C8     . DA  A 1 3  ? 7.769   -13.236 8.120   1.00 21.65 ? 68   DA  B C8     1 
ATOM   58   N N7     . DA  A 1 3  ? 8.685   -12.629 7.400   1.00 25.06 ? 68   DA  B N7     1 
ATOM   59   C C5     . DA  A 1 3  ? 8.779   -11.360 7.973   1.00 23.27 ? 68   DA  B C5     1 
ATOM   60   C C6     . DA  A 1 3  ? 9.556   -10.219 7.659   1.00 22.00 ? 68   DA  B C6     1 
ATOM   61   N N6     . DA  A 1 3  ? 10.409  -10.152 6.630   1.00 20.13 ? 68   DA  B N6     1 
ATOM   62   N N1     . DA  A 1 3  ? 9.411   -9.128  8.441   1.00 18.75 ? 68   DA  B N1     1 
ATOM   63   C C2     . DA  A 1 3  ? 8.545   -9.177  9.451   1.00 15.29 ? 68   DA  B C2     1 
ATOM   64   N N3     . DA  A 1 3  ? 7.758   -10.169 9.835   1.00 22.51 ? 68   DA  B N3     1 
ATOM   65   C C4     . DA  A 1 3  ? 7.919   -11.248 9.046   1.00 23.37 ? 68   DA  B C4     1 
ATOM   66   H H61    . DA  A 1 3  ? 10.526  -10.948 6.019   1.00 0.00  ? 68   DA  B H61    1 
ATOM   67   H H62    . DA  A 1 3  ? 10.938  -9.307  6.464   1.00 0.00  ? 68   DA  B H62    1 
ATOM   68   P P      . DA  A 1 4  ? 2.054   -15.281 9.307   1.00 39.30 ? 69   DA  B P      1 
ATOM   69   O OP1    . DA  A 1 4  ? 0.816   -15.543 10.073  1.00 38.40 ? 69   DA  B OP1    1 
ATOM   70   O OP2    . DA  A 1 4  ? 2.746   -16.399 8.619   1.00 37.78 ? 69   DA  B OP2    1 
ATOM   71   O "O5'"  . DA  A 1 4  ? 1.748   -14.175 8.203   1.00 34.37 ? 69   DA  B "O5'"  1 
ATOM   72   C "C5'"  . DA  A 1 4  ? 0.985   -13.004 8.518   1.00 29.21 ? 69   DA  B "C5'"  1 
ATOM   73   C "C4'"  . DA  A 1 4  ? 0.530   -12.348 7.239   1.00 27.86 ? 69   DA  B "C4'"  1 
ATOM   74   O "O4'"  . DA  A 1 4  ? 1.692   -11.868 6.528   1.00 26.30 ? 69   DA  B "O4'"  1 
ATOM   75   C "C3'"  . DA  A 1 4  ? -0.138  -13.359 6.309   1.00 30.24 ? 69   DA  B "C3'"  1 
ATOM   76   O "O3'"  . DA  A 1 4  ? -1.128  -12.697 5.524   1.00 32.01 ? 69   DA  B "O3'"  1 
ATOM   77   C "C2'"  . DA  A 1 4  ? 1.000   -13.822 5.418   1.00 28.31 ? 69   DA  B "C2'"  1 
ATOM   78   C "C1'"  . DA  A 1 4  ? 1.853   -12.570 5.300   1.00 25.89 ? 69   DA  B "C1'"  1 
ATOM   79   N N9     . DA  A 1 4  ? 3.283   -12.810 5.106   1.00 19.66 ? 69   DA  B N9     1 
ATOM   80   C C8     . DA  A 1 4  ? 4.063   -13.808 5.635   1.00 15.82 ? 69   DA  B C8     1 
ATOM   81   N N7     . DA  A 1 4  ? 5.337   -13.686 5.351   1.00 17.16 ? 69   DA  B N7     1 
ATOM   82   C C5     . DA  A 1 4  ? 5.395   -12.547 4.557   1.00 16.17 ? 69   DA  B C5     1 
ATOM   83   C C6     . DA  A 1 4  ? 6.459   -11.872 3.945   1.00 17.58 ? 69   DA  B C6     1 
ATOM   84   N N6     . DA  A 1 4  ? 7.731   -12.254 4.033   1.00 21.89 ? 69   DA  B N6     1 
ATOM   85   N N1     . DA  A 1 4  ? 6.170   -10.762 3.224   1.00 21.27 ? 69   DA  B N1     1 
ATOM   86   C C2     . DA  A 1 4  ? 4.892   -10.378 3.120   1.00 17.33 ? 69   DA  B C2     1 
ATOM   87   N N3     . DA  A 1 4  ? 3.811   -10.929 3.650   1.00 20.40 ? 69   DA  B N3     1 
ATOM   88   C C4     . DA  A 1 4  ? 4.134   -12.016 4.373   1.00 17.51 ? 69   DA  B C4     1 
ATOM   89   H H61    . DA  A 1 4  ? 7.976   -13.077 4.565   1.00 0.00  ? 69   DA  B H61    1 
ATOM   90   H H62    . DA  A 1 4  ? 8.452   -11.722 3.566   1.00 0.00  ? 69   DA  B H62    1 
ATOM   91   P P      . DT  A 1 5  ? -2.132  -13.563 4.627   1.00 31.77 ? 70   DT  B P      1 
ATOM   92   O OP1    . DT  A 1 5  ? -3.447  -12.905 4.735   1.00 34.61 ? 70   DT  B OP1    1 
ATOM   93   O OP2    . DT  A 1 5  ? -1.988  -15.001 4.992   1.00 31.19 ? 70   DT  B OP2    1 
ATOM   94   O "O5'"  . DT  A 1 5  ? -1.574  -13.360 3.160   1.00 30.75 ? 70   DT  B "O5'"  1 
ATOM   95   C "C5'"  . DT  A 1 5  ? -1.441  -12.043 2.625   1.00 29.29 ? 70   DT  B "C5'"  1 
ATOM   96   C "C4'"  . DT  A 1 5  ? -0.519  -12.047 1.429   1.00 29.63 ? 70   DT  B "C4'"  1 
ATOM   97   O "O4'"  . DT  A 1 5  ? 0.863   -12.192 1.780   1.00 26.78 ? 70   DT  B "O4'"  1 
ATOM   98   C "C3'"  . DT  A 1 5  ? -0.774  -13.073 0.319   1.00 30.83 ? 70   DT  B "C3'"  1 
ATOM   99   O "O3'"  . DT  A 1 5  ? -1.556  -12.391 -0.672  1.00 34.41 ? 70   DT  B "O3'"  1 
ATOM   100  C "C2'"  . DT  A 1 5  ? 0.620   -13.376 -0.220  1.00 30.07 ? 70   DT  B "C2'"  1 
ATOM   101  C "C1'"  . DT  A 1 5  ? 1.553   -12.467 0.581   1.00 28.94 ? 70   DT  B "C1'"  1 
ATOM   102  N N1     . DT  A 1 5  ? 2.883   -13.032 0.928   1.00 28.87 ? 70   DT  B N1     1 
ATOM   103  C C2     . DT  A 1 5  ? 4.009   -12.300 0.602   1.00 23.84 ? 70   DT  B C2     1 
ATOM   104  O O2     . DT  A 1 5  ? 3.969   -11.202 0.082   1.00 20.70 ? 70   DT  B O2     1 
ATOM   105  N N3     . DT  A 1 5  ? 5.194   -12.905 0.924   1.00 23.49 ? 70   DT  B N3     1 
ATOM   106  C C4     . DT  A 1 5  ? 5.367   -14.125 1.540   1.00 26.04 ? 70   DT  B C4     1 
ATOM   107  O O4     . DT  A 1 5  ? 6.501   -14.536 1.767   1.00 23.32 ? 70   DT  B O4     1 
ATOM   108  C C5     . DT  A 1 5  ? 4.147   -14.830 1.868   1.00 26.69 ? 70   DT  B C5     1 
ATOM   109  C C7     . DT  A 1 5  ? 4.240   -16.166 2.534   1.00 32.94 ? 70   DT  B C7     1 
ATOM   110  C C6     . DT  A 1 5  ? 2.983   -14.256 1.553   1.00 23.78 ? 70   DT  B C6     1 
ATOM   111  H H3     . DT  A 1 5  ? 6.035   -12.400 0.685   1.00 0.00  ? 70   DT  B H3     1 
ATOM   112  P P      . DT  A 1 6  ? -1.977  -13.130 -2.035  1.00 35.00 ? 71   DT  B P      1 
ATOM   113  O OP1    . DT  A 1 6  ? -3.343  -12.647 -2.348  1.00 37.97 ? 71   DT  B OP1    1 
ATOM   114  O OP2    . DT  A 1 6  ? -1.708  -14.581 -1.936  1.00 36.59 ? 71   DT  B OP2    1 
ATOM   115  O "O5'"  . DT  A 1 6  ? -0.992  -12.491 -3.101  1.00 32.97 ? 71   DT  B "O5'"  1 
ATOM   116  C "C5'"  . DT  A 1 6  ? -0.664  -11.099 -3.008  1.00 33.42 ? 71   DT  B "C5'"  1 
ATOM   117  C "C4'"  . DT  A 1 6  ? 0.669   -10.829 -3.665  1.00 32.77 ? 71   DT  B "C4'"  1 
ATOM   118  O "O4'"  . DT  A 1 6  ? 1.758   -11.346 -2.882  1.00 27.72 ? 71   DT  B "O4'"  1 
ATOM   119  C "C3'"  . DT  A 1 6  ? 0.818   -11.466 -5.039  1.00 32.56 ? 71   DT  B "C3'"  1 
ATOM   120  O "O3'"  . DT  A 1 6  ? 0.477   -10.497 -6.026  1.00 36.46 ? 71   DT  B "O3'"  1 
ATOM   121  C "C2'"  . DT  A 1 6  ? 2.309   -11.745 -5.144  1.00 31.40 ? 71   DT  B "C2'"  1 
ATOM   122  C "C1'"  . DT  A 1 6  ? 2.872   -11.523 -3.743  1.00 28.66 ? 71   DT  B "C1'"  1 
ATOM   123  N N1     . DT  A 1 6  ? 3.660   -12.660 -3.240  1.00 24.07 ? 71   DT  B N1     1 
ATOM   124  C C2     . DT  A 1 6  ? 5.026   -12.543 -3.274  1.00 22.19 ? 71   DT  B C2     1 
ATOM   125  O O2     . DT  A 1 6  ? 5.597   -11.562 -3.737  1.00 23.03 ? 71   DT  B O2     1 
ATOM   126  N N3     . DT  A 1 6  ? 5.705   -13.617 -2.747  1.00 20.00 ? 71   DT  B N3     1 
ATOM   127  C C4     . DT  A 1 6  ? 5.156   -14.761 -2.200  1.00 22.38 ? 71   DT  B C4     1 
ATOM   128  O O4     . DT  A 1 6  ? 5.889   -15.620 -1.711  1.00 29.44 ? 71   DT  B O4     1 
ATOM   129  C C5     . DT  A 1 6  ? 3.715   -14.833 -2.236  1.00 19.18 ? 71   DT  B C5     1 
ATOM   130  C C7     . DT  A 1 6  ? 3.037   -16.053 -1.701  1.00 18.18 ? 71   DT  B C7     1 
ATOM   131  C C6     . DT  A 1 6  ? 3.045   -13.793 -2.746  1.00 21.63 ? 71   DT  B C6     1 
ATOM   132  H H3     . DT  A 1 6  ? 6.713   -13.562 -2.761  1.00 0.00  ? 71   DT  B H3     1 
ATOM   133  P P      . DA  A 1 7  ? 0.365   -10.936 -7.563  1.00 31.85 ? 72   DA  B P      1 
ATOM   134  O OP1    . DA  A 1 7  ? -0.605  -10.006 -8.203  1.00 40.83 ? 72   DA  B OP1    1 
ATOM   135  O OP2    . DA  A 1 7  ? 0.108   -12.396 -7.587  1.00 34.94 ? 72   DA  B OP2    1 
ATOM   136  O "O5'"  . DA  A 1 7  ? 1.817   -10.639 -8.136  1.00 29.37 ? 72   DA  B "O5'"  1 
ATOM   137  C "C5'"  . DA  A 1 7  ? 2.363   -9.323  -8.083  1.00 27.45 ? 72   DA  B "C5'"  1 
ATOM   138  C "C4'"  . DA  A 1 7  ? 3.750   -9.309  -8.680  1.00 29.62 ? 72   DA  B "C4'"  1 
ATOM   139  O "O4'"  . DA  A 1 7  ? 4.606   -10.157 -7.887  1.00 29.19 ? 72   DA  B "O4'"  1 
ATOM   140  C "C3'"  . DA  A 1 7  ? 3.876   -9.808  -10.118 1.00 29.66 ? 72   DA  B "C3'"  1 
ATOM   141  O "O3'"  . DA  A 1 7  ? 4.931   -9.059  -10.730 1.00 34.02 ? 72   DA  B "O3'"  1 
ATOM   142  C "C2'"  . DA  A 1 7  ? 4.315   -11.252 -9.949  1.00 29.94 ? 72   DA  B "C2'"  1 
ATOM   143  C "C1'"  . DA  A 1 7  ? 5.142   -11.214 -8.674  1.00 27.16 ? 72   DA  B "C1'"  1 
ATOM   144  N N9     . DA  A 1 7  ? 5.073   -12.429 -7.865  1.00 22.72 ? 72   DA  B N9     1 
ATOM   145  C C8     . DA  A 1 7  ? 3.941   -13.094 -7.495  1.00 22.79 ? 72   DA  B C8     1 
ATOM   146  N N7     . DA  A 1 7  ? 4.165   -14.131 -6.732  1.00 25.75 ? 72   DA  B N7     1 
ATOM   147  C C5     . DA  A 1 7  ? 5.544   -14.159 -6.599  1.00 21.86 ? 72   DA  B C5     1 
ATOM   148  C C6     . DA  A 1 7  ? 6.407   -15.033 -5.912  1.00 21.01 ? 72   DA  B C6     1 
ATOM   149  N N6     . DA  A 1 7  ? 5.978   -16.065 -5.192  1.00 19.69 ? 72   DA  B N6     1 
ATOM   150  N N1     . DA  A 1 7  ? 7.734   -14.793 -5.986  1.00 23.87 ? 72   DA  B N1     1 
ATOM   151  C C2     . DA  A 1 7  ? 8.159   -13.727 -6.691  1.00 22.69 ? 72   DA  B C2     1 
ATOM   152  N N3     . DA  A 1 7  ? 7.442   -12.828 -7.371  1.00 25.10 ? 72   DA  B N3     1 
ATOM   153  C C4     . DA  A 1 7  ? 6.121   -13.113 -7.290  1.00 22.64 ? 72   DA  B C4     1 
ATOM   154  H H61    . DA  A 1 7  ? 4.990   -16.231 -5.096  1.00 0.00  ? 72   DA  B H61    1 
ATOM   155  H H62    . DA  A 1 7  ? 6.641   -16.682 -4.744  1.00 0.00  ? 72   DA  B H62    1 
ATOM   156  P P      . DC  A 1 8  ? 4.987   -8.917  -12.327 1.00 32.43 ? 73   DC  B P      1 
ATOM   157  O OP1    . DC  A 1 8  ? 5.668   -7.662  -12.672 1.00 30.48 ? 73   DC  B OP1    1 
ATOM   158  O OP2    . DC  A 1 8  ? 3.614   -9.188  -12.839 1.00 35.32 ? 73   DC  B OP2    1 
ATOM   159  O "O5'"  . DC  A 1 8  ? 5.979   -10.079 -12.774 1.00 38.81 ? 73   DC  B "O5'"  1 
ATOM   160  C "C5'"  . DC  A 1 8  ? 7.380   -9.977  -12.480 1.00 37.52 ? 73   DC  B "C5'"  1 
ATOM   161  C "C4'"  . DC  A 1 8  ? 8.028   -11.341 -12.531 1.00 39.47 ? 73   DC  B "C4'"  1 
ATOM   162  O "O4'"  . DC  A 1 8  ? 7.610   -12.176 -11.434 1.00 37.41 ? 73   DC  B "O4'"  1 
ATOM   163  C "C3'"  . DC  A 1 8  ? 7.735   -12.145 -13.799 1.00 37.37 ? 73   DC  B "C3'"  1 
ATOM   164  O "O3'"  . DC  A 1 8  ? 8.845   -12.035 -14.701 1.00 43.90 ? 73   DC  B "O3'"  1 
ATOM   165  C "C2'"  . DC  A 1 8  ? 7.524   -13.569 -13.302 1.00 38.53 ? 73   DC  B "C2'"  1 
ATOM   166  C "C1'"  . DC  A 1 8  ? 7.860   -13.511 -11.819 1.00 33.09 ? 73   DC  B "C1'"  1 
ATOM   167  N N1     . DC  A 1 8  ? 7.052   -14.396 -10.971 1.00 27.82 ? 73   DC  B N1     1 
ATOM   168  C C2     . DC  A 1 8  ? 7.703   -15.218 -10.051 1.00 21.10 ? 73   DC  B C2     1 
ATOM   169  O O2     . DC  A 1 8  ? 8.939   -15.179 -9.983  1.00 24.89 ? 73   DC  B O2     1 
ATOM   170  N N3     . DC  A 1 8  ? 6.977   -16.038 -9.275  1.00 19.01 ? 73   DC  B N3     1 
ATOM   171  C C4     . DC  A 1 8  ? 5.651   -16.070 -9.401  1.00 18.05 ? 73   DC  B C4     1 
ATOM   172  N N4     . DC  A 1 8  ? 4.973   -16.917 -8.636  1.00 20.10 ? 73   DC  B N4     1 
ATOM   173  C C5     . DC  A 1 8  ? 4.961   -15.242 -10.323 1.00 18.67 ? 73   DC  B C5     1 
ATOM   174  C C6     . DC  A 1 8  ? 5.693   -14.424 -11.081 1.00 19.11 ? 73   DC  B C6     1 
ATOM   175  H "HO3'" . DC  A 1 8  ? 9.630   -12.309 -14.221 1.00 0.00  ? 73   DC  B "HO3'" 1 
ATOM   176  H H41    . DC  A 1 8  ? 5.461   -17.495 -7.967  1.00 0.00  ? 73   DC  B H41    1 
ATOM   177  H H42    . DC  A 1 8  ? 3.971   -16.986 -8.719  1.00 0.00  ? 73   DC  B H42    1 
ATOM   178  O "O5'"  . DG  B 1 1  ? 11.088  -25.110 -6.844  1.00 52.89 ? 74   DG  C "O5'"  1 
ATOM   179  C "C5'"  . DG  B 1 1  ? 11.690  -24.604 -5.652  1.00 44.28 ? 74   DG  C "C5'"  1 
ATOM   180  C "C4'"  . DG  B 1 1  ? 12.657  -23.492 -5.991  1.00 42.15 ? 74   DG  C "C4'"  1 
ATOM   181  O "O4'"  . DG  B 1 1  ? 11.954  -22.431 -6.679  1.00 40.00 ? 74   DG  C "O4'"  1 
ATOM   182  C "C3'"  . DG  B 1 1  ? 13.283  -22.841 -4.766  1.00 38.78 ? 74   DG  C "C3'"  1 
ATOM   183  O "O3'"  . DG  B 1 1  ? 14.543  -22.282 -5.190  1.00 38.57 ? 74   DG  C "O3'"  1 
ATOM   184  C "C2'"  . DG  B 1 1  ? 12.275  -21.756 -4.432  1.00 36.77 ? 74   DG  C "C2'"  1 
ATOM   185  C "C1'"  . DG  B 1 1  ? 11.743  -21.331 -5.797  1.00 34.52 ? 74   DG  C "C1'"  1 
ATOM   186  N N9     . DG  B 1 1  ? 10.321  -20.988 -5.841  1.00 28.26 ? 74   DG  C N9     1 
ATOM   187  C C8     . DG  B 1 1  ? 9.277   -21.649 -5.232  1.00 26.56 ? 74   DG  C C8     1 
ATOM   188  N N7     . DG  B 1 1  ? 8.113   -21.116 -5.497  1.00 24.03 ? 74   DG  C N7     1 
ATOM   189  C C5     . DG  B 1 1  ? 8.409   -20.035 -6.320  1.00 20.62 ? 74   DG  C C5     1 
ATOM   190  C C6     . DG  B 1 1  ? 7.558   -19.087 -6.942  1.00 19.25 ? 74   DG  C C6     1 
ATOM   191  O O6     . DG  B 1 1  ? 6.329   -18.990 -6.878  1.00 25.19 ? 74   DG  C O6     1 
ATOM   192  N N1     . DG  B 1 1  ? 8.272   -18.186 -7.709  1.00 18.78 ? 74   DG  C N1     1 
ATOM   193  C C2     . DG  B 1 1  ? 9.624   -18.183 -7.862  1.00 20.33 ? 74   DG  C C2     1 
ATOM   194  N N2     . DG  B 1 1  ? 10.113  -17.259 -8.683  1.00 21.02 ? 74   DG  C N2     1 
ATOM   195  N N3     . DG  B 1 1  ? 10.437  -19.036 -7.268  1.00 24.18 ? 74   DG  C N3     1 
ATOM   196  C C4     . DG  B 1 1  ? 9.765   -19.937 -6.529  1.00 21.87 ? 74   DG  C C4     1 
ATOM   197  H H1     . DG  B 1 1  ? 7.745   -17.478 -8.201  1.00 0.00  ? 74   DG  C H1     1 
ATOM   198  H H21    . DG  B 1 1  ? 11.109  -17.209 -8.850  1.00 0.00  ? 74   DG  C H21    1 
ATOM   199  H H22    . DG  B 1 1  ? 9.493   -16.603 -9.138  1.00 0.00  ? 74   DG  C H22    1 
ATOM   200  H "HO5'" . DG  B 1 1  ? 10.635  -24.377 -7.269  1.00 0.00  ? 74   DG  C "HO5'" 1 
ATOM   201  P P      . DT  B 1 2  ? 15.436  -21.423 -4.165  1.00 39.27 ? 75   DT  C P      1 
ATOM   202  O OP1    . DT  B 1 2  ? 16.858  -21.493 -4.605  1.00 36.97 ? 75   DT  C OP1    1 
ATOM   203  O OP2    . DT  B 1 2  ? 15.062  -21.820 -2.772  1.00 37.56 ? 75   DT  C OP2    1 
ATOM   204  O "O5'"  . DT  B 1 2  ? 14.966  -19.938 -4.455  1.00 37.74 ? 75   DT  C "O5'"  1 
ATOM   205  C "C5'"  . DT  B 1 2  ? 15.158  -19.377 -5.752  1.00 38.14 ? 75   DT  C "C5'"  1 
ATOM   206  C "C4'"  . DT  B 1 2  ? 14.707  -17.937 -5.761  1.00 40.26 ? 75   DT  C "C4'"  1 
ATOM   207  O "O4'"  . DT  B 1 2  ? 13.266  -17.858 -5.800  1.00 41.41 ? 75   DT  C "O4'"  1 
ATOM   208  C "C3'"  . DT  B 1 2  ? 15.139  -17.173 -4.509  1.00 42.46 ? 75   DT  C "C3'"  1 
ATOM   209  O "O3'"  . DT  B 1 2  ? 15.648  -15.920 -4.944  1.00 49.17 ? 75   DT  C "O3'"  1 
ATOM   210  C "C2'"  . DT  B 1 2  ? 13.842  -16.947 -3.751  1.00 39.14 ? 75   DT  C "C2'"  1 
ATOM   211  C "C1'"  . DT  B 1 2  ? 12.851  -16.865 -4.890  1.00 32.70 ? 75   DT  C "C1'"  1 
ATOM   212  N N1     . DT  B 1 2  ? 11.453  -17.125 -4.535  1.00 26.63 ? 75   DT  C N1     1 
ATOM   213  C C2     . DT  B 1 2  ? 10.498  -16.280 -5.064  1.00 20.90 ? 75   DT  C C2     1 
ATOM   214  O O2     . DT  B 1 2  ? 10.764  -15.347 -5.806  1.00 22.64 ? 75   DT  C O2     1 
ATOM   215  N N3     . DT  B 1 2  ? 9.220   -16.562 -4.694  1.00 16.09 ? 75   DT  C N3     1 
ATOM   216  C C4     . DT  B 1 2  ? 8.799   -17.569 -3.868  1.00 19.22 ? 75   DT  C C4     1 
ATOM   217  O O4     . DT  B 1 2  ? 7.599   -17.685 -3.624  1.00 25.39 ? 75   DT  C O4     1 
ATOM   218  C C5     . DT  B 1 2  ? 9.852   -18.429 -3.345  1.00 19.87 ? 75   DT  C C5     1 
ATOM   219  C C7     . DT  B 1 2  ? 9.487   -19.567 -2.442  1.00 18.51 ? 75   DT  C C7     1 
ATOM   220  C C6     . DT  B 1 2  ? 11.112  -18.163 -3.705  1.00 21.15 ? 75   DT  C C6     1 
ATOM   221  H H3     . DT  B 1 2  ? 8.505   -15.962 -5.076  1.00 0.00  ? 75   DT  C H3     1 
ATOM   222  P P      . DA  B 1 3  ? 16.804  -15.208 -4.108  1.00 52.75 ? 76   DA  C P      1 
ATOM   223  O OP1    . DA  B 1 3  ? 18.080  -15.391 -4.840  1.00 56.66 ? 76   DA  C OP1    1 
ATOM   224  O OP2    . DA  B 1 3  ? 16.686  -15.641 -2.690  1.00 54.20 ? 76   DA  C OP2    1 
ATOM   225  O "O5'"  . DA  B 1 3  ? 16.427  -13.675 -4.212  1.00 50.42 ? 76   DA  C "O5'"  1 
ATOM   226  C "C5'"  . DA  B 1 3  ? 16.135  -13.095 -5.482  1.00 44.59 ? 76   DA  C "C5'"  1 
ATOM   227  C "C4'"  . DA  B 1 3  ? 15.061  -12.050 -5.318  1.00 39.00 ? 76   DA  C "C4'"  1 
ATOM   228  O "O4'"  . DA  B 1 3  ? 13.843  -12.705 -4.899  1.00 34.29 ? 76   DA  C "O4'"  1 
ATOM   229  C "C3'"  . DA  B 1 3  ? 15.408  -11.054 -4.210  1.00 37.40 ? 76   DA  C "C3'"  1 
ATOM   230  O "O3'"  . DA  B 1 3  ? 14.956  -9.764  -4.649  1.00 43.54 ? 76   DA  C "O3'"  1 
ATOM   231  C "C2'"  . DA  B 1 3  ? 14.576  -11.539 -3.036  1.00 33.49 ? 76   DA  C "C2'"  1 
ATOM   232  C "C1'"  . DA  B 1 3  ? 13.347  -12.053 -3.753  1.00 31.03 ? 76   DA  C "C1'"  1 
ATOM   233  N N9     . DA  B 1 3  ? 12.498  -12.992 -3.020  1.00 23.95 ? 76   DA  C N9     1 
ATOM   234  C C8     . DA  B 1 3  ? 12.857  -13.992 -2.163  1.00 24.61 ? 76   DA  C C8     1 
ATOM   235  N N7     . DA  B 1 3  ? 11.836  -14.643 -1.652  1.00 26.04 ? 76   DA  C N7     1 
ATOM   236  C C5     . DA  B 1 3  ? 10.728  -14.028 -2.220  1.00 22.41 ? 76   DA  C C5     1 
ATOM   237  C C6     . DA  B 1 3  ? 9.341   -14.249 -2.085  1.00 21.80 ? 76   DA  C C6     1 
ATOM   238  N N6     . DA  B 1 3  ? 8.807   -15.179 -1.296  1.00 21.24 ? 76   DA  C N6     1 
ATOM   239  N N1     . DA  B 1 3  ? 8.511   -13.471 -2.802  1.00 22.59 ? 76   DA  C N1     1 
ATOM   240  C C2     . DA  B 1 3  ? 9.042   -12.529 -3.594  1.00 22.38 ? 76   DA  C C2     1 
ATOM   241  N N3     . DA  B 1 3  ? 10.317  -12.215 -3.793  1.00 23.69 ? 76   DA  C N3     1 
ATOM   242  C C4     . DA  B 1 3  ? 11.122  -13.014 -3.069  1.00 24.19 ? 76   DA  C C4     1 
ATOM   243  H H61    . DA  B 1 3  ? 9.405   -15.782 -0.749  1.00 0.00  ? 76   DA  C H61    1 
ATOM   244  H H62    . DA  B 1 3  ? 7.804   -15.282 -1.245  1.00 0.00  ? 76   DA  C H62    1 
ATOM   245  P P      . DA  B 1 4  ? 15.796  -8.441  -4.283  1.00 43.02 ? 77   DA  C P      1 
ATOM   246  O OP1    . DA  B 1 4  ? 16.293  -7.814  -5.541  1.00 42.14 ? 77   DA  C OP1    1 
ATOM   247  O OP2    . DA  B 1 4  ? 16.742  -8.781  -3.197  1.00 39.49 ? 77   DA  C OP2    1 
ATOM   248  O "O5'"  . DA  B 1 4  ? 14.678  -7.478  -3.697  1.00 40.52 ? 77   DA  C "O5'"  1 
ATOM   249  C "C5'"  . DA  B 1 4  ? 13.431  -7.337  -4.381  1.00 31.68 ? 77   DA  C "C5'"  1 
ATOM   250  C "C4'"  . DA  B 1 4  ? 12.301  -7.193  -3.391  1.00 29.02 ? 77   DA  C "C4'"  1 
ATOM   251  O "O4'"  . DA  B 1 4  ? 11.679  -8.447  -3.074  1.00 26.01 ? 77   DA  C "O4'"  1 
ATOM   252  C "C3'"  . DA  B 1 4  ? 12.619  -6.554  -2.043  1.00 25.82 ? 77   DA  C "C3'"  1 
ATOM   253  O "O3'"  . DA  B 1 4  ? 12.464  -5.124  -2.159  1.00 26.77 ? 77   DA  C "O3'"  1 
ATOM   254  C "C2'"  . DA  B 1 4  ? 11.546  -7.144  -1.136  1.00 23.69 ? 77   DA  C "C2'"  1 
ATOM   255  C "C1'"  . DA  B 1 4  ? 10.841  -8.214  -1.971  1.00 20.41 ? 77   DA  C "C1'"  1 
ATOM   256  N N9     . DA  B 1 4  ? 10.668  -9.470  -1.264  1.00 19.62 ? 77   DA  C N9     1 
ATOM   257  C C8     . DA  B 1 4  ? 11.662  -10.262 -0.745  1.00 20.34 ? 77   DA  C C8     1 
ATOM   258  N N7     . DA  B 1 4  ? 11.213  -11.282 -0.050  1.00 22.43 ? 77   DA  C N7     1 
ATOM   259  C C5     . DA  B 1 4  ? 9.835   -11.164 -0.135  1.00 15.21 ? 77   DA  C C5     1 
ATOM   260  C C6     . DA  B 1 4  ? 8.799   -11.922 0.404   1.00 18.30 ? 77   DA  C C6     1 
ATOM   261  N N6     . DA  B 1 4  ? 8.996   -12.989 1.189   1.00 18.75 ? 77   DA  C N6     1 
ATOM   262  N N1     . DA  B 1 4  ? 7.530   -11.549 0.114   1.00 19.16 ? 77   DA  C N1     1 
ATOM   263  C C2     . DA  B 1 4  ? 7.343   -10.488 -0.675  1.00 15.07 ? 77   DA  C C2     1 
ATOM   264  N N3     . DA  B 1 4  ? 8.242   -9.690  -1.234  1.00 18.29 ? 77   DA  C N3     1 
ATOM   265  C C4     . DA  B 1 4  ? 9.485   -10.079 -0.913  1.00 18.13 ? 77   DA  C C4     1 
ATOM   266  H H61    . DA  B 1 4  ? 9.934   -13.287 1.415   1.00 0.00  ? 77   DA  C H61    1 
ATOM   267  H H62    . DA  B 1 4  ? 8.203   -13.494 1.559   1.00 0.00  ? 77   DA  C H62    1 
ATOM   268  P P      . DT  B 1 5  ? 13.167  -4.140  -1.092  1.00 22.70 ? 78   DT  C P      1 
ATOM   269  O OP1    . DT  B 1 5  ? 13.345  -2.848  -1.759  1.00 21.00 ? 78   DT  C OP1    1 
ATOM   270  O OP2    . DT  B 1 5  ? 14.339  -4.816  -0.494  1.00 26.15 ? 78   DT  C OP2    1 
ATOM   271  O "O5'"  . DT  B 1 5  ? 12.066  -4.006  0.035   1.00 22.52 ? 78   DT  C "O5'"  1 
ATOM   272  C "C5'"  . DT  B 1 5  ? 10.954  -3.125  -0.139  1.00 22.79 ? 78   DT  C "C5'"  1 
ATOM   273  C "C4'"  . DT  B 1 5  ? 9.907   -3.404  0.914   1.00 22.36 ? 78   DT  C "C4'"  1 
ATOM   274  O "O4'"  . DT  B 1 5  ? 9.419   -4.752  0.809   1.00 22.54 ? 78   DT  C "O4'"  1 
ATOM   275  C "C3'"  . DT  B 1 5  ? 10.409  -3.262  2.348   1.00 23.44 ? 78   DT  C "C3'"  1 
ATOM   276  O "O3'"  . DT  B 1 5  ? 10.144  -1.922  2.800   1.00 28.60 ? 78   DT  C "O3'"  1 
ATOM   277  C "C2'"  . DT  B 1 5  ? 9.544   -4.248  3.120   1.00 20.48 ? 78   DT  C "C2'"  1 
ATOM   278  C "C1'"  . DT  B 1 5  ? 8.888   -5.143  2.065   1.00 23.25 ? 78   DT  C "C1'"  1 
ATOM   279  N N1     . DT  B 1 5  ? 9.177   -6.570  2.262   1.00 21.18 ? 78   DT  C N1     1 
ATOM   280  C C2     . DT  B 1 5  ? 8.109   -7.430  2.440   1.00 23.87 ? 78   DT  C C2     1 
ATOM   281  O O2     . DT  B 1 5  ? 6.943   -7.087  2.331   1.00 24.17 ? 78   DT  C O2     1 
ATOM   282  N N3     . DT  B 1 5  ? 8.459   -8.717  2.742   1.00 22.65 ? 78   DT  C N3     1 
ATOM   283  C C4     . DT  B 1 5  ? 9.730   -9.233  2.848   1.00 19.46 ? 78   DT  C C4     1 
ATOM   284  O O4     . DT  B 1 5  ? 9.878   -10.394 3.171   1.00 22.97 ? 78   DT  C O4     1 
ATOM   285  C C5     . DT  B 1 5  ? 10.802  -8.302  2.573   1.00 20.49 ? 78   DT  C C5     1 
ATOM   286  C C7     . DT  B 1 5  ? 12.211  -8.799  2.588   1.00 19.08 ? 78   DT  C C7     1 
ATOM   287  C C6     . DT  B 1 5  ? 10.477  -7.025  2.303   1.00 19.50 ? 78   DT  C C6     1 
ATOM   288  H H3     . DT  B 1 5  ? 7.698   -9.361  2.904   1.00 0.00  ? 78   DT  C H3     1 
ATOM   289  P P      . DT  B 1 6  ? 11.212  -1.149  3.731   1.00 29.07 ? 79   DT  C P      1 
ATOM   290  O OP1    . DT  B 1 6  ? 11.064  0.291   3.395   1.00 28.02 ? 79   DT  C OP1    1 
ATOM   291  O OP2    . DT  B 1 6  ? 12.547  -1.780  3.646   1.00 27.25 ? 79   DT  C OP2    1 
ATOM   292  O "O5'"  . DT  B 1 6  ? 10.652  -1.410  5.195   1.00 26.18 ? 79   DT  C "O5'"  1 
ATOM   293  C "C5'"  . DT  B 1 6  ? 9.349   -0.924  5.583   1.00 28.25 ? 79   DT  C "C5'"  1 
ATOM   294  C "C4'"  . DT  B 1 6  ? 9.032   -1.339  7.001   1.00 27.57 ? 79   DT  C "C4'"  1 
ATOM   295  O "O4'"  . DT  B 1 6  ? 8.960   -2.782  7.070   1.00 26.86 ? 79   DT  C "O4'"  1 
ATOM   296  C "C3'"  . DT  B 1 6  ? 10.069  -0.907  8.048   1.00 29.06 ? 79   DT  C "C3'"  1 
ATOM   297  O "O3'"  . DT  B 1 6  ? 9.377   -0.479  9.236   1.00 32.91 ? 79   DT  C "O3'"  1 
ATOM   298  C "C2'"  . DT  B 1 6  ? 10.836  -2.186  8.344   1.00 23.99 ? 79   DT  C "C2'"  1 
ATOM   299  C "C1'"  . DT  B 1 6  ? 9.804   -3.274  8.104   1.00 24.61 ? 79   DT  C "C1'"  1 
ATOM   300  N N1     . DT  B 1 6  ? 10.388  -4.545  7.635   1.00 20.55 ? 79   DT  C N1     1 
ATOM   301  C C2     . DT  B 1 6  ? 9.985   -5.720  8.215   1.00 19.29 ? 79   DT  C C2     1 
ATOM   302  O O2     . DT  B 1 6  ? 9.218   -5.771  9.172   1.00 19.50 ? 79   DT  C O2     1 
ATOM   303  N N3     . DT  B 1 6  ? 10.530  -6.852  7.641   1.00 20.91 ? 79   DT  C N3     1 
ATOM   304  C C4     . DT  B 1 6  ? 11.433  -6.906  6.590   1.00 20.13 ? 79   DT  C C4     1 
ATOM   305  O O4     . DT  B 1 6  ? 11.814  -7.993  6.164   1.00 26.10 ? 79   DT  C O4     1 
ATOM   306  C C5     . DT  B 1 6  ? 11.847  -5.629  6.071   1.00 18.67 ? 79   DT  C C5     1 
ATOM   307  C C7     . DT  B 1 6  ? 12.850  -5.581  4.963   1.00 18.45 ? 79   DT  C C7     1 
ATOM   308  C C6     . DT  B 1 6  ? 11.310  -4.530  6.608   1.00 20.38 ? 79   DT  C C6     1 
ATOM   309  H H3     . DT  B 1 6  ? 10.240  -7.737  8.030   1.00 0.00  ? 79   DT  C H3     1 
ATOM   310  P P      . DA  B 1 7  ? 10.197  0.157   10.467  1.00 32.42 ? 80   DA  C P      1 
ATOM   311  O OP1    . DA  B 1 7  ? 9.284   1.085   11.163  1.00 38.27 ? 80   DA  C OP1    1 
ATOM   312  O OP2    . DA  B 1 7  ? 11.534  0.618   10.009  1.00 23.77 ? 80   DA  C OP2    1 
ATOM   313  O "O5'"  . DA  B 1 7  ? 10.385  -1.059  11.453  1.00 28.81 ? 80   DA  C "O5'"  1 
ATOM   314  C "C5'"  . DA  B 1 7  ? 9.268   -1.654  12.080  1.00 26.09 ? 80   DA  C "C5'"  1 
ATOM   315  C "C4'"  . DA  B 1 7  ? 9.748   -2.789  12.949  1.00 29.34 ? 80   DA  C "C4'"  1 
ATOM   316  O "O4'"  . DA  B 1 7  ? 10.176  -3.899  12.127  1.00 31.68 ? 80   DA  C "O4'"  1 
ATOM   317  C "C3'"  . DA  B 1 7  ? 10.961  -2.393  13.802  1.00 30.45 ? 80   DA  C "C3'"  1 
ATOM   318  O "O3'"  . DA  B 1 7  ? 10.630  -2.750  15.146  1.00 33.70 ? 80   DA  C "O3'"  1 
ATOM   319  C "C2'"  . DA  B 1 7  ? 12.102  -3.249  13.269  1.00 29.60 ? 80   DA  C "C2'"  1 
ATOM   320  C "C1'"  . DA  B 1 7  ? 11.382  -4.431  12.646  1.00 28.59 ? 80   DA  C "C1'"  1 
ATOM   321  N N9     . DA  B 1 7  ? 12.087  -5.111  11.553  1.00 22.82 ? 80   DA  C N9     1 
ATOM   322  C C8     . DA  B 1 7  ? 12.926  -4.590  10.603  1.00 20.89 ? 80   DA  C C8     1 
ATOM   323  N N7     . DA  B 1 7  ? 13.408  -5.491  9.773   1.00 24.90 ? 80   DA  C N7     1 
ATOM   324  C C5     . DA  B 1 7  ? 12.847  -6.685  10.209  1.00 17.06 ? 80   DA  C C5     1 
ATOM   325  C C6     . DA  B 1 7  ? 12.985  -8.021  9.768   1.00 19.17 ? 80   DA  C C6     1 
ATOM   326  N N6     . DA  B 1 7  ? 13.775  -8.396  8.758   1.00 20.44 ? 80   DA  C N6     1 
ATOM   327  N N1     . DA  B 1 7  ? 12.285  -8.978  10.417  1.00 21.10 ? 80   DA  C N1     1 
ATOM   328  C C2     . DA  B 1 7  ? 11.514  -8.611  11.452  1.00 22.33 ? 80   DA  C C2     1 
ATOM   329  N N3     . DA  B 1 7  ? 11.315  -7.389  11.971  1.00 24.77 ? 80   DA  C N3     1 
ATOM   330  C C4     . DA  B 1 7  ? 12.020  -6.463  11.295  1.00 22.22 ? 80   DA  C C4     1 
ATOM   331  H H61    . DA  B 1 7  ? 13.830  -9.369  8.491   1.00 0.00  ? 80   DA  C H61    1 
ATOM   332  H H62    . DA  B 1 7  ? 14.316  -7.705  8.258   1.00 0.00  ? 80   DA  C H62    1 
ATOM   333  P P      . DC  B 1 8  ? 11.519  -2.221  16.361  1.00 28.46 ? 81   DC  C P      1 
ATOM   334  O OP1    . DC  B 1 8  ? 10.615  -2.237  17.534  1.00 31.73 ? 81   DC  C OP1    1 
ATOM   335  O OP2    . DC  B 1 8  ? 12.275  -1.002  16.014  1.00 33.79 ? 81   DC  C OP2    1 
ATOM   336  O "O5'"  . DC  B 1 8  ? 12.609  -3.357  16.551  1.00 41.45 ? 81   DC  C "O5'"  1 
ATOM   337  C "C5'"  . DC  B 1 8  ? 12.647  -4.137  17.750  1.00 38.80 ? 81   DC  C "C5'"  1 
ATOM   338  C "C4'"  . DC  B 1 8  ? 12.342  -5.580  17.431  1.00 37.91 ? 81   DC  C "C4'"  1 
ATOM   339  O "O4'"  . DC  B 1 8  ? 12.584  -5.817  16.030  1.00 32.68 ? 81   DC  C "O4'"  1 
ATOM   340  C "C3'"  . DC  B 1 8  ? 13.290  -6.503  18.181  1.00 36.79 ? 81   DC  C "C3'"  1 
ATOM   341  O "O3'"  . DC  B 1 8  ? 12.621  -6.950  19.368  1.00 43.05 ? 81   DC  C "O3'"  1 
ATOM   342  C "C2'"  . DC  B 1 8  ? 13.671  -7.566  17.162  1.00 35.89 ? 81   DC  C "C2'"  1 
ATOM   343  C "C1'"  . DC  B 1 8  ? 13.007  -7.152  15.853  1.00 28.28 ? 81   DC  C "C1'"  1 
ATOM   344  N N1     . DC  B 1 8  ? 13.879  -7.199  14.669  1.00 20.90 ? 81   DC  C N1     1 
ATOM   345  C C2     . DC  B 1 8  ? 14.036  -8.406  14.006  1.00 20.48 ? 81   DC  C C2     1 
ATOM   346  O O2     . DC  B 1 8  ? 13.476  -9.400  14.451  1.00 26.69 ? 81   DC  C O2     1 
ATOM   347  N N3     . DC  B 1 8  ? 14.790  -8.465  12.900  1.00 15.78 ? 81   DC  C N3     1 
ATOM   348  C C4     . DC  B 1 8  ? 15.383  -7.371  12.445  1.00 15.17 ? 81   DC  C C4     1 
ATOM   349  N N4     . DC  B 1 8  ? 16.104  -7.475  11.330  1.00 17.43 ? 81   DC  C N4     1 
ATOM   350  C C5     . DC  B 1 8  ? 15.262  -6.116  13.110  1.00 17.53 ? 81   DC  C C5     1 
ATOM   351  C C6     . DC  B 1 8  ? 14.506  -6.078  14.213  1.00 19.56 ? 81   DC  C C6     1 
ATOM   352  H "HO3'" . DC  B 1 8  ? 12.487  -6.180  19.926  1.00 0.00  ? 81   DC  C "HO3'" 1 
ATOM   353  H H41    . DC  B 1 8  ? 16.185  -8.365  10.860  1.00 0.00  ? 81   DC  C H41    1 
ATOM   354  H H42    . DC  B 1 8  ? 16.568  -6.662  10.950  1.00 0.00  ? 81   DC  C H42    1 
ATOM   355  N N      . MET C 2 1  ? -8.919  9.273   0.348   1.00 69.95 ? 1    MET A N      1 
ATOM   356  C CA     . MET C 2 1  ? -7.876  8.322   -0.128  1.00 68.47 ? 1    MET A CA     1 
ATOM   357  C C      . MET C 2 1  ? -6.446  8.866   -0.067  1.00 65.30 ? 1    MET A C      1 
ATOM   358  O O      . MET C 2 1  ? -5.655  8.397   0.746   1.00 66.19 ? 1    MET A O      1 
ATOM   359  C CB     . MET C 2 1  ? -8.218  7.816   -1.529  1.00 72.92 ? 1    MET A CB     1 
ATOM   360  C CG     . MET C 2 1  ? -9.293  6.731   -1.527  1.00 79.13 ? 1    MET A CG     1 
ATOM   361  S SD     . MET C 2 1  ? -9.766  6.140   -3.172  1.00 85.50 ? 1    MET A SD     1 
ATOM   362  C CE     . MET C 2 1  ? -11.569 6.333   -3.106  1.00 83.60 ? 1    MET A CE     1 
ATOM   363  H H1     . MET C 2 1  ? -8.732  9.527   1.339   1.00 0.00  ? 1    MET A H1     1 
ATOM   364  H H2     . MET C 2 1  ? -8.890  10.128  -0.243  1.00 0.00  ? 1    MET A H2     1 
ATOM   365  H H3     . MET C 2 1  ? -9.854  8.827   0.270   1.00 0.00  ? 1    MET A H3     1 
ATOM   366  N N      . ALA C 2 2  ? -6.119  9.845   -0.911  1.00 59.53 ? 2    ALA A N      1 
ATOM   367  C CA     . ALA C 2 2  ? -4.778  10.446  -0.950  1.00 53.12 ? 2    ALA A CA     1 
ATOM   368  C C      . ALA C 2 2  ? -3.713  9.566   -1.614  1.00 50.94 ? 2    ALA A C      1 
ATOM   369  O O      . ALA C 2 2  ? -4.005  8.845   -2.569  1.00 50.10 ? 2    ALA A O      1 
ATOM   370  C CB     . ALA C 2 2  ? -4.329  10.868  0.438   1.00 52.99 ? 2    ALA A CB     1 
ATOM   371  H H      . ALA C 2 2  ? -6.793  10.176  -1.540  1.00 0.00  ? 2    ALA A H      1 
ATOM   372  N N      . THR C 2 3  ? -2.481  9.612   -1.105  1.00 46.24 ? 3    THR A N      1 
ATOM   373  C CA     . THR C 2 3  ? -1.389  8.840   -1.698  1.00 40.90 ? 3    THR A CA     1 
ATOM   374  C C      . THR C 2 3  ? -0.483  8.177   -0.661  1.00 37.75 ? 3    THR A C      1 
ATOM   375  O O      . THR C 2 3  ? -0.574  8.479   0.533   1.00 33.78 ? 3    THR A O      1 
ATOM   376  C CB     . THR C 2 3  ? -0.562  9.736   -2.683  1.00 38.03 ? 3    THR A CB     1 
ATOM   377  O OG1    . THR C 2 3  ? 0.656   9.088   -3.044  1.00 43.29 ? 3    THR A OG1    1 
ATOM   378  C CG2    . THR C 2 3  ? -0.226  11.059  -2.062  1.00 44.84 ? 3    THR A CG2    1 
ATOM   379  H H      . THR C 2 3  ? -2.254  10.159  -0.327  1.00 0.00  ? 3    THR A H      1 
ATOM   380  H HG1    . THR C 2 3  ? 1.116   9.644   -3.674  1.00 0.00  ? 3    THR A HG1    1 
ATOM   381  N N      . VAL C 2 4  ? 0.317   7.209   -1.113  1.00 35.32 ? 4    VAL A N      1 
ATOM   382  C CA     . VAL C 2 4  ? 1.263   6.501   -0.243  1.00 32.60 ? 4    VAL A CA     1 
ATOM   383  C C      . VAL C 2 4  ? 2.672   6.542   -0.837  1.00 29.71 ? 4    VAL A C      1 
ATOM   384  O O      . VAL C 2 4  ? 2.879   6.240   -2.016  1.00 25.58 ? 4    VAL A O      1 
ATOM   385  C CB     . VAL C 2 4  ? 0.824   5.023   0.062   1.00 36.44 ? 4    VAL A CB     1 
ATOM   386  C CG1    . VAL C 2 4  ? 0.863   4.150   -1.188  1.00 34.97 ? 4    VAL A CG1    1 
ATOM   387  C CG2    . VAL C 2 4  ? 1.709   4.425   1.162   1.00 35.35 ? 4    VAL A CG2    1 
ATOM   388  H H      . VAL C 2 4  ? 0.298   6.978   -2.057  1.00 0.00  ? 4    VAL A H      1 
ATOM   389  N N      . LYS C 2 5  ? 3.624   6.995   -0.025  1.00 26.84 ? 5    LYS A N      1 
ATOM   390  C CA     . LYS C 2 5  ? 5.011   7.097   -0.443  1.00 27.85 ? 5    LYS A CA     1 
ATOM   391  C C      . LYS C 2 5  ? 5.763   5.918   0.148   1.00 26.41 ? 5    LYS A C      1 
ATOM   392  O O      . LYS C 2 5  ? 5.617   5.623   1.323   1.00 28.69 ? 5    LYS A O      1 
ATOM   393  C CB     . LYS C 2 5  ? 5.610   8.411   0.053   1.00 31.58 ? 5    LYS A CB     1 
ATOM   394  C CG     . LYS C 2 5  ? 7.001   8.729   -0.484  1.00 42.24 ? 5    LYS A CG     1 
ATOM   395  C CD     . LYS C 2 5  ? 6.996   8.945   -1.993  1.00 48.98 ? 5    LYS A CD     1 
ATOM   396  C CE     . LYS C 2 5  ? 8.292   9.588   -2.482  1.00 53.65 ? 5    LYS A CE     1 
ATOM   397  N NZ     . LYS C 2 5  ? 8.350   9.778   -3.966  1.00 50.72 ? 5    LYS A NZ     1 
ATOM   398  H H      . LYS C 2 5  ? 3.382   7.265   0.886   1.00 0.00  ? 5    LYS A H      1 
ATOM   399  H HZ1    . LYS C 2 5  ? 7.558   10.380  -4.269  1.00 0.00  ? 5    LYS A HZ1    1 
ATOM   400  H HZ2    . LYS C 2 5  ? 9.248   10.234  -4.224  1.00 0.00  ? 5    LYS A HZ2    1 
ATOM   401  H HZ3    . LYS C 2 5  ? 8.281   8.854   -4.438  1.00 0.00  ? 5    LYS A HZ3    1 
ATOM   402  N N      . PHE C 2 6  ? 6.519   5.207   -0.684  1.00 28.51 ? 6    PHE A N      1 
ATOM   403  C CA     . PHE C 2 6  ? 7.287   4.040   -0.230  1.00 29.10 ? 6    PHE A CA     1 
ATOM   404  C C      . PHE C 2 6  ? 8.569   3.829   -1.030  1.00 28.66 ? 6    PHE A C      1 
ATOM   405  O O      . PHE C 2 6  ? 8.868   4.567   -1.973  1.00 25.53 ? 6    PHE A O      1 
ATOM   406  C CB     . PHE C 2 6  ? 6.425   2.750   -0.214  1.00 26.81 ? 6    PHE A CB     1 
ATOM   407  C CG     . PHE C 2 6  ? 5.804   2.408   -1.537  1.00 27.64 ? 6    PHE A CG     1 
ATOM   408  C CD1    . PHE C 2 6  ? 4.712   3.123   -2.013  1.00 24.52 ? 6    PHE A CD1    1 
ATOM   409  C CD2    . PHE C 2 6  ? 6.335   1.397   -2.326  1.00 28.76 ? 6    PHE A CD2    1 
ATOM   410  C CE1    . PHE C 2 6  ? 4.157   2.846   -3.253  1.00 25.53 ? 6    PHE A CE1    1 
ATOM   411  C CE2    . PHE C 2 6  ? 5.781   1.113   -3.582  1.00 31.03 ? 6    PHE A CE2    1 
ATOM   412  C CZ     . PHE C 2 6  ? 4.684   1.847   -4.041  1.00 24.86 ? 6    PHE A CZ     1 
ATOM   413  H H      . PHE C 2 6  ? 6.570   5.448   -1.620  1.00 0.00  ? 6    PHE A H      1 
ATOM   414  N N      . LYS C 2 7  ? 9.357   2.858   -0.592  1.00 29.41 ? 7    LYS A N      1 
ATOM   415  C CA     . LYS C 2 7  ? 10.610  2.534   -1.248  1.00 30.53 ? 7    LYS A CA     1 
ATOM   416  C C      . LYS C 2 7  ? 10.546  1.078   -1.702  1.00 28.35 ? 7    LYS A C      1 
ATOM   417  O O      . LYS C 2 7  ? 10.096  0.201   -0.957  1.00 26.79 ? 7    LYS A O      1 
ATOM   418  C CB     . LYS C 2 7  ? 11.778  2.770   -0.277  1.00 35.13 ? 7    LYS A CB     1 
ATOM   419  C CG     . LYS C 2 7  ? 13.126  2.209   -0.732  1.00 44.12 ? 7    LYS A CG     1 
ATOM   420  C CD     . LYS C 2 7  ? 14.338  3.030   -0.226  1.00 50.45 ? 7    LYS A CD     1 
ATOM   421  C CE     . LYS C 2 7  ? 14.467  3.095   1.300   1.00 51.70 ? 7    LYS A CE     1 
ATOM   422  N NZ     . LYS C 2 7  ? 13.514  4.055   1.932   1.00 56.42 ? 7    LYS A NZ     1 
ATOM   423  H H      . LYS C 2 7  ? 9.087   2.339   0.194   1.00 0.00  ? 7    LYS A H      1 
ATOM   424  H HZ1    . LYS C 2 7  ? 13.674  5.009   1.550   1.00 0.00  ? 7    LYS A HZ1    1 
ATOM   425  H HZ2    . LYS C 2 7  ? 12.534  3.765   1.742   1.00 0.00  ? 7    LYS A HZ2    1 
ATOM   426  H HZ3    . LYS C 2 7  ? 13.666  4.064   2.962   1.00 0.00  ? 7    LYS A HZ3    1 
ATOM   427  N N      . TYR C 2 8  ? 10.926  0.844   -2.953  1.00 27.66 ? 8    TYR A N      1 
ATOM   428  C CA     . TYR C 2 8  ? 10.925  -0.500  -3.507  1.00 29.49 ? 8    TYR A CA     1 
ATOM   429  C C      . TYR C 2 8  ? 12.081  -0.632  -4.477  1.00 30.36 ? 8    TYR A C      1 
ATOM   430  O O      . TYR C 2 8  ? 12.173  0.095   -5.472  1.00 30.21 ? 8    TYR A O      1 
ATOM   431  C CB     . TYR C 2 8  ? 9.597   -0.833  -4.203  1.00 26.74 ? 8    TYR A CB     1 
ATOM   432  C CG     . TYR C 2 8  ? 9.325   -2.316  -4.270  1.00 26.93 ? 8    TYR A CG     1 
ATOM   433  C CD1    . TYR C 2 8  ? 8.815   -2.995  -3.177  1.00 27.21 ? 8    TYR A CD1    1 
ATOM   434  C CD2    . TYR C 2 8  ? 9.613   -3.048  -5.413  1.00 29.89 ? 8    TYR A CD2    1 
ATOM   435  C CE1    . TYR C 2 8  ? 8.601   -4.364  -3.217  1.00 28.43 ? 8    TYR A CE1    1 
ATOM   436  C CE2    . TYR C 2 8  ? 9.405   -4.423  -5.461  1.00 29.90 ? 8    TYR A CE2    1 
ATOM   437  C CZ     . TYR C 2 8  ? 8.899   -5.070  -4.362  1.00 29.26 ? 8    TYR A CZ     1 
ATOM   438  O OH     . TYR C 2 8  ? 8.692   -6.428  -4.404  1.00 31.96 ? 8    TYR A OH     1 
ATOM   439  H H      . TYR C 2 8  ? 11.204  1.570   -3.521  1.00 0.00  ? 8    TYR A H      1 
ATOM   440  H HH     . TYR C 2 8  ? 8.997   -6.776  -5.247  1.00 0.00  ? 8    TYR A HH     1 
ATOM   441  N N      . LYS C 2 9  ? 12.984  -1.542  -4.128  1.00 32.58 ? 9    LYS A N      1 
ATOM   442  C CA     . LYS C 2 9  ? 14.176  -1.838  -4.900  1.00 35.66 ? 9    LYS A CA     1 
ATOM   443  C C      . LYS C 2 9  ? 15.018  -0.626  -5.300  1.00 34.34 ? 9    LYS A C      1 
ATOM   444  O O      . LYS C 2 9  ? 15.253  -0.370  -6.472  1.00 38.07 ? 9    LYS A O      1 
ATOM   445  C CB     . LYS C 2 9  ? 13.818  -2.706  -6.102  1.00 35.13 ? 9    LYS A CB     1 
ATOM   446  C CG     . LYS C 2 9  ? 13.345  -4.076  -5.686  1.00 39.77 ? 9    LYS A CG     1 
ATOM   447  C CD     . LYS C 2 9  ? 13.164  -4.984  -6.875  1.00 44.57 ? 9    LYS A CD     1 
ATOM   448  C CE     . LYS C 2 9  ? 14.488  -5.268  -7.557  1.00 48.83 ? 9    LYS A CE     1 
ATOM   449  N NZ     . LYS C 2 9  ? 14.336  -6.266  -8.660  1.00 52.40 ? 9    LYS A NZ     1 
ATOM   450  H H      . LYS C 2 9  ? 12.804  -2.045  -3.317  1.00 0.00  ? 9    LYS A H      1 
ATOM   451  H HZ1    . LYS C 2 9  ? 13.966  -7.156  -8.269  1.00 0.00  ? 9    LYS A HZ1    1 
ATOM   452  H HZ2    . LYS C 2 9  ? 13.675  -5.898  -9.372  1.00 0.00  ? 9    LYS A HZ2    1 
ATOM   453  H HZ3    . LYS C 2 9  ? 15.262  -6.442  -9.099  1.00 0.00  ? 9    LYS A HZ3    1 
ATOM   454  N N      . GLY C 2 10 ? 15.470  0.116   -4.299  1.00 36.33 ? 10   GLY A N      1 
ATOM   455  C CA     . GLY C 2 10 ? 16.301  1.276   -4.543  1.00 37.39 ? 10   GLY A CA     1 
ATOM   456  C C      . GLY C 2 10 ? 15.568  2.456   -5.135  1.00 38.82 ? 10   GLY A C      1 
ATOM   457  O O      . GLY C 2 10 ? 16.172  3.500   -5.361  1.00 40.73 ? 10   GLY A O      1 
ATOM   458  H H      . GLY C 2 10 ? 15.235  -0.124  -3.378  1.00 0.00  ? 10   GLY A H      1 
ATOM   459  N N      . GLU C 2 11 ? 14.265  2.312   -5.346  1.00 38.66 ? 11   GLU A N      1 
ATOM   460  C CA     . GLU C 2 11 ? 13.465  3.373   -5.943  1.00 38.53 ? 11   GLU A CA     1 
ATOM   461  C C      . GLU C 2 11 ? 12.400  3.877   -4.982  1.00 32.98 ? 11   GLU A C      1 
ATOM   462  O O      . GLU C 2 11 ? 11.729  3.095   -4.322  1.00 29.76 ? 11   GLU A O      1 
ATOM   463  C CB     . GLU C 2 11 ? 12.793  2.849   -7.228  1.00 45.67 ? 11   GLU A CB     1 
ATOM   464  C CG     . GLU C 2 11 ? 13.766  2.231   -8.257  1.00 54.67 ? 11   GLU A CG     1 
ATOM   465  C CD     . GLU C 2 11 ? 13.074  1.412   -9.369  1.00 59.71 ? 11   GLU A CD     1 
ATOM   466  O OE1    . GLU C 2 11 ? 12.045  0.758   -9.081  1.00 65.31 ? 11   GLU A OE1    1 
ATOM   467  O OE2    . GLU C 2 11 ? 13.574  1.397   -10.526 1.00 58.25 ? 11   GLU A OE2    1 
ATOM   468  H H      . GLU C 2 11 ? 13.814  1.485   -5.080  1.00 0.00  ? 11   GLU A H      1 
ATOM   469  N N      . GLU C 2 12 ? 12.269  5.191   -4.887  1.00 34.09 ? 12   GLU A N      1 
ATOM   470  C CA     . GLU C 2 12 ? 11.249  5.800   -4.034  1.00 36.58 ? 12   GLU A CA     1 
ATOM   471  C C      . GLU C 2 12 ? 9.990   5.978   -4.899  1.00 35.71 ? 12   GLU A C      1 
ATOM   472  O O      . GLU C 2 12 ? 10.045  6.576   -5.972  1.00 37.98 ? 12   GLU A O      1 
ATOM   473  C CB     . GLU C 2 12 ? 11.739  7.157   -3.513  1.00 38.57 ? 12   GLU A CB     1 
ATOM   474  C CG     . GLU C 2 12 ? 10.896  7.774   -2.394  1.00 41.27 ? 12   GLU A CG     1 
ATOM   475  C CD     . GLU C 2 12 ? 11.036  7.071   -1.062  1.00 44.73 ? 12   GLU A CD     1 
ATOM   476  O OE1    . GLU C 2 12 ? 12.121  6.500   -0.799  1.00 48.07 ? 12   GLU A OE1    1 
ATOM   477  O OE2    . GLU C 2 12 ? 10.062  7.103   -0.269  1.00 45.69 ? 12   GLU A OE2    1 
ATOM   478  H H      . GLU C 2 12 ? 12.865  5.770   -5.403  1.00 0.00  ? 12   GLU A H      1 
ATOM   479  N N      . LYS C 2 13 ? 8.873   5.412   -4.463  1.00 35.27 ? 13   LYS A N      1 
ATOM   480  C CA     . LYS C 2 13 ? 7.632   5.500   -5.216  1.00 32.53 ? 13   LYS A CA     1 
ATOM   481  C C      . LYS C 2 13 ? 6.500   6.187   -4.470  1.00 32.23 ? 13   LYS A C      1 
ATOM   482  O O      . LYS C 2 13 ? 6.516   6.303   -3.248  1.00 30.29 ? 13   LYS A O      1 
ATOM   483  C CB     . LYS C 2 13 ? 7.187   4.100   -5.617  1.00 36.03 ? 13   LYS A CB     1 
ATOM   484  C CG     . LYS C 2 13 ? 8.251   3.321   -6.340  1.00 35.60 ? 13   LYS A CG     1 
ATOM   485  C CD     . LYS C 2 13 ? 7.717   2.010   -6.818  1.00 40.62 ? 13   LYS A CD     1 
ATOM   486  C CE     . LYS C 2 13 ? 8.781   1.271   -7.597  1.00 42.27 ? 13   LYS A CE     1 
ATOM   487  N NZ     . LYS C 2 13 ? 9.209   2.066   -8.771  1.00 45.68 ? 13   LYS A NZ     1 
ATOM   488  H H      . LYS C 2 13 ? 8.895   4.857   -3.688  1.00 0.00  ? 13   LYS A H      1 
ATOM   489  H HZ1    . LYS C 2 13 ? 8.391   2.241   -9.388  1.00 0.00  ? 13   LYS A HZ1    1 
ATOM   490  H HZ2    . LYS C 2 13 ? 9.605   2.975   -8.456  1.00 0.00  ? 13   LYS A HZ2    1 
ATOM   491  H HZ3    . LYS C 2 13 ? 9.936   1.538   -9.294  1.00 0.00  ? 13   LYS A HZ3    1 
ATOM   492  N N      . GLU C 2 14 ? 5.500   6.610   -5.230  1.00 32.73 ? 14   GLU A N      1 
ATOM   493  C CA     . GLU C 2 14 ? 4.323   7.292   -4.695  1.00 34.48 ? 14   GLU A CA     1 
ATOM   494  C C      . GLU C 2 14 ? 3.139   6.675   -5.451  1.00 35.28 ? 14   GLU A C      1 
ATOM   495  O O      . GLU C 2 14 ? 3.194   6.531   -6.680  1.00 37.14 ? 14   GLU A O      1 
ATOM   496  C CB     . GLU C 2 14 ? 4.452   8.793   -4.976  1.00 36.12 ? 14   GLU A CB     1 
ATOM   497  C CG     . GLU C 2 14 ? 3.577   9.677   -4.128  1.00 45.97 ? 14   GLU A CG     1 
ATOM   498  C CD     . GLU C 2 14 ? 4.143   11.087  -3.983  1.00 50.98 ? 14   GLU A CD     1 
ATOM   499  O OE1    . GLU C 2 14 ? 4.218   11.813  -5.003  1.00 51.79 ? 14   GLU A OE1    1 
ATOM   500  O OE2    . GLU C 2 14 ? 4.517   11.462  -2.842  1.00 51.39 ? 14   GLU A OE2    1 
ATOM   501  H H      . GLU C 2 14 ? 5.550   6.459   -6.196  1.00 0.00  ? 14   GLU A H      1 
ATOM   502  N N      . VAL C 2 15 ? 2.094   6.264   -4.737  1.00 30.90 ? 15   VAL A N      1 
ATOM   503  C CA     . VAL C 2 15 ? 0.962   5.641   -5.395  1.00 28.34 ? 15   VAL A CA     1 
ATOM   504  C C      . VAL C 2 15 ? -0.356  6.092   -4.829  1.00 29.00 ? 15   VAL A C      1 
ATOM   505  O O      . VAL C 2 15 ? -0.483  6.263   -3.631  1.00 29.31 ? 15   VAL A O      1 
ATOM   506  C CB     . VAL C 2 15 ? 1.084   4.089   -5.330  1.00 29.39 ? 15   VAL A CB     1 
ATOM   507  C CG1    . VAL C 2 15 ? -0.249  3.385   -5.627  1.00 26.35 ? 15   VAL A CG1    1 
ATOM   508  C CG2    . VAL C 2 15 ? 2.141   3.624   -6.318  1.00 31.94 ? 15   VAL A CG2    1 
ATOM   509  H H      . VAL C 2 15 ? 2.070   6.398   -3.770  1.00 0.00  ? 15   VAL A H      1 
ATOM   510  N N      . ASP C 2 16 ? -1.334  6.284   -5.712  1.00 31.32 ? 16   ASP A N      1 
ATOM   511  C CA     . ASP C 2 16 ? -2.689  6.692   -5.351  1.00 28.77 ? 16   ASP A CA     1 
ATOM   512  C C      . ASP C 2 16 ? -3.362  5.616   -4.558  1.00 28.52 ? 16   ASP A C      1 
ATOM   513  O O      . ASP C 2 16 ? -3.374  4.464   -4.968  1.00 31.10 ? 16   ASP A O      1 
ATOM   514  C CB     . ASP C 2 16 ? -3.524  6.904   -6.607  1.00 36.56 ? 16   ASP A CB     1 
ATOM   515  C CG     . ASP C 2 16 ? -3.615  8.348   -7.004  1.00 42.87 ? 16   ASP A CG     1 
ATOM   516  O OD1    . ASP C 2 16 ? -4.083  9.152   -6.171  1.00 46.75 ? 16   ASP A OD1    1 
ATOM   517  O OD2    . ASP C 2 16 ? -3.228  8.675   -8.145  1.00 48.58 ? 16   ASP A OD2    1 
ATOM   518  H H      . ASP C 2 16 ? -1.131  6.138   -6.659  1.00 0.00  ? 16   ASP A H      1 
ATOM   519  N N      . ILE C 2 17 ? -3.973  5.987   -3.445  1.00 29.84 ? 17   ILE A N      1 
ATOM   520  C CA     . ILE C 2 17 ? -4.675  5.009   -2.611  1.00 31.71 ? 17   ILE A CA     1 
ATOM   521  C C      . ILE C 2 17 ? -5.819  4.313   -3.373  1.00 30.82 ? 17   ILE A C      1 
ATOM   522  O O      . ILE C 2 17 ? -6.154  3.164   -3.099  1.00 32.14 ? 17   ILE A O      1 
ATOM   523  C CB     . ILE C 2 17 ? -5.249  5.675   -1.342  1.00 34.49 ? 17   ILE A CB     1 
ATOM   524  C CG1    . ILE C 2 17 ? -4.125  6.332   -0.523  1.00 36.16 ? 17   ILE A CG1    1 
ATOM   525  C CG2    . ILE C 2 17 ? -6.002  4.646   -0.515  1.00 33.87 ? 17   ILE A CG2    1 
ATOM   526  C CD1    . ILE C 2 17 ? -3.221  5.362   0.213   1.00 42.23 ? 17   ILE A CD1    1 
ATOM   527  H H      . ILE C 2 17 ? -3.957  6.927   -3.181  1.00 0.00  ? 17   ILE A H      1 
ATOM   528  N N      . SER C 2 18 ? -6.424  5.017   -4.322  1.00 30.01 ? 18   SER A N      1 
ATOM   529  C CA     . SER C 2 18 ? -7.522  4.455   -5.102  1.00 28.75 ? 18   SER A CA     1 
ATOM   530  C C      . SER C 2 18 ? -7.081  3.255   -5.957  1.00 30.04 ? 18   SER A C      1 
ATOM   531  O O      . SER C 2 18 ? -7.920  2.431   -6.344  1.00 27.28 ? 18   SER A O      1 
ATOM   532  C CB     . SER C 2 18 ? -8.128  5.533   -5.992  1.00 21.89 ? 18   SER A CB     1 
ATOM   533  O OG     . SER C 2 18 ? -7.137  6.062   -6.856  1.00 25.57 ? 18   SER A OG     1 
ATOM   534  H H      . SER C 2 18 ? -6.130  5.933   -4.499  1.00 0.00  ? 18   SER A H      1 
ATOM   535  H HG     . SER C 2 18 ? -7.527  6.758   -7.392  1.00 0.00  ? 18   SER A HG     1 
ATOM   536  N N      . LYS C 2 19 ? -5.772  3.149   -6.226  1.00 30.28 ? 19   LYS A N      1 
ATOM   537  C CA     . LYS C 2 19 ? -5.217  2.052   -7.030  1.00 29.34 ? 19   LYS A CA     1 
ATOM   538  C C      . LYS C 2 19 ? -4.786  0.847   -6.208  1.00 28.26 ? 19   LYS A C      1 
ATOM   539  O O      . LYS C 2 19 ? -4.357  -0.156  -6.763  1.00 31.60 ? 19   LYS A O      1 
ATOM   540  C CB     . LYS C 2 19 ? -4.018  2.521   -7.863  1.00 29.78 ? 19   LYS A CB     1 
ATOM   541  C CG     . LYS C 2 19 ? -4.226  3.836   -8.572  1.00 34.40 ? 19   LYS A CG     1 
ATOM   542  C CD     . LYS C 2 19 ? -3.598  3.832   -9.947  1.00 41.19 ? 19   LYS A CD     1 
ATOM   543  C CE     . LYS C 2 19 ? -4.469  3.088   -10.956 1.00 41.43 ? 19   LYS A CE     1 
ATOM   544  N NZ     . LYS C 2 19 ? -3.886  3.121   -12.330 1.00 44.57 ? 19   LYS A NZ     1 
ATOM   545  H H      . LYS C 2 19 ? -5.166  3.833   -5.874  1.00 0.00  ? 19   LYS A H      1 
ATOM   546  H HZ1    . LYS C 2 19 ? -3.790  4.107   -12.645 1.00 0.00  ? 19   LYS A HZ1    1 
ATOM   547  H HZ2    . LYS C 2 19 ? -2.951  2.666   -12.317 1.00 0.00  ? 19   LYS A HZ2    1 
ATOM   548  H HZ3    . LYS C 2 19 ? -4.508  2.607   -12.985 1.00 0.00  ? 19   LYS A HZ3    1 
ATOM   549  N N      . ILE C 2 20 ? -4.891  0.942   -4.890  1.00 26.69 ? 20   ILE A N      1 
ATOM   550  C CA     . ILE C 2 20 ? -4.493  -0.150  -4.015  1.00 24.00 ? 20   ILE A CA     1 
ATOM   551  C C      . ILE C 2 20 ? -5.528  -1.270  -3.974  1.00 24.17 ? 20   ILE A C      1 
ATOM   552  O O      . ILE C 2 20 ? -6.706  -1.026  -3.716  1.00 22.85 ? 20   ILE A O      1 
ATOM   553  C CB     . ILE C 2 20 ? -4.120  0.401   -2.611  1.00 23.31 ? 20   ILE A CB     1 
ATOM   554  C CG1    . ILE C 2 20 ? -2.757  1.083   -2.707  1.00 20.38 ? 20   ILE A CG1    1 
ATOM   555  C CG2    . ILE C 2 20 ? -4.105  -0.677  -1.572  1.00 21.55 ? 20   ILE A CG2    1 
ATOM   556  C CD1    . ILE C 2 20 ? -2.304  1.690   -1.466  1.00 27.05 ? 20   ILE A CD1    1 
ATOM   557  H H      . ILE C 2 20 ? -5.245  1.762   -4.494  1.00 0.00  ? 20   ILE A H      1 
ATOM   558  N N      . LYS C 2 21 ? -5.066  -2.504  -4.189  1.00 23.53 ? 21   LYS A N      1 
ATOM   559  C CA     . LYS C 2 21 ? -5.949  -3.674  -4.228  1.00 24.25 ? 21   LYS A CA     1 
ATOM   560  C C      . LYS C 2 21 ? -6.095  -4.487  -2.952  1.00 22.74 ? 21   LYS A C      1 
ATOM   561  O O      . LYS C 2 21 ? -7.190  -4.665  -2.431  1.00 27.18 ? 21   LYS A O      1 
ATOM   562  C CB     . LYS C 2 21 ? -5.521  -4.606  -5.361  1.00 23.91 ? 21   LYS A CB     1 
ATOM   563  C CG     . LYS C 2 21 ? -5.315  -3.936  -6.709  1.00 22.46 ? 21   LYS A CG     1 
ATOM   564  C CD     . LYS C 2 21 ? -4.774  -4.970  -7.663  1.00 28.68 ? 21   LYS A CD     1 
ATOM   565  C CE     . LYS C 2 21 ? -4.814  -4.505  -9.096  1.00 34.61 ? 21   LYS A CE     1 
ATOM   566  N NZ     . LYS C 2 21 ? -4.622  -5.672  -10.000 1.00 35.76 ? 21   LYS A NZ     1 
ATOM   567  H H      . LYS C 2 21 ? -4.117  -2.618  -4.358  1.00 0.00  ? 21   LYS A H      1 
ATOM   568  H HZ1    . LYS C 2 21 ? -5.363  -6.377  -9.813  1.00 0.00  ? 21   LYS A HZ1    1 
ATOM   569  H HZ2    . LYS C 2 21 ? -4.672  -5.372  -10.995 1.00 0.00  ? 21   LYS A HZ2    1 
ATOM   570  H HZ3    . LYS C 2 21 ? -3.692  -6.097  -9.814  1.00 0.00  ? 21   LYS A HZ3    1 
ATOM   571  N N      . LYS C 2 22 ? -4.999  -5.058  -2.491  1.00 25.64 ? 22   LYS A N      1 
ATOM   572  C CA     . LYS C 2 22 ? -5.024  -5.862  -1.272  1.00 25.16 ? 22   LYS A CA     1 
ATOM   573  C C      . LYS C 2 22 ? -4.099  -5.198  -0.234  1.00 21.10 ? 22   LYS A C      1 
ATOM   574  O O      . LYS C 2 22 ? -3.084  -4.605  -0.575  1.00 17.56 ? 22   LYS A O      1 
ATOM   575  C CB     . LYS C 2 22 ? -4.564  -7.298  -1.603  1.00 27.33 ? 22   LYS A CB     1 
ATOM   576  C CG     . LYS C 2 22 ? -4.959  -8.382  -0.597  1.00 33.37 ? 22   LYS A CG     1 
ATOM   577  C CD     . LYS C 2 22 ? -4.521  -9.770  -1.096  1.00 38.96 ? 22   LYS A CD     1 
ATOM   578  C CE     . LYS C 2 22 ? -4.874  -10.905 -0.122  1.00 41.73 ? 22   LYS A CE     1 
ATOM   579  N NZ     . LYS C 2 22 ? -4.061  -10.852 1.136   1.00 42.75 ? 22   LYS A NZ     1 
ATOM   580  H H      . LYS C 2 22 ? -4.152  -4.933  -2.967  1.00 0.00  ? 22   LYS A H      1 
ATOM   581  H HZ1    . LYS C 2 22 ? -3.051  -10.903 0.894   1.00 0.00  ? 22   LYS A HZ1    1 
ATOM   582  H HZ2    . LYS C 2 22 ? -4.251  -9.967  1.648   1.00 0.00  ? 22   LYS A HZ2    1 
ATOM   583  H HZ3    . LYS C 2 22 ? -4.310  -11.659 1.743   1.00 0.00  ? 22   LYS A HZ3    1 
ATOM   584  N N      . VAL C 2 23 ? -4.496  -5.248  1.025   1.00 22.38 ? 23   VAL A N      1 
ATOM   585  C CA     . VAL C 2 23 ? -3.709  -4.658  2.099   1.00 23.58 ? 23   VAL A CA     1 
ATOM   586  C C      . VAL C 2 23 ? -3.633  -5.674  3.246   1.00 24.89 ? 23   VAL A C      1 
ATOM   587  O O      . VAL C 2 23 ? -4.611  -6.365  3.548   1.00 27.40 ? 23   VAL A O      1 
ATOM   588  C CB     . VAL C 2 23 ? -4.354  -3.329  2.638   1.00 25.56 ? 23   VAL A CB     1 
ATOM   589  C CG1    . VAL C 2 23 ? -3.462  -2.701  3.699   1.00 27.96 ? 23   VAL A CG1    1 
ATOM   590  C CG2    . VAL C 2 23 ? -4.544  -2.330  1.531   1.00 26.63 ? 23   VAL A CG2    1 
ATOM   591  H H      . VAL C 2 23 ? -5.340  -5.693  1.246   1.00 0.00  ? 23   VAL A H      1 
ATOM   592  N N      . TRP C 2 24 ? -2.453  -5.820  3.837   1.00 21.34 ? 24   TRP A N      1 
ATOM   593  C CA     . TRP C 2 24 ? -2.311  -6.732  4.944   1.00 22.14 ? 24   TRP A CA     1 
ATOM   594  C C      . TRP C 2 24 ? -1.161  -6.331  5.856   1.00 22.50 ? 24   TRP A C      1 
ATOM   595  O O      . TRP C 2 24 ? -0.266  -5.578  5.474   1.00 24.53 ? 24   TRP A O      1 
ATOM   596  C CB     . TRP C 2 24 ? -2.186  -8.196  4.476   1.00 23.68 ? 24   TRP A CB     1 
ATOM   597  C CG     . TRP C 2 24 ? -0.906  -8.554  3.789   1.00 20.31 ? 24   TRP A CG     1 
ATOM   598  C CD1    . TRP C 2 24 ? 0.201   -9.127  4.360   1.00 18.31 ? 24   TRP A CD1    1 
ATOM   599  C CD2    . TRP C 2 24 ? -0.600  -8.375  2.400   1.00 20.50 ? 24   TRP A CD2    1 
ATOM   600  N NE1    . TRP C 2 24 ? 1.176   -9.314  3.408   1.00 19.58 ? 24   TRP A NE1    1 
ATOM   601  C CE2    . TRP C 2 24 ? 0.715   -8.864  2.197   1.00 22.07 ? 24   TRP A CE2    1 
ATOM   602  C CE3    . TRP C 2 24 ? -1.308  -7.853  1.306   1.00 21.06 ? 24   TRP A CE3    1 
ATOM   603  C CZ2    . TRP C 2 24 ? 1.339   -8.846  0.941   1.00 19.93 ? 24   TRP A CZ2    1 
ATOM   604  C CZ3    . TRP C 2 24 ? -0.689  -7.830  0.053   1.00 18.95 ? 24   TRP A CZ3    1 
ATOM   605  C CH2    . TRP C 2 24 ? 0.622   -8.326  -0.116  1.00 24.10 ? 24   TRP A CH2    1 
ATOM   606  H H      . TRP C 2 24 ? -1.683  -5.303  3.533   1.00 0.00  ? 24   TRP A H      1 
ATOM   607  H HE1    . TRP C 2 24 ? 2.057   -9.709  3.580   1.00 0.00  ? 24   TRP A HE1    1 
ATOM   608  N N      . ARG C 2 25 ? -1.215  -6.842  7.074   1.00 22.73 ? 25   ARG A N      1 
ATOM   609  C CA     . ARG C 2 25 ? -0.225  -6.558  8.087   1.00 25.76 ? 25   ARG A CA     1 
ATOM   610  C C      . ARG C 2 25 ? 0.690   -7.769  8.248   1.00 25.67 ? 25   ARG A C      1 
ATOM   611  O O      . ARG C 2 25 ? 0.224   -8.905  8.265   1.00 25.94 ? 25   ARG A O      1 
ATOM   612  C CB     . ARG C 2 25 ? -0.960  -6.255  9.402   1.00 28.34 ? 25   ARG A CB     1 
ATOM   613  C CG     . ARG C 2 25 ? -0.072  -5.954  10.597  1.00 36.66 ? 25   ARG A CG     1 
ATOM   614  C CD     . ARG C 2 25 ? -0.888  -5.828  11.881  1.00 37.80 ? 25   ARG A CD     1 
ATOM   615  N NE     . ARG C 2 25 ? -1.677  -4.603  11.918  1.00 42.78 ? 25   ARG A NE     1 
ATOM   616  C CZ     . ARG C 2 25 ? -1.156  -3.377  11.888  1.00 44.51 ? 25   ARG A CZ     1 
ATOM   617  N NH1    . ARG C 2 25 ? 0.165   -3.204  11.815  1.00 42.35 ? 25   ARG A NH1    1 
ATOM   618  N NH2    . ARG C 2 25 ? -1.958  -2.318  11.953  1.00 43.18 ? 25   ARG A NH2    1 
ATOM   619  H H      . ARG C 2 25 ? -1.945  -7.443  7.276   1.00 0.00  ? 25   ARG A H      1 
ATOM   620  H HE     . ARG C 2 25 ? -2.653  -4.684  11.962  1.00 0.00  ? 25   ARG A HE     1 
ATOM   621  H HH11   . ARG C 2 25 ? 0.784   -3.987  11.785  1.00 0.00  ? 25   ARG A HH11   1 
ATOM   622  H HH12   . ARG C 2 25 ? 0.538   -2.279  11.794  1.00 0.00  ? 25   ARG A HH12   1 
ATOM   623  H HH21   . ARG C 2 25 ? -2.948  -2.447  12.024  1.00 0.00  ? 25   ARG A HH21   1 
ATOM   624  H HH22   . ARG C 2 25 ? -1.575  -1.395  11.934  1.00 0.00  ? 25   ARG A HH22   1 
ATOM   625  N N      . VAL C 2 26 ? 1.995   -7.520  8.257   1.00 25.66 ? 26   VAL A N      1 
ATOM   626  C CA     . VAL C 2 26 ? 2.993   -8.569  8.465   1.00 27.36 ? 26   VAL A CA     1 
ATOM   627  C C      . VAL C 2 26 ? 3.934   -8.021  9.520   1.00 28.05 ? 26   VAL A C      1 
ATOM   628  O O      . VAL C 2 26 ? 4.757   -7.151  9.252   1.00 29.57 ? 26   VAL A O      1 
ATOM   629  C CB     . VAL C 2 26 ? 3.746   -8.992  7.161   1.00 28.75 ? 26   VAL A CB     1 
ATOM   630  C CG1    . VAL C 2 26 ? 4.068   -7.801  6.309   1.00 28.37 ? 26   VAL A CG1    1 
ATOM   631  C CG2    . VAL C 2 26 ? 5.002   -9.800  7.484   1.00 22.38 ? 26   VAL A CG2    1 
ATOM   632  H H      . VAL C 2 26 ? 2.297   -6.601  8.119   1.00 0.00  ? 26   VAL A H      1 
ATOM   633  N N      . GLY C 2 27 ? 3.721   -8.479  10.749  1.00 30.57 ? 27   GLY A N      1 
ATOM   634  C CA     . GLY C 2 27 ? 4.525   -8.032  11.862  1.00 30.09 ? 27   GLY A CA     1 
ATOM   635  C C      . GLY C 2 27 ? 4.148   -6.607  12.174  1.00 29.20 ? 27   GLY A C      1 
ATOM   636  O O      . GLY C 2 27 ? 3.039   -6.344  12.614  1.00 31.49 ? 27   GLY A O      1 
ATOM   637  H H      . GLY C 2 27 ? 3.009   -9.132  10.903  1.00 0.00  ? 27   GLY A H      1 
ATOM   638  N N      . LYS C 2 28 ? 5.062   -5.687  11.906  1.00 30.62 ? 28   LYS A N      1 
ATOM   639  C CA     . LYS C 2 28 ? 4.830   -4.269  12.148  1.00 31.80 ? 28   LYS A CA     1 
ATOM   640  C C      . LYS C 2 28 ? 4.895   -3.479  10.842  1.00 30.90 ? 28   LYS A C      1 
ATOM   641  O O      . LYS C 2 28 ? 5.112   -2.263  10.850  1.00 32.97 ? 28   LYS A O      1 
ATOM   642  C CB     . LYS C 2 28 ? 5.872   -3.713  13.120  1.00 32.69 ? 28   LYS A CB     1 
ATOM   643  C CG     . LYS C 2 28 ? 5.841   -4.270  14.528  1.00 32.96 ? 28   LYS A CG     1 
ATOM   644  C CD     . LYS C 2 28 ? 6.981   -3.620  15.293  1.00 33.28 ? 28   LYS A CD     1 
ATOM   645  C CE     . LYS C 2 28 ? 6.970   -3.971  16.747  1.00 34.13 ? 28   LYS A CE     1 
ATOM   646  N NZ     . LYS C 2 28 ? 8.059   -3.224  17.433  1.00 40.18 ? 28   LYS A NZ     1 
ATOM   647  H H      . LYS C 2 28 ? 5.915   -5.973  11.523  1.00 0.00  ? 28   LYS A H      1 
ATOM   648  H HZ1    . LYS C 2 28 ? 7.909   -2.203  17.301  1.00 0.00  ? 28   LYS A HZ1    1 
ATOM   649  H HZ2    . LYS C 2 28 ? 8.048   -3.445  18.449  1.00 0.00  ? 28   LYS A HZ2    1 
ATOM   650  H HZ3    . LYS C 2 28 ? 8.979   -3.494  17.030  1.00 0.00  ? 28   LYS A HZ3    1 
ATOM   651  N N      . MET C 2 29 ? 4.824   -4.176  9.717   1.00 30.38 ? 29   MET A N      1 
ATOM   652  C CA     . MET C 2 29 ? 4.840   -3.482  8.443   1.00 30.26 ? 29   MET A CA     1 
ATOM   653  C C      . MET C 2 29 ? 3.503   -3.731  7.750   1.00 29.44 ? 29   MET A C      1 
ATOM   654  O O      . MET C 2 29 ? 2.788   -4.675  8.092   1.00 27.27 ? 29   MET A O      1 
ATOM   655  C CB     . MET C 2 29 ? 6.027   -3.906  7.574   1.00 31.31 ? 29   MET A CB     1 
ATOM   656  C CG     . MET C 2 29 ? 5.888   -5.220  6.824   1.00 33.34 ? 29   MET A CG     1 
ATOM   657  S SD     . MET C 2 29 ? 7.250   -5.488  5.636   1.00 36.89 ? 29   MET A SD     1 
ATOM   658  C CE     . MET C 2 29 ? 7.524   -7.225  5.797   1.00 36.27 ? 29   MET A CE     1 
ATOM   659  H H      . MET C 2 29 ? 4.753   -5.151  9.742   1.00 0.00  ? 29   MET A H      1 
ATOM   660  N N      . ILE C 2 30 ? 3.103   -2.784  6.906   1.00 29.17 ? 30   ILE A N      1 
ATOM   661  C CA     . ILE C 2 30 ? 1.851   -2.892  6.161   1.00 27.21 ? 30   ILE A CA     1 
ATOM   662  C C      . ILE C 2 30 ? 2.237   -3.094  4.706   1.00 24.77 ? 30   ILE A C      1 
ATOM   663  O O      . ILE C 2 30 ? 2.827   -2.193  4.096   1.00 23.40 ? 30   ILE A O      1 
ATOM   664  C CB     . ILE C 2 30 ? 0.982   -1.601  6.253   1.00 25.12 ? 30   ILE A CB     1 
ATOM   665  C CG1    . ILE C 2 30 ? 0.728   -1.197  7.712   1.00 16.67 ? 30   ILE A CG1    1 
ATOM   666  C CG2    . ILE C 2 30 ? -0.335  -1.813  5.524   1.00 23.23 ? 30   ILE A CG2    1 
ATOM   667  C CD1    . ILE C 2 30 ? 0.065   -2.249  8.540   1.00 18.56 ? 30   ILE A CD1    1 
ATOM   668  H H      . ILE C 2 30 ? 3.657   -1.992  6.781   1.00 0.00  ? 30   ILE A H      1 
ATOM   669  N N      . SER C 2 31 ? 1.953   -4.291  4.187   1.00 24.18 ? 31   SER A N      1 
ATOM   670  C CA     . SER C 2 31 ? 2.248   -4.652  2.797   1.00 22.68 ? 31   SER A CA     1 
ATOM   671  C C      . SER C 2 31 ? 0.977   -4.569  1.956   1.00 19.12 ? 31   SER A C      1 
ATOM   672  O O      . SER C 2 31 ? -0.113  -4.837  2.447   1.00 15.93 ? 31   SER A O      1 
ATOM   673  C CB     . SER C 2 31 ? 2.839   -6.070  2.706   1.00 21.81 ? 31   SER A CB     1 
ATOM   674  O OG     . SER C 2 31 ? 3.954   -6.218  3.567   1.00 27.21 ? 31   SER A OG     1 
ATOM   675  H H      . SER C 2 31 ? 1.528   -4.961  4.760   1.00 0.00  ? 31   SER A H      1 
ATOM   676  H HG     . SER C 2 31 ? 3.695   -5.978  4.459   1.00 0.00  ? 31   SER A HG     1 
ATOM   677  N N      . PHE C 2 32 ? 1.132   -4.251  0.675   1.00 20.76 ? 32   PHE A N      1 
ATOM   678  C CA     . PHE C 2 32 ? -0.024  -4.107  -0.208  1.00 24.00 ? 32   PHE A CA     1 
ATOM   679  C C      . PHE C 2 32 ? 0.262   -4.375  -1.672  1.00 22.87 ? 32   PHE A C      1 
ATOM   680  O O      . PHE C 2 32 ? 1.421   -4.424  -2.092  1.00 25.98 ? 32   PHE A O      1 
ATOM   681  C CB     . PHE C 2 32 ? -0.630  -2.681  -0.085  1.00 19.27 ? 32   PHE A CB     1 
ATOM   682  C CG     . PHE C 2 32 ? 0.375   -1.570  -0.231  1.00 15.28 ? 32   PHE A CG     1 
ATOM   683  C CD1    . PHE C 2 32 ? 0.771   -1.130  -1.484  1.00 15.18 ? 32   PHE A CD1    1 
ATOM   684  C CD2    . PHE C 2 32 ? 0.968   -1.002  0.904   1.00 17.08 ? 32   PHE A CD2    1 
ATOM   685  C CE1    . PHE C 2 32 ? 1.759   -0.139  -1.620  1.00 17.51 ? 32   PHE A CE1    1 
ATOM   686  C CE2    . PHE C 2 32 ? 1.948   -0.021  0.794   1.00 16.19 ? 32   PHE A CE2    1 
ATOM   687  C CZ     . PHE C 2 32 ? 2.353   0.416   -0.477  1.00 14.64 ? 32   PHE A CZ     1 
ATOM   688  H H      . PHE C 2 32 ? 2.021   -4.152  0.298   1.00 0.00  ? 32   PHE A H      1 
ATOM   689  N N      . THR C 2 33 ? -0.803  -4.600  -2.438  1.00 20.14 ? 33   THR A N      1 
ATOM   690  C CA     . THR C 2 33 ? -0.658  -4.756  -3.883  1.00 22.74 ? 33   THR A CA     1 
ATOM   691  C C      . THR C 2 33 ? -1.391  -3.565  -4.500  1.00 23.80 ? 33   THR A C      1 
ATOM   692  O O      . THR C 2 33 ? -2.350  -3.056  -3.927  1.00 20.74 ? 33   THR A O      1 
ATOM   693  C CB     . THR C 2 33 ? -1.257  -6.081  -4.434  1.00 21.44 ? 33   THR A CB     1 
ATOM   694  O OG1    . THR C 2 33 ? -2.618  -6.240  -4.001  1.00 19.62 ? 33   THR A OG1    1 
ATOM   695  C CG2    . THR C 2 33 ? -0.400  -7.283  -3.988  1.00 22.08 ? 33   THR A CG2    1 
ATOM   696  H H      . THR C 2 33 ? -1.692  -4.649  -2.039  1.00 0.00  ? 33   THR A H      1 
ATOM   697  H HG1    . THR C 2 33 ? -2.632  -6.224  -3.040  1.00 0.00  ? 33   THR A HG1    1 
ATOM   698  N N      . TYR C 2 34 ? -0.905  -3.089  -5.633  1.00 22.60 ? 34   TYR A N      1 
ATOM   699  C CA     . TYR C 2 34 ? -1.549  -1.981  -6.286  1.00 22.85 ? 34   TYR A CA     1 
ATOM   700  C C      . TYR C 2 34 ? -1.560  -2.159  -7.800  1.00 24.49 ? 34   TYR A C      1 
ATOM   701  O O      . TYR C 2 34 ? -0.878  -3.006  -8.354  1.00 23.47 ? 34   TYR A O      1 
ATOM   702  C CB     . TYR C 2 34 ? -0.893  -0.646  -5.879  1.00 22.80 ? 34   TYR A CB     1 
ATOM   703  C CG     . TYR C 2 34 ? 0.540   -0.443  -6.332  1.00 21.73 ? 34   TYR A CG     1 
ATOM   704  C CD1    . TYR C 2 34 ? 1.615   -0.973  -5.602  1.00 24.27 ? 34   TYR A CD1    1 
ATOM   705  C CD2    . TYR C 2 34 ? 0.820   0.266   -7.494  1.00 20.51 ? 34   TYR A CD2    1 
ATOM   706  C CE1    . TYR C 2 34 ? 2.932   -0.797  -6.036  1.00 24.28 ? 34   TYR A CE1    1 
ATOM   707  C CE2    . TYR C 2 34 ? 2.119   0.447   -7.939  1.00 25.40 ? 34   TYR A CE2    1 
ATOM   708  C CZ     . TYR C 2 34 ? 3.173   -0.086  -7.211  1.00 27.02 ? 34   TYR A CZ     1 
ATOM   709  O OH     . TYR C 2 34 ? 4.461   0.089   -7.679  1.00 29.09 ? 34   TYR A OH     1 
ATOM   710  H H      . TYR C 2 34 ? -0.107  -3.486  -6.035  1.00 0.00  ? 34   TYR A H      1 
ATOM   711  H HH     . TYR C 2 34 ? 5.082   -0.373  -7.110  1.00 0.00  ? 34   TYR A HH     1 
ATOM   712  N N      . ASP C 2 35 ? -2.392  -1.366  -8.452  1.00 27.79 ? 35   ASP A N      1 
ATOM   713  C CA     . ASP C 2 35 ? -2.533  -1.383  -9.891  1.00 30.21 ? 35   ASP A CA     1 
ATOM   714  C C      . ASP C 2 35 ? -1.539  -0.397  -10.504 1.00 30.69 ? 35   ASP A C      1 
ATOM   715  O O      . ASP C 2 35 ? -1.557  0.793   -10.193 1.00 27.98 ? 35   ASP A O      1 
ATOM   716  C CB     . ASP C 2 35 ? -3.968  -0.985  -10.247 1.00 34.49 ? 35   ASP A CB     1 
ATOM   717  C CG     . ASP C 2 35 ? -4.198  -0.928  -11.725 1.00 36.84 ? 35   ASP A CG     1 
ATOM   718  O OD1    . ASP C 2 35 ? -4.159  -2.004  -12.355 1.00 43.29 ? 35   ASP A OD1    1 
ATOM   719  O OD2    . ASP C 2 35 ? -4.400  0.185   -12.251 1.00 36.41 ? 35   ASP A OD2    1 
ATOM   720  H H      . ASP C 2 35 ? -2.925  -0.727  -7.944  1.00 0.00  ? 35   ASP A H      1 
ATOM   721  N N      . GLU C 2 36 ? -0.634  -0.896  -11.334 1.00 33.95 ? 36   GLU A N      1 
ATOM   722  C CA     . GLU C 2 36 ? 0.326   0.000   -11.962 1.00 40.02 ? 36   GLU A CA     1 
ATOM   723  C C      . GLU C 2 36 ? 0.078   0.220   -13.450 1.00 43.05 ? 36   GLU A C      1 
ATOM   724  O O      . GLU C 2 36 ? 0.998   0.536   -14.202 1.00 45.60 ? 36   GLU A O      1 
ATOM   725  C CB     . GLU C 2 36 ? 1.775   -0.434  -11.688 1.00 42.34 ? 36   GLU A CB     1 
ATOM   726  C CG     . GLU C 2 36 ? 1.998   -1.925  -11.541 1.00 43.25 ? 36   GLU A CG     1 
ATOM   727  C CD     . GLU C 2 36 ? 3.463   -2.288  -11.333 1.00 43.21 ? 36   GLU A CD     1 
ATOM   728  O OE1    . GLU C 2 36 ? 4.224   -1.453  -10.812 1.00 45.51 ? 36   GLU A OE1    1 
ATOM   729  O OE2    . GLU C 2 36 ? 3.857   -3.419  -11.680 1.00 46.71 ? 36   GLU A OE2    1 
ATOM   730  H H      . GLU C 2 36 ? -0.622  -1.855  -11.529 1.00 0.00  ? 36   GLU A H      1 
ATOM   731  N N      . GLY C 2 37 ? -1.183  0.122   -13.859 1.00 43.64 ? 37   GLY A N      1 
ATOM   732  C CA     . GLY C 2 37 ? -1.513  0.321   -15.256 1.00 45.55 ? 37   GLY A CA     1 
ATOM   733  C C      . GLY C 2 37 ? -1.418  -0.974  -16.034 1.00 47.58 ? 37   GLY A C      1 
ATOM   734  O O      . GLY C 2 37 ? -0.830  -1.941  -15.548 1.00 46.83 ? 37   GLY A O      1 
ATOM   735  H H      . GLY C 2 37 ? -1.891  -0.090  -13.218 1.00 0.00  ? 37   GLY A H      1 
ATOM   736  N N      . GLY C 2 38 ? -1.983  -0.990  -17.245 1.00 47.02 ? 38   GLY A N      1 
ATOM   737  C CA     . GLY C 2 38 ? -1.972  -2.189  -18.059 1.00 43.54 ? 38   GLY A CA     1 
ATOM   738  C C      . GLY C 2 38 ? -2.638  -3.264  -17.236 1.00 44.28 ? 38   GLY A C      1 
ATOM   739  O O      . GLY C 2 38 ? -3.620  -3.000  -16.547 1.00 46.48 ? 38   GLY A O      1 
ATOM   740  H H      . GLY C 2 38 ? -2.418  -0.180  -17.586 1.00 0.00  ? 38   GLY A H      1 
ATOM   741  N N      . GLY C 2 39 ? -2.111  -4.473  -17.267 1.00 41.60 ? 39   GLY A N      1 
ATOM   742  C CA     . GLY C 2 39 ? -2.723  -5.494  -16.444 1.00 42.83 ? 39   GLY A CA     1 
ATOM   743  C C      . GLY C 2 39 ? -1.870  -5.792  -15.225 1.00 40.73 ? 39   GLY A C      1 
ATOM   744  O O      . GLY C 2 39 ? -2.281  -6.570  -14.358 1.00 44.07 ? 39   GLY A O      1 
ATOM   745  H H      . GLY C 2 39 ? -1.330  -4.673  -17.824 1.00 0.00  ? 39   GLY A H      1 
ATOM   746  N N      . LYS C 2 40 ? -0.721  -5.112  -15.145 1.00 40.16 ? 40   LYS A N      1 
ATOM   747  C CA     . LYS C 2 40 ? 0.290   -5.296  -14.098 1.00 38.53 ? 40   LYS A CA     1 
ATOM   748  C C      . LYS C 2 40 ? -0.013  -4.908  -12.653 1.00 36.39 ? 40   LYS A C      1 
ATOM   749  O O      . LYS C 2 40 ? -0.523  -3.820  -12.382 1.00 37.99 ? 40   LYS A O      1 
ATOM   750  C CB     . LYS C 2 40 ? 1.596   -4.615  -14.529 1.00 40.61 ? 40   LYS A CB     1 
ATOM   751  C CG     . LYS C 2 40 ? 1.459   -3.117  -14.748 1.00 43.16 ? 40   LYS A CG     1 
ATOM   752  C CD     . LYS C 2 40 ? 2.697   -2.461  -15.354 1.00 42.73 ? 40   LYS A CD     1 
ATOM   753  C CE     . LYS C 2 40 ? 2.303   -1.164  -16.046 1.00 43.37 ? 40   LYS A CE     1 
ATOM   754  N NZ     . LYS C 2 40 ? 3.443   -0.268  -16.378 1.00 44.34 ? 40   LYS A NZ     1 
ATOM   755  H H      . LYS C 2 40 ? -0.543  -4.435  -15.829 1.00 0.00  ? 40   LYS A H      1 
ATOM   756  H HZ1    . LYS C 2 40 ? 4.105   -0.758  -17.012 1.00 0.00  ? 40   LYS A HZ1    1 
ATOM   757  H HZ2    . LYS C 2 40 ? 3.080   0.587   -16.847 1.00 0.00  ? 40   LYS A HZ2    1 
ATOM   758  H HZ3    . LYS C 2 40 ? 3.937   0.003   -15.503 1.00 0.00  ? 40   LYS A HZ3    1 
ATOM   759  N N      . THR C 2 41 ? 0.350   -5.803  -11.735 1.00 34.25 ? 41   THR A N      1 
ATOM   760  C CA     . THR C 2 41 ? 0.175   -5.581  -10.305 1.00 31.18 ? 41   THR A CA     1 
ATOM   761  C C      . THR C 2 41 ? 1.545   -5.331  -9.659  1.00 32.27 ? 41   THR A C      1 
ATOM   762  O O      . THR C 2 41 ? 2.533   -6.011  -9.961  1.00 28.46 ? 41   THR A O      1 
ATOM   763  C CB     . THR C 2 41 ? -0.498  -6.767  -9.595  1.00 32.11 ? 41   THR A CB     1 
ATOM   764  O OG1    . THR C 2 41 ? -1.822  -6.952  -10.104 1.00 33.40 ? 41   THR A OG1    1 
ATOM   765  C CG2    . THR C 2 41 ? -0.610  -6.500  -8.106  1.00 30.66 ? 41   THR A CG2    1 
ATOM   766  H H      . THR C 2 41 ? 0.754   -6.640  -12.031 1.00 0.00  ? 41   THR A H      1 
ATOM   767  H HG1    . THR C 2 41 ? -2.236  -7.697  -9.663  1.00 0.00  ? 41   THR A HG1    1 
ATOM   768  N N      . GLY C 2 42 ? 1.588   -4.280  -8.838  1.00 31.19 ? 42   GLY A N      1 
ATOM   769  C CA     . GLY C 2 42 ? 2.784   -3.887  -8.124  1.00 23.71 ? 42   GLY A CA     1 
ATOM   770  C C      . GLY C 2 42 ? 2.672   -4.271  -6.662  1.00 21.53 ? 42   GLY A C      1 
ATOM   771  O O      . GLY C 2 42 ? 1.605   -4.684  -6.166  1.00 19.38 ? 42   GLY A O      1 
ATOM   772  H H      . GLY C 2 42 ? 0.784   -3.750  -8.720  1.00 0.00  ? 42   GLY A H      1 
ATOM   773  N N      . ARG C 2 43 ? 3.788   -4.131  -5.960  1.00 18.62 ? 43   ARG A N      1 
ATOM   774  C CA     . ARG C 2 43 ? 3.848   -4.476  -4.545  1.00 19.97 ? 43   ARG A CA     1 
ATOM   775  C C      . ARG C 2 43 ? 4.560   -3.381  -3.770  1.00 16.35 ? 43   ARG A C      1 
ATOM   776  O O      . ARG C 2 43 ? 5.361   -2.629  -4.321  1.00 16.32 ? 43   ARG A O      1 
ATOM   777  C CB     . ARG C 2 43 ? 4.578   -5.817  -4.341  1.00 21.30 ? 43   ARG A CB     1 
ATOM   778  C CG     . ARG C 2 43 ? 3.774   -7.063  -4.726  1.00 22.98 ? 43   ARG A CG     1 
ATOM   779  C CD     . ARG C 2 43 ? 4.682   -8.286  -4.819  1.00 22.94 ? 43   ARG A CD     1 
ATOM   780  N NE     . ARG C 2 43 ? 5.757   -8.043  -5.780  1.00 24.81 ? 43   ARG A NE     1 
ATOM   781  C CZ     . ARG C 2 43 ? 6.782   -8.864  -6.003  1.00 27.57 ? 43   ARG A CZ     1 
ATOM   782  N NH1    . ARG C 2 43 ? 6.906   -9.999  -5.324  1.00 29.53 ? 43   ARG A NH1    1 
ATOM   783  N NH2    . ARG C 2 43 ? 7.645   -8.576  -6.962  1.00 27.02 ? 43   ARG A NH2    1 
ATOM   784  H H      . ARG C 2 43 ? 4.588   -3.780  -6.406  1.00 0.00  ? 43   ARG A H      1 
ATOM   785  H HE     . ARG C 2 43 ? 5.717   -7.217  -6.298  1.00 0.00  ? 43   ARG A HE     1 
ATOM   786  H HH11   . ARG C 2 43 ? 6.223   -10.221 -4.637  1.00 0.00  ? 43   ARG A HH11   1 
ATOM   787  H HH12   . ARG C 2 43 ? 7.676   -10.614 -5.496  1.00 0.00  ? 43   ARG A HH12   1 
ATOM   788  H HH21   . ARG C 2 43 ? 7.523   -7.748  -7.509  1.00 0.00  ? 43   ARG A HH21   1 
ATOM   789  H HH22   . ARG C 2 43 ? 8.419   -9.183  -7.142  1.00 0.00  ? 43   ARG A HH22   1 
ATOM   790  N N      . GLY C 2 44 ? 4.230   -3.274  -2.493  1.00 18.52 ? 44   GLY A N      1 
ATOM   791  C CA     . GLY C 2 44 ? 4.858   -2.261  -1.685  1.00 19.35 ? 44   GLY A CA     1 
ATOM   792  C C      . GLY C 2 44 ? 4.538   -2.475  -0.238  1.00 18.91 ? 44   GLY A C      1 
ATOM   793  O O      . GLY C 2 44 ? 3.662   -3.263  0.092   1.00 18.10 ? 44   GLY A O      1 
ATOM   794  H H      . GLY C 2 44 ? 3.571   -3.884  -2.101  1.00 0.00  ? 44   GLY A H      1 
ATOM   795  N N      . ALA C 2 45 ? 5.266   -1.765  0.623   1.00 21.42 ? 45   ALA A N      1 
ATOM   796  C CA     . ALA C 2 45 ? 5.079   -1.843  2.070   1.00 19.24 ? 45   ALA A CA     1 
ATOM   797  C C      . ALA C 2 45 ? 5.605   -0.570  2.741   1.00 19.57 ? 45   ALA A C      1 
ATOM   798  O O      . ALA C 2 45 ? 6.502   0.115   2.229   1.00 17.15 ? 45   ALA A O      1 
ATOM   799  C CB     . ALA C 2 45 ? 5.788   -3.057  2.641   1.00 22.69 ? 45   ALA A CB     1 
ATOM   800  H H      . ALA C 2 45 ? 5.960   -1.165  0.275   1.00 0.00  ? 45   ALA A H      1 
ATOM   801  N N      . VAL C 2 46 ? 4.983   -0.221  3.853   1.00 18.81 ? 46   VAL A N      1 
ATOM   802  C CA     . VAL C 2 46 ? 5.399   0.943   4.598   1.00 19.97 ? 46   VAL A CA     1 
ATOM   803  C C      . VAL C 2 46 ? 5.361   0.559   6.055   1.00 22.54 ? 46   VAL A C      1 
ATOM   804  O O      . VAL C 2 46 ? 4.796   -0.476  6.425   1.00 18.26 ? 46   VAL A O      1 
ATOM   805  C CB     . VAL C 2 46 ? 4.452   2.179   4.382   1.00 17.73 ? 46   VAL A CB     1 
ATOM   806  C CG1    . VAL C 2 46 ? 4.639   2.746   3.001   1.00 17.98 ? 46   VAL A CG1    1 
ATOM   807  C CG2    . VAL C 2 46 ? 2.980   1.795   4.617   1.00 14.43 ? 46   VAL A CG2    1 
ATOM   808  H H      . VAL C 2 46 ? 4.242   -0.763  4.188   1.00 0.00  ? 46   VAL A H      1 
ATOM   809  N N      . SER C 2 47 ? 6.002   1.393   6.869   1.00 25.22 ? 47   SER A N      1 
ATOM   810  C CA     . SER C 2 47 ? 6.017   1.231   8.312   1.00 28.65 ? 47   SER A CA     1 
ATOM   811  C C      . SER C 2 47 ? 4.610   1.665   8.787   1.00 29.58 ? 47   SER A C      1 
ATOM   812  O O      . SER C 2 47 ? 4.001   2.543   8.170   1.00 29.42 ? 47   SER A O      1 
ATOM   813  C CB     . SER C 2 47 ? 7.088   2.149   8.903   1.00 25.04 ? 47   SER A CB     1 
ATOM   814  O OG     . SER C 2 47 ? 7.195   1.946   10.290  1.00 33.50 ? 47   SER A OG     1 
ATOM   815  H H      . SER C 2 47 ? 6.419   2.168   6.487   1.00 0.00  ? 47   SER A H      1 
ATOM   816  H HG     . SER C 2 47 ? 7.861   2.540   10.647  1.00 0.00  ? 47   SER A HG     1 
ATOM   817  N N      . GLU C 2 48 ? 4.096   1.053   9.856   1.00 32.98 ? 48   GLU A N      1 
ATOM   818  C CA     . GLU C 2 48 ? 2.767   1.386   10.380  1.00 35.93 ? 48   GLU A CA     1 
ATOM   819  C C      . GLU C 2 48 ? 2.574   2.897   10.559  1.00 38.35 ? 48   GLU A C      1 
ATOM   820  O O      . GLU C 2 48 ? 1.566   3.461   10.112  1.00 33.41 ? 48   GLU A O      1 
ATOM   821  C CB     . GLU C 2 48 ? 2.524   0.684   11.721  1.00 39.05 ? 48   GLU A CB     1 
ATOM   822  C CG     . GLU C 2 48 ? 1.114   0.074   11.913  1.00 46.16 ? 48   GLU A CG     1 
ATOM   823  C CD     . GLU C 2 48 ? -0.024  1.095   12.136  1.00 50.42 ? 48   GLU A CD     1 
ATOM   824  O OE1    . GLU C 2 48 ? -0.073  2.134   11.447  1.00 51.95 ? 48   GLU A OE1    1 
ATOM   825  O OE2    . GLU C 2 48 ? -0.910  0.836   12.985  1.00 51.73 ? 48   GLU A OE2    1 
ATOM   826  H H      . GLU C 2 48 ? 4.624   0.357   10.303  1.00 0.00  ? 48   GLU A H      1 
ATOM   827  N N      . LYS C 2 49 ? 3.552   3.551   11.186  1.00 38.71 ? 49   LYS A N      1 
ATOM   828  C CA     . LYS C 2 49 ? 3.483   4.996   11.434  1.00 38.75 ? 49   LYS A CA     1 
ATOM   829  C C      . LYS C 2 49 ? 3.355   5.844   10.164  1.00 38.34 ? 49   LYS A C      1 
ATOM   830  O O      . LYS C 2 49 ? 2.821   6.950   10.215  1.00 41.88 ? 49   LYS A O      1 
ATOM   831  C CB     . LYS C 2 49 ? 4.699   5.466   12.251  1.00 35.27 ? 49   LYS A CB     1 
ATOM   832  C CG     . LYS C 2 49 ? 5.977   5.460   11.458  1.00 37.05 ? 49   LYS A CG     1 
ATOM   833  C CD     . LYS C 2 49 ? 7.170   5.922   12.249  1.00 35.73 ? 49   LYS A CD     1 
ATOM   834  C CE     . LYS C 2 49 ? 8.419   5.787   11.397  1.00 35.84 ? 49   LYS A CE     1 
ATOM   835  N NZ     . LYS C 2 49 ? 9.643   6.050   12.194  1.00 43.77 ? 49   LYS A NZ     1 
ATOM   836  H H      . LYS C 2 49 ? 4.336   3.044   11.487  1.00 0.00  ? 49   LYS A H      1 
ATOM   837  H HZ1    . LYS C 2 49 ? 9.580   7.004   12.605  1.00 0.00  ? 49   LYS A HZ1    1 
ATOM   838  H HZ2    . LYS C 2 49 ? 9.714   5.346   12.956  1.00 0.00  ? 49   LYS A HZ2    1 
ATOM   839  H HZ3    . LYS C 2 49 ? 10.479  5.988   11.581  1.00 0.00  ? 49   LYS A HZ3    1 
ATOM   840  N N      . ASP C 2 50 ? 3.834   5.328   9.033   1.00 36.74 ? 50   ASP A N      1 
ATOM   841  C CA     . ASP C 2 50 ? 3.775   6.054   7.763   1.00 35.69 ? 50   ASP A CA     1 
ATOM   842  C C      . ASP C 2 50 ? 2.524   5.772   6.923   1.00 34.85 ? 50   ASP A C      1 
ATOM   843  O O      . ASP C 2 50 ? 2.377   6.304   5.827   1.00 36.57 ? 50   ASP A O      1 
ATOM   844  C CB     . ASP C 2 50 ? 5.023   5.751   6.924   1.00 35.59 ? 50   ASP A CB     1 
ATOM   845  C CG     . ASP C 2 50 ? 6.311   6.186   7.601   1.00 39.81 ? 50   ASP A CG     1 
ATOM   846  O OD1    . ASP C 2 50 ? 6.324   7.258   8.239   1.00 40.10 ? 50   ASP A OD1    1 
ATOM   847  O OD2    . ASP C 2 50 ? 7.317   5.453   7.495   1.00 39.52 ? 50   ASP A OD2    1 
ATOM   848  H H      . ASP C 2 50 ? 4.239   4.438   9.055   1.00 0.00  ? 50   ASP A H      1 
ATOM   849  N N      . ALA C 2 51 ? 1.626   4.937   7.424   1.00 34.11 ? 51   ALA A N      1 
ATOM   850  C CA     . ALA C 2 51 ? 0.424   4.603   6.665   1.00 32.54 ? 51   ALA A CA     1 
ATOM   851  C C      . ALA C 2 51 ? -0.695  5.621   6.827   1.00 33.47 ? 51   ALA A C      1 
ATOM   852  O O      . ALA C 2 51 ? -1.089  5.943   7.956   1.00 33.85 ? 51   ALA A O      1 
ATOM   853  C CB     . ALA C 2 51 ? -0.083  3.220   7.057   1.00 27.05 ? 51   ALA A CB     1 
ATOM   854  H H      . ALA C 2 51 ? 1.770   4.546   8.310   1.00 0.00  ? 51   ALA A H      1 
ATOM   855  N N      . PRO C 2 52 ? -1.191  6.177   5.703   1.00 33.72 ? 52   PRO A N      1 
ATOM   856  C CA     . PRO C 2 52 ? -2.279  7.159   5.702   1.00 32.56 ? 52   PRO A CA     1 
ATOM   857  C C      . PRO C 2 52 ? -3.496  6.497   6.342   1.00 33.49 ? 52   PRO A C      1 
ATOM   858  O O      . PRO C 2 52 ? -3.662  5.281   6.258   1.00 33.72 ? 52   PRO A O      1 
ATOM   859  C CB     . PRO C 2 52 ? -2.505  7.401   4.213   1.00 32.89 ? 52   PRO A CB     1 
ATOM   860  C CG     . PRO C 2 52 ? -1.147  7.289   3.664   1.00 32.60 ? 52   PRO A CG     1 
ATOM   861  C CD     . PRO C 2 52 ? -0.629  6.040   4.349   1.00 33.23 ? 52   PRO A CD     1 
ATOM   862  N N      . LYS C 2 53 ? -4.337  7.290   6.993   1.00 34.79 ? 53   LYS A N      1 
ATOM   863  C CA     . LYS C 2 53 ? -5.522  6.770   7.665   1.00 36.92 ? 53   LYS A CA     1 
ATOM   864  C C      . LYS C 2 53 ? -6.428  5.967   6.725   1.00 38.01 ? 53   LYS A C      1 
ATOM   865  O O      . LYS C 2 53 ? -7.033  4.964   7.122   1.00 37.75 ? 53   LYS A O      1 
ATOM   866  C CB     . LYS C 2 53 ? -6.260  7.947   8.318   1.00 41.92 ? 53   LYS A CB     1 
ATOM   867  C CG     . LYS C 2 53 ? -7.777  7.899   8.326   1.00 45.63 ? 53   LYS A CG     1 
ATOM   868  C CD     . LYS C 2 53 ? -8.344  9.151   8.995   1.00 48.92 ? 53   LYS A CD     1 
ATOM   869  C CE     . LYS C 2 53 ? -7.732  10.448  8.433   1.00 51.62 ? 53   LYS A CE     1 
ATOM   870  N NZ     . LYS C 2 53 ? -8.017  10.713  6.990   1.00 52.31 ? 53   LYS A NZ     1 
ATOM   871  H H      . LYS C 2 53 ? -4.160  8.254   7.019   1.00 0.00  ? 53   LYS A H      1 
ATOM   872  H HZ1    . LYS C 2 53 ? -7.646  9.931   6.416   1.00 0.00  ? 53   LYS A HZ1    1 
ATOM   873  H HZ2    . LYS C 2 53 ? -9.043  10.792  6.845   1.00 0.00  ? 53   LYS A HZ2    1 
ATOM   874  H HZ3    . LYS C 2 53 ? -7.557  11.602  6.708   1.00 0.00  ? 53   LYS A HZ3    1 
ATOM   875  N N      . GLU C 2 54 ? -6.403  6.345   5.453   1.00 36.43 ? 54   GLU A N      1 
ATOM   876  C CA     . GLU C 2 54 ? -7.219  5.717   4.425   1.00 38.69 ? 54   GLU A CA     1 
ATOM   877  C C      . GLU C 2 54 ? -6.729  4.309   4.100   1.00 36.34 ? 54   GLU A C      1 
ATOM   878  O O      . GLU C 2 54 ? -7.533  3.428   3.803   1.00 33.65 ? 54   GLU A O      1 
ATOM   879  C CB     . GLU C 2 54 ? -7.234  6.587   3.164   1.00 44.71 ? 54   GLU A CB     1 
ATOM   880  C CG     . GLU C 2 54 ? -7.444  8.089   3.428   1.00 51.05 ? 54   GLU A CG     1 
ATOM   881  C CD     . GLU C 2 54 ? -6.222  8.785   4.038   1.00 53.27 ? 54   GLU A CD     1 
ATOM   882  O OE1    . GLU C 2 54 ? -5.249  9.043   3.305   1.00 55.77 ? 54   GLU A OE1    1 
ATOM   883  O OE2    . GLU C 2 54 ? -6.230  9.073   5.256   1.00 56.22 ? 54   GLU A OE2    1 
ATOM   884  H H      . GLU C 2 54 ? -5.741  7.014   5.217   1.00 0.00  ? 54   GLU A H      1 
ATOM   885  N N      . LEU C 2 55 ? -5.412  4.109   4.152   1.00 34.38 ? 55   LEU A N      1 
ATOM   886  C CA     . LEU C 2 55 ? -4.805  2.800   3.890   1.00 32.39 ? 55   LEU A CA     1 
ATOM   887  C C      . LEU C 2 55 ? -5.113  1.892   5.065   1.00 30.93 ? 55   LEU A C      1 
ATOM   888  O O      . LEU C 2 55 ? -5.337  0.697   4.893   1.00 32.01 ? 55   LEU A O      1 
ATOM   889  C CB     . LEU C 2 55 ? -3.283  2.926   3.704   1.00 31.80 ? 55   LEU A CB     1 
ATOM   890  C CG     . LEU C 2 55 ? -2.481  1.699   3.242   1.00 32.10 ? 55   LEU A CG     1 
ATOM   891  C CD1    . LEU C 2 55 ? -3.042  1.171   1.920   1.00 32.93 ? 55   LEU A CD1    1 
ATOM   892  C CD2    . LEU C 2 55 ? -1.011  2.060   3.084   1.00 31.12 ? 55   LEU A CD2    1 
ATOM   893  H H      . LEU C 2 55 ? -4.833  4.867   4.375   1.00 0.00  ? 55   LEU A H      1 
ATOM   894  N N      . LEU C 2 56 ? -5.173  2.481   6.255   1.00 31.50 ? 56   LEU A N      1 
ATOM   895  C CA     . LEU C 2 56 ? -5.477  1.732   7.470   1.00 36.55 ? 56   LEU A CA     1 
ATOM   896  C C      . LEU C 2 56 ? -6.955  1.297   7.556   1.00 38.24 ? 56   LEU A C      1 
ATOM   897  O O      . LEU C 2 56 ? -7.278  0.257   8.154   1.00 37.87 ? 56   LEU A O      1 
ATOM   898  C CB     . LEU C 2 56 ? -5.062  2.549   8.699   1.00 37.41 ? 56   LEU A CB     1 
ATOM   899  C CG     . LEU C 2 56 ? -3.544  2.713   8.816   1.00 37.12 ? 56   LEU A CG     1 
ATOM   900  C CD1    . LEU C 2 56 ? -3.191  3.926   9.643   1.00 41.55 ? 56   LEU A CD1    1 
ATOM   901  C CD2    . LEU C 2 56 ? -2.952  1.463   9.423   1.00 37.83 ? 56   LEU A CD2    1 
ATOM   902  H H      . LEU C 2 56 ? -5.009  3.444   6.320   1.00 0.00  ? 56   LEU A H      1 
ATOM   903  N N      . GLN C 2 57 ? -7.839  2.092   6.951   1.00 39.26 ? 57   GLN A N      1 
ATOM   904  C CA     . GLN C 2 57 ? -9.272  1.793   6.916   1.00 39.49 ? 57   GLN A CA     1 
ATOM   905  C C      . GLN C 2 57 ? -9.545  0.640   5.941   1.00 40.55 ? 57   GLN A C      1 
ATOM   906  O O      . GLN C 2 57 ? -10.456 -0.164  6.147   1.00 41.18 ? 57   GLN A O      1 
ATOM   907  C CB     . GLN C 2 57 ? -10.053 3.040   6.501   1.00 43.49 ? 57   GLN A CB     1 
ATOM   908  C CG     . GLN C 2 57 ? -9.971  4.162   7.525   1.00 49.44 ? 57   GLN A CG     1 
ATOM   909  C CD     . GLN C 2 57 ? -10.769 5.387   7.132   1.00 55.31 ? 57   GLN A CD     1 
ATOM   910  O OE1    . GLN C 2 57 ? -11.969 5.469   7.397   1.00 60.48 ? 57   GLN A OE1    1 
ATOM   911  N NE2    . GLN C 2 57 ? -10.104 6.359   6.515   1.00 55.76 ? 57   GLN A NE2    1 
ATOM   912  H H      . GLN C 2 57 ? -7.517  2.904   6.511   1.00 0.00  ? 57   GLN A H      1 
ATOM   913  H HE21   . GLN C 2 57 ? -10.611 7.145   6.230   1.00 0.00  ? 57   GLN A HE21   1 
ATOM   914  H HE22   . GLN C 2 57 ? -9.146  6.246   6.361   1.00 0.00  ? 57   GLN A HE22   1 
ATOM   915  N N      . MET C 2 58 ? -8.746  0.572   4.877   1.00 40.45 ? 58   MET A N      1 
ATOM   916  C CA     . MET C 2 58 ? -8.850  -0.490  3.881   1.00 38.52 ? 58   MET A CA     1 
ATOM   917  C C      . MET C 2 58 ? -8.367  -1.786  4.506   1.00 39.48 ? 58   MET A C      1 
ATOM   918  O O      . MET C 2 58 ? -8.890  -2.855  4.222   1.00 37.60 ? 58   MET A O      1 
ATOM   919  C CB     . MET C 2 58 ? -7.981  -0.167  2.672   1.00 37.10 ? 58   MET A CB     1 
ATOM   920  C CG     . MET C 2 58 ? -8.569  0.863   1.749   1.00 41.25 ? 58   MET A CG     1 
ATOM   921  S SD     . MET C 2 58 ? -7.462  1.241   0.394   1.00 48.83 ? 58   MET A SD     1 
ATOM   922  C CE     . MET C 2 58 ? -7.308  -0.387  -0.336  1.00 45.94 ? 58   MET A CE     1 
ATOM   923  H H      . MET C 2 58 ? -8.062  1.263   4.755   1.00 0.00  ? 58   MET A H      1 
ATOM   924  N N      . LEU C 2 59 ? -7.357  -1.684  5.362   1.00 43.35 ? 59   LEU A N      1 
ATOM   925  C CA     . LEU C 2 59 ? -6.817  -2.861  6.035   1.00 47.74 ? 59   LEU A CA     1 
ATOM   926  C C      . LEU C 2 59 ? -7.877  -3.475  6.947   1.00 51.12 ? 59   LEU A C      1 
ATOM   927  O O      . LEU C 2 59 ? -8.296  -4.615  6.744   1.00 50.16 ? 59   LEU A O      1 
ATOM   928  C CB     . LEU C 2 59 ? -5.562  -2.491  6.850   1.00 44.33 ? 59   LEU A CB     1 
ATOM   929  C CG     . LEU C 2 59 ? -4.962  -3.547  7.789   1.00 39.52 ? 59   LEU A CG     1 
ATOM   930  C CD1    . LEU C 2 59 ? -4.543  -4.762  7.008   1.00 35.86 ? 59   LEU A CD1    1 
ATOM   931  C CD2    . LEU C 2 59 ? -3.781  -2.969  8.529   1.00 38.39 ? 59   LEU A CD2    1 
ATOM   932  H H      . LEU C 2 59 ? -6.964  -0.804  5.542   1.00 0.00  ? 59   LEU A H      1 
ATOM   933  N N      . GLU C 2 60 ? -8.343  -2.685  7.913   1.00 56.63 ? 60   GLU A N      1 
ATOM   934  C CA     . GLU C 2 60 ? -9.336  -3.137  8.884   1.00 59.69 ? 60   GLU A CA     1 
ATOM   935  C C      . GLU C 2 60 ? -10.614 -3.638  8.223   1.00 59.71 ? 60   GLU A C      1 
ATOM   936  O O      . GLU C 2 60 ? -11.258 -4.556  8.733   1.00 58.57 ? 60   GLU A O      1 
ATOM   937  C CB     . GLU C 2 60 ? -9.617  -2.024  9.902   1.00 62.76 ? 60   GLU A CB     1 
ATOM   938  C CG     . GLU C 2 60 ? -8.366  -1.603  10.680  1.00 70.47 ? 60   GLU A CG     1 
ATOM   939  C CD     . GLU C 2 60 ? -8.532  -0.300  11.465  1.00 75.82 ? 60   GLU A CD     1 
ATOM   940  O OE1    . GLU C 2 60 ? -8.784  -0.369  12.690  1.00 79.62 ? 60   GLU A OE1    1 
ATOM   941  O OE2    . GLU C 2 60 ? -8.385  0.793   10.871  1.00 76.97 ? 60   GLU A OE2    1 
ATOM   942  H H      . GLU C 2 60 ? -8.008  -1.766  7.968   1.00 0.00  ? 60   GLU A H      1 
ATOM   943  N N      . LYS C 2 61 ? -10.955 -3.068  7.068   1.00 60.81 ? 61   LYS A N      1 
ATOM   944  C CA     . LYS C 2 61 ? -12.148 -3.487  6.336   1.00 62.38 ? 61   LYS A CA     1 
ATOM   945  C C      . LYS C 2 61 ? -11.893 -4.760  5.525   1.00 62.98 ? 61   LYS A C      1 
ATOM   946  O O      . LYS C 2 61 ? -12.830 -5.434  5.090   1.00 61.19 ? 61   LYS A O      1 
ATOM   947  C CB     . LYS C 2 61 ? -12.669 -2.349  5.454   1.00 63.08 ? 61   LYS A CB     1 
ATOM   948  C CG     . LYS C 2 61 ? -13.221 -1.190  6.281   1.00 65.95 ? 61   LYS A CG     1 
ATOM   949  C CD     . LYS C 2 61 ? -14.014 -0.183  5.457   1.00 64.80 ? 61   LYS A CD     1 
ATOM   950  C CE     . LYS C 2 61 ? -14.715 0.816   6.370   1.00 64.34 ? 61   LYS A CE     1 
ATOM   951  N NZ     . LYS C 2 61 ? -15.587 0.140   7.389   1.00 61.61 ? 61   LYS A NZ     1 
ATOM   952  H H      . LYS C 2 61 ? -10.397 -2.351  6.701   1.00 0.00  ? 61   LYS A H      1 
ATOM   953  H HZ1    . LYS C 2 61 ? -16.316 -0.419  6.902   1.00 0.00  ? 61   LYS A HZ1    1 
ATOM   954  H HZ2    . LYS C 2 61 ? -15.011 -0.483  7.988   1.00 0.00  ? 61   LYS A HZ2    1 
ATOM   955  H HZ3    . LYS C 2 61 ? -16.045 0.862   7.982   1.00 0.00  ? 61   LYS A HZ3    1 
ATOM   956  N N      . GLN C 2 62 ? -10.609 -5.067  5.332   1.00 64.73 ? 62   GLN A N      1 
ATOM   957  C CA     . GLN C 2 62 ? -10.169 -6.265  4.622   1.00 65.20 ? 62   GLN A CA     1 
ATOM   958  C C      . GLN C 2 62 ? -9.640  -7.284  5.643   1.00 65.41 ? 62   GLN A C      1 
ATOM   959  O O      . GLN C 2 62 ? -10.390 -8.133  6.130   1.00 65.11 ? 62   GLN A O      1 
ATOM   960  C CB     . GLN C 2 62 ? -9.063  -5.928  3.618   1.00 66.46 ? 62   GLN A CB     1 
ATOM   961  C CG     . GLN C 2 62 ? -9.503  -5.114  2.411   1.00 67.65 ? 62   GLN A CG     1 
ATOM   962  C CD     . GLN C 2 62 ? -8.396  -4.977  1.383   1.00 68.62 ? 62   GLN A CD     1 
ATOM   963  O OE1    . GLN C 2 62 ? -8.101  -3.881  0.906   1.00 68.39 ? 62   GLN A OE1    1 
ATOM   964  N NE2    . GLN C 2 62 ? -7.770  -6.097  1.039   1.00 71.09 ? 62   GLN A NE2    1 
ATOM   965  H H      . GLN C 2 62 ? -9.936  -4.445  5.665   1.00 0.00  ? 62   GLN A H      1 
ATOM   966  H HE21   . GLN C 2 62 ? -7.057  -6.035  0.374   1.00 0.00  ? 62   GLN A HE21   1 
ATOM   967  H HE22   . GLN C 2 62 ? -8.046  -6.939  1.458   1.00 0.00  ? 62   GLN A HE22   1 
ATOM   968  N N      . LYS C 2 63 ? -8.359  -7.158  5.992   1.00 65.72 ? 63   LYS A N      1 
ATOM   969  C CA     . LYS C 2 63 ? -7.703  -8.051  6.949   1.00 66.15 ? 63   LYS A CA     1 
ATOM   970  C C      . LYS C 2 63 ? -7.746  -9.489  6.429   1.00 66.40 ? 63   LYS A C      1 
ATOM   971  O O      . LYS C 2 63 ? -8.171  -10.413 7.127   1.00 66.43 ? 63   LYS A O      1 
ATOM   972  C CB     . LYS C 2 63 ? -8.367  -7.939  8.329   1.00 66.32 ? 63   LYS A CB     1 
ATOM   973  C CG     . LYS C 2 63 ? -7.560  -8.531  9.472   1.00 66.62 ? 63   LYS A CG     1 
ATOM   974  C CD     . LYS C 2 63 ? -8.185  -8.193  10.817  1.00 67.07 ? 63   LYS A CD     1 
ATOM   975  C CE     . LYS C 2 63 ? -7.316  -8.677  11.968  1.00 67.64 ? 63   LYS A CE     1 
ATOM   976  N NZ     . LYS C 2 63 ? -7.833  -8.230  13.293  1.00 67.72 ? 63   LYS A NZ     1 
ATOM   977  H H      . LYS C 2 63 ? -7.817  -6.433  5.620   1.00 0.00  ? 63   LYS A H      1 
ATOM   978  H HZ1    . LYS C 2 63 ? -8.793  -8.601  13.434  1.00 0.00  ? 63   LYS A HZ1    1 
ATOM   979  H HZ2    . LYS C 2 63 ? -7.208  -8.584  14.045  1.00 0.00  ? 63   LYS A HZ2    1 
ATOM   980  H HZ3    . LYS C 2 63 ? -7.855  -7.190  13.321  1.00 0.00  ? 63   LYS A HZ3    1 
ATOM   981  N N      . LYS C 2 64 ? -7.308  -9.658  5.184   1.00 66.43 ? 64   LYS A N      1 
ATOM   982  C CA     . LYS C 2 64 ? -7.293  -10.962 4.524   1.00 66.12 ? 64   LYS A CA     1 
ATOM   983  C C      . LYS C 2 64 ? -5.923  -11.251 3.905   1.00 66.06 ? 64   LYS A C      1 
ATOM   984  O O      . LYS C 2 64 ? -5.030  -10.378 3.993   1.00 65.43 ? 64   LYS A O      1 
ATOM   985  C CB     . LYS C 2 64 ? -8.369  -11.005 3.432   1.00 65.86 ? 64   LYS A CB     1 
ATOM   986  C CG     . LYS C 2 64 ? -9.770  -10.662 3.915   1.00 65.58 ? 64   LYS A CG     1 
ATOM   987  C CD     . LYS C 2 64 ? -10.729 -10.476 2.752   1.00 64.81 ? 64   LYS A CD     1 
ATOM   988  C CE     . LYS C 2 64 ? -12.095 -10.025 3.238   1.00 64.23 ? 64   LYS A CE     1 
ATOM   989  N NZ     . LYS C 2 64 ? -13.035 -9.804  2.107   1.00 64.85 ? 64   LYS A NZ     1 
ATOM   990  O OXT    . LYS C 2 64 ? -5.760  -12.349 3.328   1.00 65.73 ? 64   LYS A OXT    1 
ATOM   991  H H      . LYS C 2 64 ? -6.976  -8.881  4.689   1.00 0.00  ? 64   LYS A H      1 
ATOM   992  H HZ1    . LYS C 2 64 ? -12.652 -9.071  1.476   1.00 0.00  ? 64   LYS A HZ1    1 
ATOM   993  H HZ2    . LYS C 2 64 ? -13.156 -10.689 1.575   1.00 0.00  ? 64   LYS A HZ2    1 
ATOM   994  H HZ3    . LYS C 2 64 ? -13.956 -9.494  2.477   1.00 0.00  ? 64   LYS A HZ3    1 
HETATM 995  O O      . HOH D 3 .  ? 4.009   -8.965  -1.735  1.00 27.85 ? 1006 HOH B O      1 
HETATM 996  O O      . HOH D 3 .  ? 4.522   -16.660 6.831   1.00 71.73 ? 1017 HOH B O      1 
HETATM 997  O O      . HOH D 3 .  ? -3.604  -11.533 -5.652  1.00 62.82 ? 1020 HOH B O      1 
HETATM 998  O O      . HOH D 3 .  ? 3.614   -17.231 -5.483  1.00 69.74 ? 1023 HOH B O      1 
HETATM 999  O O      . HOH D 3 .  ? 8.263   -24.957 15.369  1.00 63.52 ? 1030 HOH B O      1 
HETATM 1000 O O      . HOH D 3 .  ? 12.487  -23.071 8.007   1.00 64.35 ? 1038 HOH B O      1 
HETATM 1001 O O      . HOH D 3 .  ? 16.135  -21.800 11.468  1.00 47.53 ? 1089 HOH B O      1 
HETATM 1002 O O      . HOH D 3 .  ? -0.712  -10.442 -10.881 1.00 43.43 ? 1093 HOH B O      1 
HETATM 1003 O O      . HOH D 3 .  ? 1.769   -15.218 -6.081  1.00 51.47 ? 1094 HOH B O      1 
HETATM 1004 O O      . HOH D 3 .  ? 13.985  -20.332 13.926  1.00 38.00 ? 1107 HOH B O      1 
HETATM 1005 O O      . HOH D 3 .  ? 18.258  -8.534  8.277   1.00 65.90 ? 1129 HOH B O      1 
HETATM 1006 O O      . HOH D 3 .  ? 9.316   -11.357 13.686  1.00 45.89 ? 1130 HOH B O      1 
HETATM 1007 O O      . HOH D 3 .  ? -2.526  -16.830 7.467   1.00 61.62 ? 1143 HOH B O      1 
HETATM 1008 O O      . HOH D 3 .  ? 10.112  -31.120 17.865  1.00 51.50 ? 1176 HOH B O      1 
HETATM 1009 O O      . HOH D 3 .  ? 14.747  -12.175 5.362   1.00 75.73 ? 1180 HOH B O      1 
HETATM 1010 O O      . HOH D 3 .  ? 8.683   -23.855 9.500   1.00 55.68 ? 2055 HOH B O      1 
HETATM 1011 O O      . HOH D 3 .  ? -7.037  -11.875 -3.630  1.00 59.16 ? 2097 HOH B O      1 
HETATM 1012 O O      . HOH D 3 .  ? 9.623   -20.927 9.153   1.00 74.22 ? 2110 HOH B O      1 
HETATM 1013 O O      . HOH D 3 .  ? 1.064   -17.905 6.089   1.00 52.06 ? 2152 HOH B O      1 
HETATM 1014 O O      . HOH D 3 .  ? -3.274  -10.943 7.075   1.00 49.34 ? 2164 HOH B O      1 
HETATM 1015 O O      . HOH D 3 .  ? 15.868  -25.163 21.785  1.00 65.15 ? 2165 HOH B O      1 
HETATM 1016 O O      . HOH D 3 .  ? -0.157  -16.286 3.541   1.00 37.48 ? 2169 HOH B O      1 
HETATM 1017 O O      . HOH D 3 .  ? 19.817  -13.249 10.020  1.00 64.49 ? 2172 HOH B O      1 
HETATM 1018 O O      . HOH D 3 .  ? 17.359  -21.903 8.722   1.00 48.30 ? 2173 HOH B O      1 
HETATM 1019 O O      . HOH D 3 .  ? 5.417   -11.633 13.619  1.00 63.44 ? 2177 HOH B O      1 
HETATM 1020 O O      . HOH D 3 .  ? 1.184   -8.764  -12.237 1.00 46.57 ? 3032 HOH B O      1 
HETATM 1021 O O      . HOH D 3 .  ? 9.890   -15.272 6.525   1.00 64.67 ? 3099 HOH B O      1 
HETATM 1022 O O      . HOH D 3 .  ? -3.826  -13.999 8.273   1.00 74.24 ? 3108 HOH B O      1 
HETATM 1023 O O      . HOH D 3 .  ? 7.386   -20.850 7.163   1.00 45.80 ? 4037 HOH B O      1 
HETATM 1024 O O      . HOH D 3 .  ? 12.340  -24.002 11.769  1.00 57.46 ? 4064 HOH B O      1 
HETATM 1025 O O      . HOH D 3 .  ? 10.738  -21.566 5.574   1.00 53.92 ? 4123 HOH B O      1 
HETATM 1026 O O      . HOH D 3 .  ? 7.169   -9.887  12.457  1.00 51.42 ? 4172 HOH B O      1 
HETATM 1027 O O      . HOH E 3 .  ? 12.865  4.139   10.155  1.00 72.46 ? 1047 HOH C O      1 
HETATM 1028 O O      . HOH E 3 .  ? 11.558  0.129   18.882  1.00 54.81 ? 1076 HOH C O      1 
HETATM 1029 O O      . HOH E 3 .  ? 13.910  -1.106  10.408  1.00 57.17 ? 1100 HOH C O      1 
HETATM 1030 O O      . HOH E 3 .  ? 8.059   -6.023  11.473  1.00 26.23 ? 1105 HOH C O      1 
HETATM 1031 O O      . HOH E 3 .  ? 13.461  -0.992  0.349   1.00 59.73 ? 1141 HOH C O      1 
HETATM 1032 O O      . HOH E 3 .  ? 11.489  -12.483 4.309   1.00 38.33 ? 1154 HOH C O      1 
HETATM 1033 O O      . HOH E 3 .  ? 12.101  -20.315 -0.329  1.00 57.91 ? 2012 HOH C O      1 
HETATM 1034 O O      . HOH E 3 .  ? 10.516  -10.401 -5.493  1.00 48.11 ? 2066 HOH C O      1 
HETATM 1035 O O      . HOH E 3 .  ? 6.342   -24.083 -6.768  1.00 57.04 ? 2095 HOH C O      1 
HETATM 1036 O O      . HOH E 3 .  ? 9.457   -7.901  14.022  1.00 53.98 ? 2102 HOH C O      1 
HETATM 1037 O O      . HOH E 3 .  ? 13.788  0.727   6.802   1.00 48.45 ? 2151 HOH C O      1 
HETATM 1038 O O      . HOH E 3 .  ? 5.182   -19.069 -3.458  1.00 71.63 ? 2156 HOH C O      1 
HETATM 1039 O O      . HOH E 3 .  ? 20.614  -9.027  -3.005  1.00 58.85 ? 3139 HOH C O      1 
HETATM 1040 O O      . HOH E 3 .  ? 11.006  -2.359  20.563  1.00 59.92 ? 3151 HOH C O      1 
HETATM 1041 O O      . HOH E 3 .  ? 5.581   -6.133  -0.100  1.00 36.58 ? 3171 HOH C O      1 
HETATM 1042 O O      . HOH E 3 .  ? 18.953  -19.049 -3.918  1.00 57.61 ? 4120 HOH C O      1 
HETATM 1043 O O      . HOH E 3 .  ? 11.022  2.913   12.729  1.00 60.22 ? 4140 HOH C O      1 
HETATM 1044 O O      . HOH F 3 .  ? 8.698   1.578   2.375   1.00 23.80 ? 1001 HOH A O      1 
HETATM 1045 O O      . HOH F 3 .  ? -13.429 4.166   4.101   1.00 71.23 ? 1016 HOH A O      1 
HETATM 1046 O O      . HOH F 3 .  ? -13.157 -33.271 31.816  1.00 56.11 ? 1026 HOH A O      1 
HETATM 1047 O O      . HOH F 3 .  ? -6.054  -0.737  15.147  1.00 72.78 ? 1045 HOH A O      1 
HETATM 1048 O O      . HOH F 3 .  ? -5.323  -0.837  12.481  1.00 75.13 ? 1068 HOH A O      1 
HETATM 1049 O O      . HOH F 3 .  ? -11.593 7.587   9.901   1.00 67.22 ? 1097 HOH A O      1 
HETATM 1050 O O      . HOH F 3 .  ? -15.386 -2.620  8.237   1.00 50.50 ? 1101 HOH A O      1 
HETATM 1051 O O      . HOH F 3 .  ? -7.428  4.656   10.167  1.00 55.57 ? 1104 HOH A O      1 
HETATM 1052 O O      . HOH F 3 .  ? -3.278  -8.528  -5.630  1.00 56.16 ? 1118 HOH A O      1 
HETATM 1053 O O      . HOH F 3 .  ? 10.411  8.066   -8.837  1.00 54.13 ? 1126 HOH A O      1 
HETATM 1054 O O      . HOH F 3 .  ? 6.608   -5.684  -7.544  1.00 36.19 ? 1131 HOH A O      1 
HETATM 1055 O O      . HOH F 3 .  ? 6.813   8.868   3.792   1.00 53.83 ? 1137 HOH A O      1 
HETATM 1056 O O      . HOH F 3 .  ? -6.496  -8.494  -5.154  1.00 56.46 ? 1144 HOH A O      1 
HETATM 1057 O O      . HOH F 3 .  ? -9.764  9.957   4.694   1.00 57.53 ? 1147 HOH A O      1 
HETATM 1058 O O      . HOH F 3 .  ? -12.891 0.732   2.189   1.00 86.51 ? 1149 HOH A O      1 
HETATM 1059 O O      . HOH F 3 .  ? -3.400  -8.484  8.202   1.00 40.89 ? 1166 HOH A O      1 
HETATM 1060 O O      . HOH F 3 .  ? -8.501  -7.957  -3.380  1.00 43.15 ? 2046 HOH A O      1 
HETATM 1061 O O      . HOH F 3 .  ? -1.385  -0.904  17.431  1.00 59.29 ? 2049 HOH A O      1 
HETATM 1062 O O      . HOH F 3 .  ? -3.104  10.744  6.428   1.00 55.98 ? 2058 HOH A O      1 
HETATM 1063 O O      . HOH F 3 .  ? -8.014  -2.828  16.249  1.00 52.58 ? 2071 HOH A O      1 
HETATM 1064 O O      . HOH F 3 .  ? 7.915   12.159  -0.293  1.00 74.16 ? 2075 HOH A O      1 
HETATM 1065 O O      . HOH F 3 .  ? -13.378 -4.879  29.538  1.00 79.55 ? 2079 HOH A O      1 
HETATM 1066 O O      . HOH F 3 .  ? 3.504   6.615   3.221   1.00 40.93 ? 2088 HOH A O      1 
HETATM 1067 O O      . HOH F 3 .  ? 11.176  -7.671  -7.701  1.00 58.55 ? 2094 HOH A O      1 
HETATM 1068 O O      . HOH F 3 .  ? -6.581  -4.655  11.211  1.00 51.56 ? 2101 HOH A O      1 
HETATM 1069 O O      . HOH F 3 .  ? -7.521  -7.009  -9.875  1.00 48.64 ? 2112 HOH A O      1 
HETATM 1070 O O      . HOH F 3 .  ? 3.855   -4.112  -19.430 1.00 71.49 ? 2148 HOH A O      1 
HETATM 1071 O O      . HOH F 3 .  ? 6.541   -4.384  20.024  1.00 59.10 ? 2167 HOH A O      1 
HETATM 1072 O O      . HOH F 3 .  ? 7.395   9.545   10.346  1.00 64.43 ? 3031 HOH A O      1 
HETATM 1073 O O      . HOH F 3 .  ? -9.091  -2.111  -2.474  1.00 44.20 ? 3068 HOH A O      1 
HETATM 1074 O O      . HOH F 3 .  ? -7.957  -8.960  0.666   1.00 58.92 ? 3095 HOH A O      1 
HETATM 1075 O O      . HOH F 3 .  ? -7.456  1.031   17.006  1.00 53.37 ? 3097 HOH A O      1 
HETATM 1076 O O      . HOH F 3 .  ? 6.025   1.220   12.832  1.00 64.44 ? 3125 HOH A O      1 
HETATM 1077 O O      . HOH F 3 .  ? 1.102   -4.900  14.772  1.00 44.08 ? 3126 HOH A O      1 
HETATM 1078 O O      . HOH F 3 .  ? -0.527  5.463   10.589  1.00 50.19 ? 3131 HOH A O      1 
HETATM 1079 O O      . HOH F 3 .  ? -6.015  -10.073 -8.623  1.00 52.47 ? 3142 HOH A O      1 
HETATM 1080 O O      . HOH F 3 .  ? -8.105  -7.894  -12.657 1.00 44.59 ? 3146 HOH A O      1 
HETATM 1081 O O      . HOH F 3 .  ? 3.049   -0.949  -21.232 1.00 64.87 ? 3163 HOH A O      1 
HETATM 1082 O O      . HOH F 3 .  ? 7.314   -7.259  -2.395  1.00 31.29 ? 3172 HOH A O      1 
HETATM 1083 O O      . HOH F 3 .  ? 2.939   -6.575  -1.276  1.00 52.61 ? 3173 HOH A O      1 
HETATM 1084 O O      . HOH F 3 .  ? 9.189   7.975   8.510   1.00 80.06 ? 4024 HOH A O      1 
HETATM 1085 O O      . HOH F 3 .  ? 7.662   3.184   5.852   1.00 33.58 ? 4028 HOH A O      1 
HETATM 1086 O O      . HOH F 3 .  ? -1.607  3.849   12.863  1.00 47.50 ? 4040 HOH A O      1 
HETATM 1087 O O      . HOH F 3 .  ? -10.947 9.020   7.203   1.00 59.39 ? 4056 HOH A O      1 
HETATM 1088 O O      . HOH F 3 .  ? -10.761 -6.055  -0.906  1.00 57.99 ? 4065 HOH A O      1 
HETATM 1089 O O      . HOH F 3 .  ? 4.720   4.472   -7.841  1.00 81.09 ? 4072 HOH A O      1 
HETATM 1090 O O      . HOH F 3 .  ? -12.523 -1.688  21.142  1.00 79.30 ? 4105 HOH A O      1 
HETATM 1091 O O      . HOH F 3 .  ? -15.189 -12.131 4.387   1.00 80.30 ? 4113 HOH A O      1 
HETATM 1092 O O      . HOH F 3 .  ? -25.538 -10.033 35.616  1.00 62.06 ? 4142 HOH A O      1 
HETATM 1093 O O      . HOH F 3 .  ? -7.174  -10.804 -11.907 1.00 68.13 ? 4148 HOH A O      1 
# 
